data_4TNP
#
_entry.id   4TNP
#
_cell.length_a   81.507
_cell.length_b   140.753
_cell.length_c   97.490
_cell.angle_alpha   90.000
_cell.angle_beta   114.790
_cell.angle_gamma   90.000
#
_symmetry.space_group_name_H-M   'P 1 21 1'
#
loop_
_entity.id
_entity.type
_entity.pdbx_description
1 polymer 'Deoxynucleoside triphosphate triphosphohydrolase SAMHD1'
2 non-polymer "2'-DEOXYCYTIDINE-5'-TRIPHOSPHATE"
3 non-polymer "GUANOSINE-5'-TRIPHOSPHATE"
4 non-polymer 'MAGNESIUM ION'
5 water water
#
_entity_poly.entity_id   1
_entity_poly.type   'polypeptide(L)'
_entity_poly.pdbx_seq_one_letter_code
;DTMKVINDPIHGHIELHPLLVRIIDTPQFQRLRYIKQLGGGYYVFPGASHNRFEHSLGVGYLAGCLVHALGEKQPELQIS
ERDVLCVQIAGLCRNLGHGPFSHMFDGRFIPLARPEVKWTHEQGSVMMFEHLINSNGIKPVMEQYGLIPEEDICFIKEQI
VGPLESPVEDSLWPYKGRPENKSFLYEIVSNKRNGIDVDKWDYFARDCHHLGIQNNFDYKRFIKFARVCEVDNELRICAR
DKEVGNLYDMFHTRNSLHRRAYQHKVGNIIDTMITDAFLKADDYIEITGAGGKKYRISTAIDDMEAYTKLTDNIFLEILY
STDPKLKDAREILKQIEYRNLFKYVGETQPTGQIKIKREDYESLPKEVASAKPKVLLDVKLKAEDFIVDVINMDYGMQEK
NPIDHVSFYCKTAPNRAIRITKNQVSQLLPEKFAEQLIRVYCKKVDRKSLYAARQYFVQWCADRNFTKPQDGDVIAPLIT
PQKKEWNDSTSVQNPTRLREASKSRVQLFKDDPM
;
_entity_poly.pdbx_strand_id   A,B,C,D
#
loop_
_chem_comp.id
_chem_comp.type
_chem_comp.name
_chem_comp.formula
DCP non-polymer 2'-DEOXYCYTIDINE-5'-TRIPHOSPHATE 'C9 H16 N3 O13 P3'
GTP non-polymer GUANOSINE-5'-TRIPHOSPHATE 'C10 H16 N5 O14 P3'
MG non-polymer 'MAGNESIUM ION' 'Mg 2'
#
# COMPACT_ATOMS: atom_id res chain seq x y z
N THR A 2 -27.24 -7.30 -17.54
CA THR A 2 -26.29 -8.19 -16.79
C THR A 2 -25.49 -7.45 -15.72
N MET A 3 -24.70 -8.21 -14.95
CA MET A 3 -23.86 -7.66 -13.88
C MET A 3 -22.80 -6.72 -14.46
N LYS A 4 -22.56 -5.58 -13.79
CA LYS A 4 -21.43 -4.76 -14.13
C LYS A 4 -20.32 -4.96 -13.10
N VAL A 5 -19.10 -4.88 -13.58
CA VAL A 5 -17.92 -4.89 -12.74
C VAL A 5 -17.37 -3.47 -12.69
N ILE A 6 -17.04 -3.02 -11.48
CA ILE A 6 -16.47 -1.70 -11.27
C ILE A 6 -15.16 -1.84 -10.53
N ASN A 7 -14.15 -1.11 -10.98
CA ASN A 7 -12.87 -1.11 -10.26
C ASN A 7 -12.82 -0.01 -9.19
N ASP A 8 -12.86 -0.40 -7.94
CA ASP A 8 -12.75 0.51 -6.81
C ASP A 8 -11.33 0.42 -6.21
N PRO A 9 -10.66 1.54 -5.95
CA PRO A 9 -9.32 1.41 -5.35
C PRO A 9 -9.27 0.76 -3.98
N ILE A 10 -10.34 0.78 -3.22
CA ILE A 10 -10.35 0.16 -1.90
C ILE A 10 -10.66 -1.34 -1.99
N HIS A 11 -11.69 -1.70 -2.70
CA HIS A 11 -12.20 -3.07 -2.70
C HIS A 11 -11.82 -3.88 -3.93
N GLY A 12 -11.16 -3.26 -4.90
CA GLY A 12 -10.84 -3.93 -6.16
C GLY A 12 -12.07 -4.00 -7.06
N HIS A 13 -12.12 -5.06 -7.85
CA HIS A 13 -13.23 -5.27 -8.77
C HIS A 13 -14.46 -5.83 -8.08
N ILE A 14 -15.52 -5.04 -8.10
CA ILE A 14 -16.79 -5.27 -7.42
C ILE A 14 -17.81 -5.60 -8.49
N GLU A 15 -18.62 -6.62 -8.25
CA GLU A 15 -19.75 -6.96 -9.12
C GLU A 15 -21.02 -6.30 -8.65
N LEU A 16 -21.73 -5.67 -9.57
CA LEU A 16 -23.02 -5.07 -9.25
C LEU A 16 -24.15 -5.73 -10.03
N HIS A 17 -25.13 -6.21 -9.28
CA HIS A 17 -26.33 -6.78 -9.83
C HIS A 17 -27.09 -5.73 -10.66
N PRO A 18 -27.74 -6.13 -11.77
CA PRO A 18 -28.37 -5.14 -12.68
C PRO A 18 -29.43 -4.22 -12.05
N LEU A 19 -30.13 -4.70 -11.04
CA LEU A 19 -31.01 -3.85 -10.27
C LEU A 19 -30.28 -2.69 -9.56
N LEU A 20 -29.13 -3.00 -8.98
CA LEU A 20 -28.32 -1.96 -8.33
C LEU A 20 -27.85 -0.95 -9.37
N VAL A 21 -27.44 -1.44 -10.53
CA VAL A 21 -26.99 -0.56 -11.61
C VAL A 21 -28.10 0.42 -11.99
N ARG A 22 -29.33 -0.07 -12.05
CA ARG A 22 -30.47 0.79 -12.35
C ARG A 22 -30.71 1.89 -11.33
N ILE A 23 -30.52 1.57 -10.06
CA ILE A 23 -30.65 2.56 -9.01
C ILE A 23 -29.52 3.61 -9.07
N ILE A 24 -28.32 3.14 -9.37
CA ILE A 24 -27.14 4.01 -9.47
C ILE A 24 -27.24 5.02 -10.62
N ASP A 25 -27.81 4.60 -11.75
CA ASP A 25 -27.85 5.42 -12.95
C ASP A 25 -29.09 6.29 -12.97
N THR A 26 -29.23 7.08 -11.91
CA THR A 26 -30.32 8.05 -11.75
C THR A 26 -29.72 9.38 -11.29
N PRO A 27 -30.41 10.50 -11.59
CA PRO A 27 -29.94 11.81 -11.10
C PRO A 27 -29.84 11.87 -9.59
N GLN A 28 -30.68 11.14 -8.89
CA GLN A 28 -30.71 11.19 -7.42
C GLN A 28 -29.47 10.54 -6.83
N PHE A 29 -28.95 9.52 -7.49
CA PHE A 29 -27.74 8.85 -7.01
C PHE A 29 -26.47 9.50 -7.54
N GLN A 30 -26.47 9.86 -8.82
CA GLN A 30 -25.31 10.48 -9.46
C GLN A 30 -24.96 11.85 -8.84
N ARG A 31 -25.95 12.50 -8.25
CA ARG A 31 -25.78 13.68 -7.41
C ARG A 31 -24.63 13.55 -6.39
N LEU A 32 -24.43 12.35 -5.85
CA LEU A 32 -23.40 12.10 -4.86
C LEU A 32 -21.98 12.23 -5.38
N ARG A 33 -21.82 12.31 -6.69
CA ARG A 33 -20.55 12.63 -7.29
C ARG A 33 -20.10 14.06 -7.03
N TYR A 34 -21.02 14.92 -6.60
CA TYR A 34 -20.74 16.34 -6.46
C TYR A 34 -20.85 16.77 -4.98
N ILE A 35 -20.69 15.81 -4.08
CA ILE A 35 -20.66 16.07 -2.66
C ILE A 35 -19.43 15.43 -2.03
N LYS A 36 -18.47 16.25 -1.58
CA LYS A 36 -17.28 15.77 -0.91
C LYS A 36 -17.63 15.03 0.37
N GLN A 37 -17.07 13.84 0.51
CA GLN A 37 -17.21 13.06 1.69
C GLN A 37 -16.84 13.83 2.97
N LEU A 38 -15.68 14.50 2.93
CA LEU A 38 -15.14 15.15 4.14
C LEU A 38 -15.37 16.65 4.20
N GLY A 39 -16.20 17.17 3.28
CA GLY A 39 -16.54 18.61 3.26
C GLY A 39 -15.32 19.51 3.15
N GLY A 40 -15.17 20.41 4.12
CA GLY A 40 -13.97 21.29 4.21
C GLY A 40 -12.64 20.63 4.46
N GLY A 41 -12.64 19.36 4.89
CA GLY A 41 -11.40 18.56 5.03
C GLY A 41 -10.50 18.52 3.81
N TYR A 42 -11.06 18.59 2.59
CA TYR A 42 -10.26 18.69 1.34
C TYR A 42 -9.36 19.93 1.29
N TYR A 43 -9.77 20.97 2.00
CA TYR A 43 -9.00 22.22 2.07
C TYR A 43 -7.81 22.13 3.04
N VAL A 44 -7.68 21.00 3.73
CA VAL A 44 -6.59 20.73 4.64
C VAL A 44 -5.80 19.50 4.21
N PHE A 45 -6.52 18.47 3.76
CA PHE A 45 -5.89 17.24 3.30
C PHE A 45 -6.16 17.13 1.80
N PRO A 46 -5.20 17.50 0.97
CA PRO A 46 -5.46 17.60 -0.48
C PRO A 46 -5.72 16.25 -1.18
N GLY A 47 -5.42 15.15 -0.51
CA GLY A 47 -5.82 13.85 -1.01
C GLY A 47 -7.30 13.53 -0.86
N ALA A 48 -8.00 14.25 0.02
CA ALA A 48 -9.40 13.97 0.35
C ALA A 48 -10.36 14.58 -0.66
N SER A 49 -10.18 14.21 -1.92
CA SER A 49 -11.01 14.70 -3.00
C SER A 49 -12.24 13.81 -3.19
N HIS A 50 -12.29 12.70 -2.48
CA HIS A 50 -13.36 11.73 -2.67
C HIS A 50 -14.76 12.25 -2.30
N ASN A 51 -15.73 11.76 -3.06
CA ASN A 51 -17.12 12.11 -2.91
C ASN A 51 -17.94 10.97 -2.32
N ARG A 52 -19.15 11.32 -1.93
CA ARG A 52 -20.09 10.36 -1.34
C ARG A 52 -20.46 9.20 -2.26
N PHE A 53 -20.40 9.42 -3.58
CA PHE A 53 -20.77 8.44 -4.57
C PHE A 53 -19.97 7.15 -4.42
N GLU A 54 -18.66 7.28 -4.39
CA GLU A 54 -17.79 6.11 -4.35
C GLU A 54 -17.86 5.42 -2.97
N HIS A 55 -18.04 6.19 -1.91
CA HIS A 55 -18.27 5.62 -0.58
C HIS A 55 -19.54 4.77 -0.57
N SER A 56 -20.58 5.26 -1.23
CA SER A 56 -21.86 4.52 -1.28
C SER A 56 -21.75 3.19 -1.97
N LEU A 57 -21.04 3.16 -3.10
CA LEU A 57 -20.73 1.91 -3.77
C LEU A 57 -20.03 0.91 -2.85
N GLY A 58 -19.05 1.39 -2.10
CA GLY A 58 -18.34 0.54 -1.16
C GLY A 58 -19.21 0.01 -0.04
N VAL A 59 -20.13 0.83 0.48
CA VAL A 59 -21.03 0.40 1.54
C VAL A 59 -21.95 -0.69 1.02
N GLY A 60 -22.48 -0.49 -0.18
CA GLY A 60 -23.35 -1.47 -0.83
C GLY A 60 -22.61 -2.78 -1.04
N TYR A 61 -21.37 -2.70 -1.47
CA TYR A 61 -20.59 -3.88 -1.68
C TYR A 61 -20.33 -4.64 -0.37
N LEU A 62 -19.89 -3.94 0.67
CA LEU A 62 -19.62 -4.58 1.93
C LEU A 62 -20.85 -5.18 2.59
N ALA A 63 -21.99 -4.52 2.43
CA ALA A 63 -23.24 -5.03 2.95
C ALA A 63 -23.55 -6.38 2.29
N GLY A 64 -23.37 -6.46 0.97
CA GLY A 64 -23.47 -7.73 0.24
C GLY A 64 -22.50 -8.80 0.70
N CYS A 65 -21.25 -8.42 0.97
N CYS A 65 -21.26 -8.42 0.96
CA CYS A 65 -20.24 -9.37 1.46
CA CYS A 65 -20.23 -9.33 1.44
C CYS A 65 -20.65 -10.02 2.77
C CYS A 65 -20.62 -10.00 2.77
N LEU A 66 -21.10 -9.21 3.72
CA LEU A 66 -21.45 -9.71 5.02
C LEU A 66 -22.69 -10.60 4.97
N VAL A 67 -23.73 -10.16 4.28
CA VAL A 67 -24.95 -10.97 4.21
C VAL A 67 -24.70 -12.30 3.43
N HIS A 68 -23.95 -12.26 2.33
CA HIS A 68 -23.51 -13.49 1.66
C HIS A 68 -22.72 -14.41 2.59
N ALA A 69 -21.77 -13.87 3.35
CA ALA A 69 -20.96 -14.71 4.25
C ALA A 69 -21.81 -15.42 5.29
N LEU A 70 -22.76 -14.70 5.90
CA LEU A 70 -23.65 -15.32 6.87
C LEU A 70 -24.52 -16.43 6.24
N GLY A 71 -25.05 -16.17 5.04
CA GLY A 71 -25.89 -17.15 4.34
C GLY A 71 -25.16 -18.42 3.95
N GLU A 72 -23.91 -18.27 3.54
CA GLU A 72 -23.11 -19.40 3.18
C GLU A 72 -22.69 -20.26 4.35
N LYS A 73 -22.28 -19.65 5.45
CA LYS A 73 -21.94 -20.40 6.66
C LYS A 73 -23.15 -20.95 7.39
N GLN A 74 -24.28 -20.24 7.33
CA GLN A 74 -25.47 -20.68 8.04
C GLN A 74 -26.71 -20.71 7.13
N PRO A 75 -26.80 -21.71 6.24
CA PRO A 75 -27.96 -21.91 5.38
C PRO A 75 -29.27 -21.96 6.15
N GLU A 76 -29.24 -22.43 7.39
CA GLU A 76 -30.45 -22.51 8.22
C GLU A 76 -31.09 -21.15 8.52
N LEU A 77 -30.38 -20.05 8.25
CA LEU A 77 -30.96 -18.72 8.38
C LEU A 77 -31.95 -18.39 7.26
N GLN A 78 -31.89 -19.13 6.15
CA GLN A 78 -32.77 -18.94 5.00
C GLN A 78 -32.69 -17.55 4.40
N ILE A 79 -31.46 -17.07 4.27
CA ILE A 79 -31.25 -15.79 3.65
C ILE A 79 -31.52 -15.99 2.17
N SER A 80 -32.41 -15.18 1.60
CA SER A 80 -32.73 -15.27 0.17
C SER A 80 -31.97 -14.22 -0.65
N GLU A 81 -31.98 -14.42 -1.96
CA GLU A 81 -31.41 -13.44 -2.89
C GLU A 81 -32.14 -12.12 -2.77
N ARG A 82 -33.42 -12.19 -2.50
CA ARG A 82 -34.19 -11.01 -2.17
C ARG A 82 -33.63 -10.23 -0.95
N ASP A 83 -33.31 -10.94 0.13
CA ASP A 83 -32.71 -10.32 1.33
C ASP A 83 -31.37 -9.62 0.97
N VAL A 84 -30.54 -10.31 0.20
CA VAL A 84 -29.24 -9.81 -0.19
C VAL A 84 -29.39 -8.51 -0.97
N LEU A 85 -30.27 -8.50 -1.95
CA LEU A 85 -30.47 -7.29 -2.74
C LEU A 85 -31.03 -6.15 -1.91
N CYS A 86 -31.96 -6.43 -1.01
CA CYS A 86 -32.49 -5.39 -0.13
C CYS A 86 -31.44 -4.79 0.80
N VAL A 87 -30.54 -5.63 1.30
CA VAL A 87 -29.46 -5.13 2.15
C VAL A 87 -28.46 -4.29 1.33
N GLN A 88 -28.11 -4.75 0.13
CA GLN A 88 -27.23 -3.99 -0.75
C GLN A 88 -27.83 -2.65 -1.14
N ILE A 89 -29.10 -2.62 -1.46
CA ILE A 89 -29.76 -1.36 -1.79
C ILE A 89 -29.75 -0.37 -0.64
N ALA A 90 -30.04 -0.83 0.58
CA ALA A 90 -29.97 0.03 1.75
C ALA A 90 -28.55 0.56 1.96
N GLY A 91 -27.57 -0.30 1.79
CA GLY A 91 -26.20 0.12 1.84
C GLY A 91 -25.87 1.20 0.80
N LEU A 92 -26.27 0.98 -0.46
CA LEU A 92 -26.05 1.96 -1.50
C LEU A 92 -26.69 3.29 -1.23
N CYS A 93 -27.85 3.25 -0.61
CA CYS A 93 -28.69 4.42 -0.51
C CYS A 93 -28.68 5.13 0.83
N ARG A 94 -27.91 4.67 1.80
CA ARG A 94 -27.91 5.38 3.07
C ARG A 94 -27.22 6.75 3.08
N ASN A 95 -26.43 7.07 2.06
CA ASN A 95 -25.84 8.41 1.97
C ASN A 95 -26.58 9.37 1.06
N LEU A 96 -27.72 8.96 0.52
CA LEU A 96 -28.45 9.79 -0.43
C LEU A 96 -28.88 11.14 0.15
N GLY A 97 -29.10 11.22 1.45
CA GLY A 97 -29.59 12.45 2.08
C GLY A 97 -28.57 13.53 2.39
N HIS A 98 -27.29 13.27 2.14
CA HIS A 98 -26.26 14.26 2.43
C HIS A 98 -26.38 15.50 1.54
N GLY A 99 -26.02 16.63 2.13
CA GLY A 99 -26.11 17.94 1.45
C GLY A 99 -24.72 18.41 1.15
N PRO A 100 -24.60 19.62 0.58
CA PRO A 100 -23.32 20.23 0.26
C PRO A 100 -22.30 20.10 1.41
N PHE A 101 -21.11 19.61 1.07
CA PHE A 101 -20.01 19.41 2.01
C PHE A 101 -20.40 18.51 3.20
N SER A 102 -21.28 17.55 2.94
CA SER A 102 -21.67 16.52 3.89
C SER A 102 -22.02 17.08 5.27
N HIS A 103 -21.22 16.80 6.30
CA HIS A 103 -21.62 17.12 7.67
C HIS A 103 -21.72 18.61 8.00
N MET A 104 -21.09 19.44 7.17
CA MET A 104 -21.30 20.87 7.25
C MET A 104 -22.78 21.22 7.14
N PHE A 105 -23.47 20.58 6.20
CA PHE A 105 -24.83 20.96 5.85
C PHE A 105 -25.83 20.68 6.99
N ASP A 106 -25.79 19.47 7.56
CA ASP A 106 -26.74 19.15 8.61
C ASP A 106 -26.17 19.39 10.01
N GLY A 107 -24.85 19.49 10.14
CA GLY A 107 -24.23 19.77 11.43
C GLY A 107 -24.10 21.25 11.74
N ARG A 108 -23.97 22.10 10.73
CA ARG A 108 -23.80 23.54 10.96
C ARG A 108 -24.86 24.39 10.30
N PHE A 109 -25.09 24.19 9.01
CA PHE A 109 -25.93 25.12 8.24
C PHE A 109 -27.41 25.03 8.58
N ILE A 110 -27.98 23.83 8.51
CA ILE A 110 -29.42 23.67 8.76
C ILE A 110 -29.84 24.08 10.18
N PRO A 111 -29.07 23.67 11.21
CA PRO A 111 -29.38 24.14 12.55
C PRO A 111 -29.44 25.67 12.68
N LEU A 112 -28.54 26.39 12.01
CA LEU A 112 -28.55 27.84 12.05
C LEU A 112 -29.62 28.44 11.17
N ALA A 113 -29.80 27.89 9.98
CA ALA A 113 -30.79 28.44 9.04
C ALA A 113 -32.24 28.12 9.44
N ARG A 114 -32.49 26.92 9.94
CA ARG A 114 -33.85 26.47 10.27
C ARG A 114 -33.80 25.87 11.68
N PRO A 115 -33.58 26.70 12.69
CA PRO A 115 -33.49 26.17 14.05
C PRO A 115 -34.71 25.36 14.51
N GLU A 116 -35.91 25.73 14.05
CA GLU A 116 -37.15 25.05 14.42
C GLU A 116 -37.23 23.63 13.88
N VAL A 117 -36.58 23.36 12.77
CA VAL A 117 -36.73 22.06 12.10
C VAL A 117 -35.82 21.00 12.75
N LYS A 118 -36.17 19.72 12.62
CA LYS A 118 -35.31 18.61 13.07
C LYS A 118 -34.93 17.75 11.87
N TRP A 119 -33.75 17.98 11.31
CA TRP A 119 -33.36 17.38 10.02
C TRP A 119 -32.08 16.60 10.23
N THR A 120 -32.02 15.41 9.65
CA THR A 120 -30.80 14.61 9.62
C THR A 120 -30.63 14.09 8.21
N HIS A 121 -29.40 13.82 7.82
CA HIS A 121 -29.14 13.21 6.52
C HIS A 121 -29.85 11.86 6.37
N GLU A 122 -30.04 11.13 7.48
CA GLU A 122 -30.77 9.85 7.46
C GLU A 122 -32.20 10.00 6.97
N GLN A 123 -32.91 10.97 7.55
CA GLN A 123 -34.25 11.30 7.10
C GLN A 123 -34.21 11.73 5.63
N GLY A 124 -33.22 12.54 5.28
CA GLY A 124 -33.04 12.95 3.90
C GLY A 124 -32.85 11.77 2.99
N SER A 125 -32.14 10.75 3.45
CA SER A 125 -31.88 9.58 2.63
C SER A 125 -33.16 8.81 2.30
N VAL A 126 -34.04 8.67 3.27
CA VAL A 126 -35.32 7.98 3.07
C VAL A 126 -36.20 8.71 2.08
N MET A 127 -36.27 10.03 2.21
CA MET A 127 -37.03 10.87 1.31
C MET A 127 -36.46 10.85 -0.10
N MET A 128 -35.14 10.93 -0.20
CA MET A 128 -34.46 10.87 -1.50
C MET A 128 -34.68 9.51 -2.16
N PHE A 129 -34.64 8.46 -1.35
CA PHE A 129 -34.81 7.12 -1.85
C PHE A 129 -36.18 6.93 -2.46
N GLU A 130 -37.20 7.37 -1.73
CA GLU A 130 -38.59 7.33 -2.21
C GLU A 130 -38.72 8.09 -3.53
N HIS A 131 -38.15 9.29 -3.57
CA HIS A 131 -38.17 10.08 -4.78
C HIS A 131 -37.42 9.39 -5.93
N LEU A 132 -36.28 8.77 -5.63
CA LEU A 132 -35.51 8.03 -6.64
C LEU A 132 -36.33 6.89 -7.26
N ILE A 133 -36.95 6.10 -6.39
CA ILE A 133 -37.77 4.95 -6.81
C ILE A 133 -38.92 5.41 -7.70
N ASN A 134 -39.69 6.38 -7.21
CA ASN A 134 -40.89 6.81 -7.91
C ASN A 134 -40.60 7.53 -9.21
N SER A 135 -39.62 8.43 -9.18
CA SER A 135 -39.26 9.21 -10.37
C SER A 135 -38.70 8.38 -11.50
N ASN A 136 -38.17 7.20 -11.23
CA ASN A 136 -37.43 6.45 -12.24
C ASN A 136 -38.05 5.10 -12.60
N GLY A 137 -39.25 4.80 -12.10
CA GLY A 137 -39.93 3.55 -12.39
C GLY A 137 -39.18 2.31 -11.94
N ILE A 138 -38.60 2.38 -10.75
CA ILE A 138 -37.79 1.29 -10.23
C ILE A 138 -38.64 0.14 -9.67
N LYS A 139 -39.85 0.42 -9.21
CA LYS A 139 -40.68 -0.63 -8.60
C LYS A 139 -40.89 -1.84 -9.51
N PRO A 140 -41.24 -1.60 -10.78
CA PRO A 140 -41.40 -2.72 -11.74
C PRO A 140 -40.13 -3.54 -11.92
N VAL A 141 -39.01 -2.85 -11.95
CA VAL A 141 -37.72 -3.50 -12.11
C VAL A 141 -37.42 -4.36 -10.87
N MET A 142 -37.71 -3.83 -9.68
CA MET A 142 -37.64 -4.61 -8.43
C MET A 142 -38.47 -5.89 -8.49
N GLU A 143 -39.71 -5.78 -8.95
CA GLU A 143 -40.60 -6.94 -9.13
C GLU A 143 -40.00 -7.97 -10.07
N GLN A 144 -39.42 -7.48 -11.16
CA GLN A 144 -38.77 -8.35 -12.14
C GLN A 144 -37.63 -9.20 -11.56
N TYR A 145 -36.96 -8.73 -10.50
CA TYR A 145 -35.90 -9.51 -9.87
C TYR A 145 -36.37 -10.23 -8.60
N GLY A 146 -37.67 -10.28 -8.36
CA GLY A 146 -38.22 -11.09 -7.29
C GLY A 146 -38.46 -10.32 -6.01
N LEU A 147 -38.27 -9.00 -6.02
CA LEU A 147 -38.56 -8.21 -4.83
C LEU A 147 -40.05 -7.91 -4.75
N ILE A 148 -40.53 -7.68 -3.54
CA ILE A 148 -41.91 -7.31 -3.27
C ILE A 148 -41.93 -5.89 -2.76
N PRO A 149 -42.13 -4.92 -3.65
CA PRO A 149 -41.94 -3.52 -3.32
C PRO A 149 -42.58 -3.02 -2.02
N GLU A 150 -43.81 -3.43 -1.73
CA GLU A 150 -44.48 -2.96 -0.51
C GLU A 150 -43.61 -3.24 0.73
N GLU A 151 -43.32 -4.52 0.97
CA GLU A 151 -42.50 -4.94 2.12
C GLU A 151 -41.05 -4.49 2.05
N ASP A 152 -40.48 -4.63 0.85
CA ASP A 152 -39.05 -4.45 0.69
C ASP A 152 -38.64 -2.99 0.73
N ILE A 153 -39.47 -2.11 0.19
CA ILE A 153 -39.20 -0.68 0.31
C ILE A 153 -39.24 -0.26 1.77
N CYS A 154 -40.20 -0.80 2.50
CA CYS A 154 -40.28 -0.55 3.93
C CYS A 154 -39.04 -1.07 4.66
N PHE A 155 -38.62 -2.29 4.32
CA PHE A 155 -37.39 -2.90 4.87
C PHE A 155 -36.15 -2.04 4.63
N ILE A 156 -35.99 -1.57 3.40
CA ILE A 156 -34.89 -0.70 3.03
C ILE A 156 -34.86 0.58 3.87
N LYS A 157 -36.02 1.23 3.99
CA LYS A 157 -36.08 2.48 4.75
C LYS A 157 -35.79 2.24 6.21
N GLU A 158 -36.31 1.13 6.74
CA GLU A 158 -36.08 0.79 8.15
C GLU A 158 -34.59 0.56 8.42
N GLN A 159 -33.90 -0.05 7.47
CA GLN A 159 -32.46 -0.29 7.60
C GLN A 159 -31.67 1.03 7.71
N ILE A 160 -32.16 2.07 7.07
CA ILE A 160 -31.47 3.35 7.06
C ILE A 160 -31.83 4.20 8.28
N VAL A 161 -33.11 4.28 8.59
CA VAL A 161 -33.56 5.26 9.56
C VAL A 161 -34.07 4.63 10.88
N GLY A 162 -34.22 3.31 10.92
CA GLY A 162 -34.76 2.63 12.07
C GLY A 162 -36.27 2.51 11.92
N PRO A 163 -36.95 2.06 13.00
CA PRO A 163 -38.39 1.86 12.94
C PRO A 163 -39.11 3.13 12.53
N LEU A 164 -40.02 3.01 11.58
CA LEU A 164 -40.82 4.13 11.13
C LEU A 164 -42.01 4.23 12.07
N LEU A 172 -42.36 -4.87 22.07
CA LEU A 172 -42.64 -5.51 20.77
C LEU A 172 -41.47 -5.40 19.79
N TRP A 173 -41.56 -6.22 18.76
CA TRP A 173 -40.67 -6.13 17.61
C TRP A 173 -41.20 -4.97 16.79
N PRO A 174 -40.44 -3.87 16.70
CA PRO A 174 -40.94 -2.64 16.10
C PRO A 174 -40.83 -2.55 14.57
N TYR A 175 -40.27 -3.54 13.92
CA TYR A 175 -40.01 -3.47 12.48
C TYR A 175 -41.07 -4.22 11.70
N LYS A 176 -41.41 -3.71 10.53
CA LYS A 176 -42.39 -4.34 9.67
C LYS A 176 -41.81 -5.00 8.42
N GLY A 177 -40.64 -4.59 7.97
CA GLY A 177 -40.08 -5.10 6.71
C GLY A 177 -39.63 -6.54 6.78
N ARG A 178 -39.18 -6.97 7.94
CA ARG A 178 -38.79 -8.38 8.18
C ARG A 178 -39.11 -8.76 9.62
N PRO A 179 -39.37 -10.06 9.86
CA PRO A 179 -39.67 -10.57 11.20
C PRO A 179 -38.42 -10.80 12.05
N GLU A 180 -38.65 -11.13 13.32
CA GLU A 180 -37.58 -11.30 14.34
C GLU A 180 -36.51 -12.33 13.98
N ASN A 181 -36.89 -13.36 13.25
CA ASN A 181 -35.90 -14.34 12.86
C ASN A 181 -34.92 -13.80 11.83
N LYS A 182 -35.20 -12.63 11.23
CA LYS A 182 -34.26 -11.97 10.31
C LYS A 182 -33.71 -10.69 10.92
N SER A 183 -33.81 -10.58 12.25
CA SER A 183 -33.35 -9.39 13.00
C SER A 183 -31.94 -8.98 12.65
N PHE A 184 -31.09 -9.99 12.51
CA PHE A 184 -29.69 -9.77 12.17
C PHE A 184 -29.48 -8.97 10.88
N LEU A 185 -30.43 -8.99 9.95
CA LEU A 185 -30.30 -8.18 8.74
C LEU A 185 -30.31 -6.66 9.02
N TYR A 186 -30.94 -6.24 10.10
CA TYR A 186 -30.98 -4.81 10.45
C TYR A 186 -29.69 -4.27 11.09
N GLU A 187 -28.72 -5.16 11.34
CA GLU A 187 -27.46 -4.80 11.97
C GLU A 187 -26.35 -4.55 10.96
N ILE A 188 -26.62 -4.73 9.67
CA ILE A 188 -25.58 -4.66 8.64
C ILE A 188 -25.27 -3.23 8.19
N VAL A 189 -26.29 -2.47 7.83
CA VAL A 189 -26.06 -1.19 7.15
C VAL A 189 -25.95 -0.01 8.10
N SER A 190 -26.85 0.05 9.06
CA SER A 190 -26.82 1.10 10.03
C SER A 190 -27.24 0.51 11.37
N ASN A 191 -26.24 0.17 12.18
CA ASN A 191 -26.45 -0.59 13.38
C ASN A 191 -26.78 0.34 14.54
N LYS A 192 -28.05 0.39 14.88
CA LYS A 192 -28.57 1.26 15.92
C LYS A 192 -28.21 0.79 17.32
N ARG A 193 -27.90 -0.49 17.46
CA ARG A 193 -27.64 -1.06 18.77
C ARG A 193 -26.24 -0.67 19.29
N ASN A 194 -25.24 -0.73 18.41
CA ASN A 194 -23.88 -0.50 18.83
C ASN A 194 -22.97 0.21 17.81
N GLY A 195 -23.51 0.57 16.64
CA GLY A 195 -22.76 1.31 15.63
C GLY A 195 -21.76 0.53 14.83
N ILE A 196 -21.72 -0.80 14.99
CA ILE A 196 -20.76 -1.62 14.26
C ILE A 196 -21.41 -2.06 12.96
N ASP A 197 -21.08 -1.39 11.87
CA ASP A 197 -21.75 -1.64 10.60
C ASP A 197 -20.82 -1.35 9.45
N VAL A 198 -21.27 -1.72 8.26
CA VAL A 198 -20.40 -1.71 7.09
C VAL A 198 -20.11 -0.31 6.60
N ASP A 199 -20.93 0.66 6.99
CA ASP A 199 -20.67 2.07 6.65
C ASP A 199 -19.32 2.53 7.21
N LYS A 200 -19.07 2.25 8.48
CA LYS A 200 -17.77 2.57 9.10
C LYS A 200 -16.63 1.86 8.42
N TRP A 201 -16.85 0.59 8.10
CA TRP A 201 -15.76 -0.19 7.56
C TRP A 201 -15.30 0.40 6.24
N ASP A 202 -16.24 0.88 5.40
CA ASP A 202 -15.82 1.46 4.16
C ASP A 202 -15.12 2.77 4.38
N TYR A 203 -15.68 3.64 5.22
CA TYR A 203 -15.07 4.95 5.36
C TYR A 203 -13.70 4.90 6.03
N PHE A 204 -13.49 3.97 6.96
CA PHE A 204 -12.16 3.83 7.57
C PHE A 204 -11.13 3.60 6.51
N ALA A 205 -11.39 2.64 5.66
CA ALA A 205 -10.43 2.26 4.62
C ALA A 205 -10.32 3.34 3.54
N ARG A 206 -11.44 3.93 3.14
CA ARG A 206 -11.42 4.89 2.05
C ARG A 206 -10.81 6.22 2.52
N ASP A 207 -11.24 6.68 3.69
CA ASP A 207 -10.70 7.93 4.21
C ASP A 207 -9.20 7.82 4.44
N CYS A 208 -8.75 6.73 5.05
CA CYS A 208 -7.31 6.54 5.27
C CYS A 208 -6.48 6.54 4.00
N HIS A 209 -6.97 5.85 2.99
CA HIS A 209 -6.35 5.83 1.66
C HIS A 209 -6.17 7.21 1.07
N HIS A 210 -7.18 8.05 1.22
CA HIS A 210 -7.14 9.42 0.68
C HIS A 210 -6.47 10.47 1.56
N LEU A 211 -6.57 10.29 2.87
CA LEU A 211 -6.02 11.25 3.79
C LEU A 211 -4.52 11.10 3.94
N GLY A 212 -4.01 9.88 3.71
CA GLY A 212 -2.59 9.60 3.96
C GLY A 212 -2.36 9.18 5.40
N ILE A 213 -3.28 8.40 5.94
CA ILE A 213 -3.20 7.88 7.31
C ILE A 213 -3.42 6.38 7.16
N GLN A 214 -2.78 5.55 7.97
CA GLN A 214 -2.97 4.10 7.80
C GLN A 214 -4.19 3.57 8.53
N ASN A 215 -5.05 2.88 7.76
CA ASN A 215 -6.42 2.59 8.15
C ASN A 215 -6.53 1.28 8.86
N ASN A 216 -6.78 1.35 10.16
CA ASN A 216 -6.88 0.13 10.92
C ASN A 216 -8.30 -0.42 10.78
N PHE A 217 -8.59 -1.38 11.63
CA PHE A 217 -9.69 -2.27 11.48
C PHE A 217 -9.79 -3.14 10.22
N ASP A 218 -9.69 -4.44 10.47
CA ASP A 218 -9.73 -5.43 9.44
C ASP A 218 -11.15 -6.01 9.37
N TYR A 219 -11.96 -5.47 8.47
CA TYR A 219 -13.32 -5.87 8.34
C TYR A 219 -13.42 -7.26 7.71
N LYS A 220 -12.47 -7.64 6.85
CA LYS A 220 -12.50 -9.00 6.26
C LYS A 220 -12.38 -10.04 7.36
N ARG A 221 -11.49 -9.79 8.29
CA ARG A 221 -11.32 -10.64 9.47
C ARG A 221 -12.62 -10.75 10.24
N PHE A 222 -13.25 -9.61 10.50
CA PHE A 222 -14.51 -9.59 11.23
C PHE A 222 -15.59 -10.42 10.52
N ILE A 223 -15.73 -10.23 9.21
CA ILE A 223 -16.69 -11.00 8.42
C ILE A 223 -16.44 -12.50 8.54
N LYS A 224 -15.20 -12.94 8.49
CA LYS A 224 -14.92 -14.37 8.65
C LYS A 224 -15.33 -14.94 9.99
N PHE A 225 -15.36 -14.12 11.03
CA PHE A 225 -15.68 -14.61 12.36
C PHE A 225 -17.11 -14.30 12.80
N ALA A 226 -17.91 -13.69 11.93
CA ALA A 226 -19.25 -13.28 12.35
C ALA A 226 -20.19 -14.49 12.27
N ARG A 227 -21.09 -14.62 13.24
CA ARG A 227 -22.15 -15.65 13.21
C ARG A 227 -23.44 -15.05 13.67
N VAL A 228 -24.55 -15.70 13.33
CA VAL A 228 -25.82 -15.35 13.93
C VAL A 228 -26.11 -16.35 15.05
N CYS A 229 -26.47 -15.83 16.22
CA CYS A 229 -26.88 -16.60 17.38
C CYS A 229 -28.16 -16.00 17.96
N GLU A 230 -28.87 -16.80 18.73
CA GLU A 230 -30.03 -16.33 19.43
C GLU A 230 -29.61 -15.52 20.63
N VAL A 231 -30.13 -14.30 20.72
CA VAL A 231 -29.94 -13.45 21.88
C VAL A 231 -31.31 -12.93 22.29
N ASP A 232 -31.72 -13.24 23.51
CA ASP A 232 -33.03 -12.84 24.07
C ASP A 232 -34.17 -12.90 23.05
N ASN A 233 -34.31 -14.05 22.41
CA ASN A 233 -35.35 -14.31 21.40
C ASN A 233 -35.27 -13.51 20.10
N GLU A 234 -34.12 -12.92 19.83
CA GLU A 234 -33.79 -12.39 18.51
C GLU A 234 -32.61 -13.17 17.95
N LEU A 235 -32.57 -13.32 16.64
CA LEU A 235 -31.37 -13.78 15.98
C LEU A 235 -30.48 -12.58 15.66
N ARG A 236 -29.33 -12.48 16.33
CA ARG A 236 -28.39 -11.37 16.16
C ARG A 236 -27.01 -11.80 15.64
N ILE A 237 -26.30 -10.85 15.04
CA ILE A 237 -24.94 -11.07 14.63
C ILE A 237 -24.07 -11.10 15.88
N CYS A 238 -23.24 -12.13 16.02
CA CYS A 238 -22.30 -12.24 17.13
C CYS A 238 -20.89 -12.35 16.60
N ALA A 239 -19.98 -11.74 17.35
CA ALA A 239 -18.57 -11.77 17.02
C ALA A 239 -17.94 -12.87 17.86
N ARG A 240 -16.91 -13.48 17.30
CA ARG A 240 -16.10 -14.38 18.06
C ARG A 240 -15.44 -13.64 19.26
N ASP A 241 -15.45 -14.27 20.42
CA ASP A 241 -14.91 -13.66 21.65
C ASP A 241 -13.54 -12.98 21.48
N LYS A 242 -12.63 -13.67 20.82
CA LYS A 242 -11.28 -13.17 20.60
C LYS A 242 -11.23 -11.87 19.81
N GLU A 243 -12.30 -11.53 19.11
CA GLU A 243 -12.34 -10.29 18.40
C GLU A 243 -12.66 -9.04 19.23
N VAL A 244 -12.89 -9.17 20.54
CA VAL A 244 -13.31 -8.04 21.36
C VAL A 244 -12.28 -6.89 21.38
N GLY A 245 -11.01 -7.22 21.49
CA GLY A 245 -9.94 -6.26 21.38
C GLY A 245 -9.91 -5.47 20.07
N ASN A 246 -10.14 -6.15 18.95
CA ASN A 246 -10.22 -5.50 17.67
C ASN A 246 -11.39 -4.51 17.60
N LEU A 247 -12.48 -4.79 18.31
CA LEU A 247 -13.63 -3.89 18.30
C LEU A 247 -13.35 -2.63 19.09
N TYR A 248 -12.72 -2.76 20.27
CA TYR A 248 -12.26 -1.59 20.99
C TYR A 248 -11.32 -0.76 20.12
N ASP A 249 -10.43 -1.43 19.41
CA ASP A 249 -9.53 -0.73 18.47
C ASP A 249 -10.28 -0.02 17.33
N MET A 250 -11.36 -0.59 16.85
CA MET A 250 -12.16 0.02 15.82
C MET A 250 -12.68 1.38 16.30
N PHE A 251 -13.18 1.43 17.54
CA PHE A 251 -13.67 2.72 18.06
C PHE A 251 -12.54 3.68 18.38
N HIS A 252 -11.40 3.17 18.81
CA HIS A 252 -10.24 4.00 18.98
C HIS A 252 -9.83 4.64 17.63
N THR A 253 -9.83 3.85 16.57
CA THR A 253 -9.51 4.33 15.24
C THR A 253 -10.49 5.43 14.83
N ARG A 254 -11.77 5.19 15.03
CA ARG A 254 -12.78 6.21 14.71
C ARG A 254 -12.48 7.54 15.43
N ASN A 255 -12.21 7.45 16.72
CA ASN A 255 -11.91 8.62 17.51
C ASN A 255 -10.62 9.33 17.05
N SER A 256 -9.59 8.57 16.71
CA SER A 256 -8.40 9.11 16.07
C SER A 256 -8.66 9.89 14.80
N LEU A 257 -9.44 9.29 13.90
CA LEU A 257 -9.76 9.89 12.64
C LEU A 257 -10.55 11.19 12.84
N HIS A 258 -11.43 11.22 13.84
CA HIS A 258 -12.11 12.47 14.18
C HIS A 258 -11.13 13.52 14.69
N ARG A 259 -10.25 13.13 15.60
CA ARG A 259 -9.25 14.04 16.15
C ARG A 259 -8.30 14.59 15.10
N ARG A 260 -7.77 13.72 14.25
CA ARG A 260 -6.80 14.13 13.23
C ARG A 260 -7.40 14.83 12.03
N ALA A 261 -8.54 14.35 11.55
CA ALA A 261 -9.07 14.76 10.27
C ALA A 261 -10.47 15.38 10.32
N TYR A 262 -11.48 14.65 10.80
CA TYR A 262 -12.85 15.13 10.64
C TYR A 262 -13.15 16.37 11.48
N GLN A 263 -12.45 16.52 12.61
CA GLN A 263 -12.56 17.70 13.48
C GLN A 263 -11.25 18.48 13.49
N HIS A 264 -10.47 18.39 12.43
CA HIS A 264 -9.32 19.24 12.28
C HIS A 264 -9.76 20.70 12.47
N LYS A 265 -9.00 21.44 13.28
CA LYS A 265 -9.38 22.78 13.71
C LYS A 265 -9.52 23.74 12.51
N VAL A 266 -8.70 23.57 11.49
CA VAL A 266 -8.82 24.38 10.28
C VAL A 266 -9.91 23.88 9.34
N GLY A 267 -10.04 22.57 9.21
CA GLY A 267 -11.14 22.01 8.43
C GLY A 267 -12.47 22.54 8.97
N ASN A 268 -12.61 22.54 10.30
CA ASN A 268 -13.84 23.01 10.95
C ASN A 268 -14.09 24.51 10.71
N ILE A 269 -13.05 25.33 10.75
CA ILE A 269 -13.22 26.76 10.57
C ILE A 269 -13.55 27.06 9.12
N ILE A 270 -13.04 26.27 8.19
CA ILE A 270 -13.44 26.42 6.78
C ILE A 270 -14.90 26.05 6.57
N ASP A 271 -15.34 24.96 7.20
CA ASP A 271 -16.76 24.62 7.20
C ASP A 271 -17.63 25.76 7.77
N THR A 272 -17.14 26.38 8.83
CA THR A 272 -17.82 27.48 9.49
C THR A 272 -17.89 28.68 8.55
N MET A 273 -16.80 28.98 7.87
CA MET A 273 -16.79 30.10 6.93
C MET A 273 -17.72 29.82 5.74
N ILE A 274 -17.73 28.60 5.22
CA ILE A 274 -18.65 28.25 4.13
C ILE A 274 -20.10 28.35 4.59
N THR A 275 -20.37 27.88 5.80
CA THR A 275 -21.72 27.99 6.37
C THR A 275 -22.18 29.46 6.44
N ASP A 276 -21.28 30.32 6.90
CA ASP A 276 -21.53 31.75 6.94
C ASP A 276 -21.85 32.34 5.56
N ALA A 277 -21.07 31.98 4.56
CA ALA A 277 -21.35 32.38 3.20
C ALA A 277 -22.74 31.89 2.74
N PHE A 278 -23.10 30.64 3.06
CA PHE A 278 -24.41 30.09 2.68
C PHE A 278 -25.54 30.85 3.35
N LEU A 279 -25.35 31.21 4.63
CA LEU A 279 -26.36 31.99 5.35
C LEU A 279 -26.57 33.35 4.71
N LYS A 280 -25.50 34.01 4.31
CA LYS A 280 -25.61 35.30 3.64
C LYS A 280 -26.11 35.19 2.21
N ALA A 281 -26.05 34.00 1.61
CA ALA A 281 -26.54 33.80 0.25
C ALA A 281 -27.97 33.27 0.23
N ASP A 282 -28.45 32.82 1.38
CA ASP A 282 -29.69 32.05 1.43
C ASP A 282 -30.93 32.78 0.87
N ASP A 283 -30.97 34.11 1.03
CA ASP A 283 -32.09 34.90 0.51
C ASP A 283 -32.09 35.08 -1.00
N TYR A 284 -30.96 34.83 -1.65
CA TYR A 284 -30.82 35.20 -3.05
C TYR A 284 -30.67 34.04 -4.00
N ILE A 285 -30.16 32.89 -3.53
CA ILE A 285 -30.01 31.75 -4.43
C ILE A 285 -31.38 31.09 -4.59
N GLU A 286 -31.74 30.76 -5.83
CA GLU A 286 -33.03 30.12 -6.10
C GLU A 286 -32.82 28.72 -6.69
N ILE A 287 -33.52 27.73 -6.15
CA ILE A 287 -33.39 26.37 -6.62
C ILE A 287 -34.78 25.93 -7.03
N THR A 288 -34.91 25.52 -8.28
CA THR A 288 -36.22 25.14 -8.84
C THR A 288 -36.55 23.71 -8.45
N GLY A 289 -37.72 23.53 -7.86
CA GLY A 289 -38.19 22.23 -7.46
C GLY A 289 -39.39 21.79 -8.27
N ALA A 290 -40.22 20.97 -7.64
CA ALA A 290 -41.36 20.38 -8.32
C ALA A 290 -42.31 21.47 -8.80
N GLY A 291 -42.78 21.31 -10.04
CA GLY A 291 -43.75 22.23 -10.64
C GLY A 291 -43.22 23.62 -10.88
N GLY A 292 -41.91 23.76 -11.00
CA GLY A 292 -41.31 25.09 -11.18
C GLY A 292 -41.22 25.98 -9.95
N LYS A 293 -41.76 25.55 -8.82
CA LYS A 293 -41.65 26.32 -7.58
C LYS A 293 -40.17 26.53 -7.16
N LYS A 294 -39.87 27.71 -6.61
CA LYS A 294 -38.50 28.08 -6.25
C LYS A 294 -38.26 27.84 -4.78
N TYR A 295 -37.07 27.35 -4.46
CA TYR A 295 -36.68 27.11 -3.09
C TYR A 295 -35.38 27.81 -2.81
N ARG A 296 -35.07 27.92 -1.52
CA ARG A 296 -33.81 28.44 -1.03
C ARG A 296 -32.92 27.27 -0.59
N ILE A 297 -31.65 27.55 -0.39
CA ILE A 297 -30.72 26.57 0.10
C ILE A 297 -31.30 25.89 1.35
N SER A 298 -31.83 26.70 2.27
CA SER A 298 -32.38 26.20 3.53
C SER A 298 -33.75 25.52 3.40
N THR A 299 -34.46 25.73 2.30
CA THR A 299 -35.77 25.07 2.14
C THR A 299 -35.79 23.98 1.09
N ALA A 300 -34.69 23.80 0.35
CA ALA A 300 -34.60 22.72 -0.66
C ALA A 300 -34.80 21.33 -0.03
N ILE A 301 -34.51 21.20 1.26
CA ILE A 301 -34.79 19.97 2.01
C ILE A 301 -36.27 19.57 2.07
N ASP A 302 -37.17 20.50 1.76
CA ASP A 302 -38.61 20.23 1.75
C ASP A 302 -39.13 19.69 0.40
N ASP A 303 -38.29 19.73 -0.64
CA ASP A 303 -38.67 19.22 -1.95
C ASP A 303 -37.50 18.47 -2.54
N MET A 304 -37.67 17.16 -2.72
CA MET A 304 -36.59 16.31 -3.21
C MET A 304 -36.11 16.65 -4.61
N GLU A 305 -37.01 17.13 -5.45
CA GLU A 305 -36.63 17.55 -6.80
C GLU A 305 -35.66 18.74 -6.75
N ALA A 306 -35.88 19.66 -5.81
CA ALA A 306 -34.95 20.77 -5.56
C ALA A 306 -33.67 20.28 -4.90
N TYR A 307 -33.83 19.40 -3.91
CA TYR A 307 -32.69 18.88 -3.15
C TYR A 307 -31.73 18.12 -4.07
N THR A 308 -32.28 17.40 -5.05
CA THR A 308 -31.48 16.71 -6.07
C THR A 308 -30.42 17.63 -6.68
N LYS A 309 -30.75 18.92 -6.83
CA LYS A 309 -29.84 19.87 -7.45
C LYS A 309 -29.02 20.68 -6.47
N LEU A 310 -29.04 20.30 -5.20
CA LEU A 310 -28.32 21.03 -4.16
C LEU A 310 -27.04 20.28 -3.79
N THR A 311 -25.90 20.74 -4.31
CA THR A 311 -24.61 20.07 -4.16
C THR A 311 -23.53 21.09 -3.85
N ASP A 312 -22.29 20.62 -3.81
CA ASP A 312 -21.12 21.48 -3.61
C ASP A 312 -21.05 22.64 -4.64
N ASN A 313 -21.67 22.47 -5.81
CA ASN A 313 -21.82 23.52 -6.82
C ASN A 313 -22.28 24.89 -6.28
N ILE A 314 -23.07 24.87 -5.21
CA ILE A 314 -23.54 26.12 -4.59
C ILE A 314 -22.36 27.02 -4.22
N PHE A 315 -21.29 26.39 -3.69
CA PHE A 315 -20.05 27.10 -3.36
C PHE A 315 -19.56 27.92 -4.57
N LEU A 316 -19.48 27.30 -5.73
CA LEU A 316 -18.92 27.97 -6.92
C LEU A 316 -19.88 28.95 -7.55
N GLU A 317 -21.16 28.62 -7.51
CA GLU A 317 -22.18 29.58 -7.94
C GLU A 317 -22.06 30.89 -7.13
N ILE A 318 -21.87 30.79 -5.83
CA ILE A 318 -21.64 32.00 -5.01
C ILE A 318 -20.31 32.67 -5.36
N LEU A 319 -19.25 31.89 -5.43
CA LEU A 319 -17.92 32.42 -5.69
C LEU A 319 -17.80 33.14 -7.02
N TYR A 320 -18.46 32.63 -8.06
CA TYR A 320 -18.37 33.22 -9.39
C TYR A 320 -19.49 34.21 -9.69
N SER A 321 -20.37 34.47 -8.72
CA SER A 321 -21.49 35.40 -8.92
C SER A 321 -21.00 36.82 -9.12
N THR A 322 -21.80 37.63 -9.82
CA THR A 322 -21.55 39.05 -9.99
C THR A 322 -22.65 39.92 -9.36
N ASP A 323 -23.76 39.30 -9.00
CA ASP A 323 -24.85 39.98 -8.31
C ASP A 323 -24.36 40.69 -7.04
N PRO A 324 -24.58 42.01 -6.95
CA PRO A 324 -24.24 42.78 -5.75
C PRO A 324 -24.88 42.25 -4.46
N LYS A 325 -26.04 41.63 -4.57
CA LYS A 325 -26.70 41.05 -3.42
C LYS A 325 -25.86 39.92 -2.80
N LEU A 326 -25.08 39.22 -3.61
CA LEU A 326 -24.25 38.12 -3.15
C LEU A 326 -22.84 38.56 -2.76
N LYS A 327 -22.61 39.86 -2.71
CA LYS A 327 -21.29 40.41 -2.48
C LYS A 327 -20.67 39.94 -1.17
N ASP A 328 -21.46 39.98 -0.09
CA ASP A 328 -20.99 39.60 1.24
C ASP A 328 -20.67 38.11 1.33
N ALA A 329 -21.54 37.28 0.79
CA ALA A 329 -21.30 35.84 0.73
C ALA A 329 -20.03 35.54 -0.08
N ARG A 330 -19.93 36.15 -1.26
CA ARG A 330 -18.80 36.00 -2.16
C ARG A 330 -17.49 36.44 -1.52
N GLU A 331 -17.52 37.50 -0.73
CA GLU A 331 -16.32 37.96 -0.02
C GLU A 331 -15.76 36.95 0.97
N ILE A 332 -16.66 36.28 1.69
CA ILE A 332 -16.22 35.24 2.65
C ILE A 332 -15.52 34.09 1.92
N LEU A 333 -16.11 33.64 0.82
CA LEU A 333 -15.49 32.58 0.03
C LEU A 333 -14.16 33.01 -0.57
N LYS A 334 -14.05 34.27 -0.97
CA LYS A 334 -12.79 34.78 -1.50
C LYS A 334 -11.71 34.80 -0.42
N GLN A 335 -12.10 35.02 0.83
CA GLN A 335 -11.14 34.93 1.94
C GLN A 335 -10.59 33.53 2.11
N ILE A 336 -11.43 32.54 1.84
CA ILE A 336 -10.98 31.15 1.83
C ILE A 336 -9.95 30.92 0.74
N GLU A 337 -10.20 31.41 -0.47
CA GLU A 337 -9.24 31.25 -1.57
C GLU A 337 -7.89 31.92 -1.32
N TYR A 338 -7.88 33.08 -0.68
CA TYR A 338 -6.62 33.74 -0.29
C TYR A 338 -6.06 33.16 1.01
N ARG A 339 -6.77 32.24 1.64
CA ARG A 339 -6.34 31.66 2.89
C ARG A 339 -6.25 32.72 4.00
N ASN A 340 -7.13 33.70 3.96
CA ASN A 340 -7.30 34.64 5.07
C ASN A 340 -8.40 34.10 5.94
N LEU A 341 -8.06 33.10 6.71
CA LEU A 341 -9.05 32.37 7.50
C LEU A 341 -9.09 32.93 8.90
N PHE A 342 -10.22 32.70 9.56
CA PHE A 342 -10.29 33.05 10.99
C PHE A 342 -9.19 32.26 11.72
N LYS A 343 -8.58 32.87 12.74
CA LYS A 343 -7.41 32.31 13.40
C LYS A 343 -7.77 31.50 14.63
N TYR A 344 -7.18 30.33 14.71
CA TYR A 344 -7.33 29.48 15.87
C TYR A 344 -6.60 30.06 17.08
N VAL A 345 -7.26 30.14 18.21
CA VAL A 345 -6.69 30.72 19.41
C VAL A 345 -6.26 29.59 20.35
N GLY A 346 -7.13 28.63 20.54
CA GLY A 346 -6.80 27.45 21.33
C GLY A 346 -7.96 26.53 21.61
N GLU A 347 -7.66 25.52 22.42
CA GLU A 347 -8.61 24.46 22.75
C GLU A 347 -8.60 24.24 24.26
N THR A 348 -9.75 23.90 24.81
CA THR A 348 -9.84 23.55 26.22
C THR A 348 -10.99 22.55 26.37
N GLN A 349 -11.15 22.01 27.58
CA GLN A 349 -12.25 21.10 27.90
C GLN A 349 -12.84 21.45 29.22
N PRO A 350 -14.13 21.15 29.40
CA PRO A 350 -14.74 21.28 30.71
C PRO A 350 -14.17 20.27 31.70
N THR A 351 -14.20 20.61 32.96
CA THR A 351 -13.60 19.83 34.01
C THR A 351 -14.66 19.27 34.92
N GLY A 352 -14.33 18.17 35.58
CA GLY A 352 -15.23 17.51 36.52
C GLY A 352 -16.52 17.17 35.84
N GLN A 353 -17.64 17.63 36.41
CA GLN A 353 -18.90 17.21 35.84
C GLN A 353 -19.19 17.84 34.45
N ILE A 354 -18.74 19.06 34.26
CA ILE A 354 -19.45 20.05 33.44
C ILE A 354 -19.66 19.70 31.97
N LYS A 355 -20.85 19.95 31.47
CA LYS A 355 -21.16 19.77 30.06
C LYS A 355 -21.87 21.00 29.50
N ILE A 356 -21.42 21.45 28.35
CA ILE A 356 -22.04 22.60 27.73
C ILE A 356 -23.22 22.15 26.85
N LYS A 357 -24.36 22.84 26.99
CA LYS A 357 -25.60 22.47 26.31
C LYS A 357 -25.71 23.21 24.99
N ARG A 358 -26.41 22.63 24.02
CA ARG A 358 -26.58 23.26 22.70
C ARG A 358 -27.20 24.64 22.78
N GLU A 359 -28.14 24.78 23.70
CA GLU A 359 -28.85 26.04 23.95
C GLU A 359 -27.89 27.16 24.39
N ASP A 360 -26.75 26.80 24.99
CA ASP A 360 -25.77 27.78 25.44
C ASP A 360 -24.67 28.12 24.45
N TYR A 361 -24.55 27.37 23.37
CA TYR A 361 -23.51 27.63 22.36
C TYR A 361 -23.40 29.09 21.93
N GLU A 362 -24.56 29.73 21.72
CA GLU A 362 -24.61 31.12 21.23
C GLU A 362 -24.09 32.14 22.27
N SER A 363 -24.22 31.82 23.55
CA SER A 363 -23.77 32.72 24.62
C SER A 363 -22.23 32.72 24.84
N LEU A 364 -21.55 31.75 24.26
CA LEU A 364 -20.12 31.55 24.58
C LEU A 364 -19.18 32.64 24.06
N PRO A 365 -19.34 33.10 22.80
CA PRO A 365 -18.54 34.26 22.34
C PRO A 365 -18.66 35.49 23.25
N LYS A 366 -19.88 35.75 23.74
CA LYS A 366 -20.15 36.77 24.76
C LYS A 366 -19.31 36.54 26.03
N GLU A 367 -19.28 35.33 26.54
CA GLU A 367 -18.52 35.07 27.74
C GLU A 367 -17.03 35.29 27.53
N VAL A 368 -16.50 34.84 26.40
CA VAL A 368 -15.07 35.01 26.15
C VAL A 368 -14.71 36.50 26.12
N ALA A 369 -15.51 37.28 25.39
CA ALA A 369 -15.32 38.73 25.31
C ALA A 369 -15.50 39.45 26.66
N SER A 370 -16.26 38.85 27.58
CA SER A 370 -16.48 39.41 28.92
C SER A 370 -15.37 39.12 29.92
N ALA A 371 -14.44 38.25 29.58
CA ALA A 371 -13.32 37.96 30.49
C ALA A 371 -12.46 39.22 30.68
N LYS A 372 -11.88 39.34 31.88
CA LYS A 372 -11.13 40.52 32.25
C LYS A 372 -9.71 40.15 32.59
N PRO A 373 -8.92 39.83 31.55
CA PRO A 373 -7.56 39.38 31.80
C PRO A 373 -6.76 40.55 32.37
N LYS A 374 -5.99 40.35 33.45
CA LYS A 374 -5.26 41.46 34.09
C LYS A 374 -3.92 41.66 33.40
N VAL A 375 -3.97 42.27 32.21
CA VAL A 375 -2.81 42.45 31.36
C VAL A 375 -3.05 43.68 30.53
N LEU A 376 -1.99 44.33 30.09
CA LEU A 376 -2.14 45.51 29.26
C LEU A 376 -2.47 45.11 27.82
N LEU A 377 -3.58 45.65 27.30
CA LEU A 377 -4.01 45.34 25.95
C LEU A 377 -4.22 46.59 25.12
N ASP A 378 -3.63 46.61 23.93
CA ASP A 378 -3.83 47.65 22.91
C ASP A 378 -5.26 47.71 22.38
N VAL A 379 -5.82 46.55 22.13
CA VAL A 379 -7.11 46.44 21.48
C VAL A 379 -8.09 45.72 22.40
N LYS A 380 -9.35 46.08 22.28
CA LYS A 380 -10.43 45.44 22.99
C LYS A 380 -11.25 44.67 21.96
N LEU A 381 -11.59 43.43 22.28
CA LEU A 381 -12.33 42.58 21.34
C LEU A 381 -13.78 42.45 21.77
N LYS A 382 -14.64 42.26 20.78
CA LYS A 382 -16.06 42.13 20.99
C LYS A 382 -16.51 40.69 20.73
N ALA A 383 -17.71 40.37 21.19
CA ALA A 383 -18.27 39.03 21.07
C ALA A 383 -18.25 38.57 19.62
N GLU A 384 -18.64 39.44 18.70
CA GLU A 384 -18.66 39.12 17.27
C GLU A 384 -17.29 38.80 16.67
N ASP A 385 -16.20 39.11 17.37
CA ASP A 385 -14.85 38.75 16.93
C ASP A 385 -14.46 37.30 17.25
N PHE A 386 -15.22 36.63 18.09
CA PHE A 386 -14.91 35.30 18.54
C PHE A 386 -15.84 34.26 17.97
N ILE A 387 -15.27 33.12 17.59
CA ILE A 387 -16.05 31.93 17.30
C ILE A 387 -15.68 30.85 18.30
N VAL A 388 -16.70 30.24 18.89
CA VAL A 388 -16.50 29.19 19.86
C VAL A 388 -17.18 27.93 19.36
N ASP A 389 -16.39 26.88 19.10
CA ASP A 389 -16.89 25.65 18.49
C ASP A 389 -16.86 24.56 19.56
N VAL A 390 -17.99 23.95 19.82
CA VAL A 390 -18.09 22.90 20.83
C VAL A 390 -18.26 21.58 20.12
N ILE A 391 -17.39 20.63 20.43
CA ILE A 391 -17.35 19.35 19.72
C ILE A 391 -17.53 18.23 20.71
N ASN A 392 -18.55 17.43 20.46
CA ASN A 392 -18.83 16.23 21.25
C ASN A 392 -18.14 15.02 20.67
N MET A 393 -17.22 14.47 21.42
CA MET A 393 -16.45 13.30 21.00
C MET A 393 -16.95 12.15 21.83
N ASP A 394 -17.28 11.04 21.17
CA ASP A 394 -17.65 9.83 21.90
C ASP A 394 -17.47 8.57 21.05
N TYR A 395 -17.81 7.43 21.63
CA TYR A 395 -17.72 6.13 20.94
C TYR A 395 -19.06 5.78 20.24
N GLY A 396 -19.80 6.81 19.83
CA GLY A 396 -21.03 6.63 19.08
C GLY A 396 -22.29 6.49 19.88
N MET A 397 -22.21 6.37 21.21
CA MET A 397 -23.42 6.16 22.04
C MET A 397 -23.40 7.00 23.32
N GLN A 398 -23.08 8.27 23.19
CA GLN A 398 -23.01 9.17 24.34
C GLN A 398 -22.04 8.61 25.37
N GLU A 399 -22.43 8.58 26.64
CA GLU A 399 -21.59 8.05 27.71
C GLU A 399 -21.45 6.52 27.71
N LYS A 400 -22.22 5.81 26.90
CA LYS A 400 -22.20 4.34 26.93
C LYS A 400 -21.03 3.72 26.16
N ASN A 401 -20.55 2.60 26.69
CA ASN A 401 -19.58 1.74 26.02
C ASN A 401 -20.29 0.85 25.00
N PRO A 402 -20.03 1.06 23.70
CA PRO A 402 -20.77 0.27 22.70
C PRO A 402 -20.46 -1.23 22.73
N ILE A 403 -19.31 -1.61 23.28
CA ILE A 403 -18.95 -3.05 23.38
C ILE A 403 -19.82 -3.78 24.43
N ASP A 404 -20.38 -3.06 25.41
CA ASP A 404 -21.40 -3.66 26.27
C ASP A 404 -22.67 -4.05 25.52
N HIS A 405 -22.84 -3.58 24.29
CA HIS A 405 -24.01 -3.92 23.48
C HIS A 405 -23.67 -4.81 22.28
N VAL A 406 -22.59 -5.57 22.41
CA VAL A 406 -22.16 -6.55 21.42
C VAL A 406 -22.25 -7.93 22.03
N SER A 407 -22.69 -8.88 21.22
CA SER A 407 -22.80 -10.28 21.63
C SER A 407 -21.68 -11.10 21.03
N PHE A 408 -21.12 -12.00 21.82
CA PHE A 408 -19.98 -12.81 21.38
C PHE A 408 -20.28 -14.30 21.47
N TYR A 409 -19.47 -15.11 20.79
CA TYR A 409 -19.56 -16.56 20.94
C TYR A 409 -18.16 -17.10 21.08
N CYS A 410 -18.08 -18.24 21.73
CA CYS A 410 -16.82 -18.93 21.95
C CYS A 410 -16.69 -20.10 21.01
N LYS A 411 -15.45 -20.48 20.79
CA LYS A 411 -15.12 -21.61 19.92
C LYS A 411 -15.70 -22.94 20.42
N THR A 412 -15.75 -23.15 21.72
CA THR A 412 -16.29 -24.38 22.27
C THR A 412 -17.83 -24.49 22.23
N ALA A 413 -18.54 -23.37 22.07
CA ALA A 413 -20.02 -23.36 22.00
C ALA A 413 -20.56 -22.31 21.02
N PRO A 414 -20.40 -22.54 19.70
CA PRO A 414 -20.64 -21.50 18.70
C PRO A 414 -22.05 -20.94 18.65
N ASN A 415 -23.01 -21.63 19.23
CA ASN A 415 -24.40 -21.21 19.18
C ASN A 415 -24.85 -20.53 20.44
N ARG A 416 -23.96 -20.43 21.43
CA ARG A 416 -24.28 -19.76 22.67
C ARG A 416 -23.66 -18.35 22.77
N ALA A 417 -24.52 -17.34 22.75
CA ALA A 417 -24.10 -15.95 22.83
C ALA A 417 -23.72 -15.58 24.27
N ILE A 418 -22.67 -14.78 24.42
CA ILE A 418 -22.21 -14.33 25.72
C ILE A 418 -21.89 -12.83 25.67
N ARG A 419 -21.72 -12.26 26.86
CA ARG A 419 -21.31 -10.88 27.03
C ARG A 419 -19.90 -10.86 27.57
N ILE A 420 -19.15 -9.84 27.19
CA ILE A 420 -17.81 -9.62 27.72
C ILE A 420 -17.75 -8.19 28.22
N THR A 421 -17.39 -7.99 29.50
CA THR A 421 -17.27 -6.66 30.08
C THR A 421 -15.88 -6.08 29.86
N LYS A 422 -15.75 -4.78 30.07
CA LYS A 422 -14.46 -4.07 29.91
C LYS A 422 -13.36 -4.69 30.79
N ASN A 423 -13.68 -5.02 32.04
CA ASN A 423 -12.71 -5.58 32.96
C ASN A 423 -12.18 -6.96 32.58
N GLN A 424 -12.93 -7.67 31.75
CA GLN A 424 -12.46 -8.93 31.25
C GLN A 424 -11.49 -8.77 30.10
N VAL A 425 -11.31 -7.54 29.61
CA VAL A 425 -10.49 -7.33 28.42
C VAL A 425 -9.15 -6.71 28.78
N SER A 426 -9.20 -5.53 29.39
CA SER A 426 -7.97 -4.79 29.66
C SER A 426 -8.26 -3.64 30.58
N GLN A 427 -7.29 -3.34 31.43
CA GLN A 427 -7.32 -2.12 32.26
C GLN A 427 -6.73 -0.90 31.56
N LEU A 428 -6.21 -1.07 30.33
CA LEU A 428 -5.64 0.04 29.55
C LEU A 428 -6.67 0.73 28.64
N LEU A 429 -7.95 0.42 28.81
CA LEU A 429 -9.01 0.95 27.97
C LEU A 429 -9.52 2.27 28.57
N PRO A 430 -10.30 3.03 27.80
CA PRO A 430 -10.86 4.28 28.34
C PRO A 430 -11.76 4.03 29.55
N GLU A 431 -11.72 4.93 30.53
CA GLU A 431 -12.66 4.89 31.66
C GLU A 431 -13.93 5.66 31.32
N LYS A 432 -13.85 6.55 30.33
CA LYS A 432 -15.00 7.33 29.87
C LYS A 432 -15.12 7.22 28.37
N PHE A 433 -16.33 7.36 27.88
CA PHE A 433 -16.64 7.16 26.47
C PHE A 433 -17.21 8.39 25.76
N ALA A 434 -17.30 9.50 26.49
CA ALA A 434 -17.73 10.78 25.92
C ALA A 434 -17.01 11.97 26.58
N GLU A 435 -16.78 13.02 25.78
CA GLU A 435 -16.15 14.26 26.24
C GLU A 435 -16.45 15.40 25.27
N GLN A 436 -16.18 16.63 25.71
CA GLN A 436 -16.31 17.80 24.87
C GLN A 436 -15.01 18.56 24.70
N LEU A 437 -14.76 18.99 23.46
CA LEU A 437 -13.67 19.91 23.15
C LEU A 437 -14.26 21.27 22.83
N ILE A 438 -13.61 22.33 23.30
CA ILE A 438 -14.03 23.70 22.99
C ILE A 438 -12.89 24.38 22.26
N ARG A 439 -13.13 24.77 21.01
CA ARG A 439 -12.14 25.51 20.24
C ARG A 439 -12.58 26.93 20.12
N VAL A 440 -11.64 27.85 20.28
CA VAL A 440 -11.90 29.25 20.13
C VAL A 440 -11.07 29.79 18.99
N TYR A 441 -11.72 30.61 18.17
CA TYR A 441 -11.07 31.28 17.04
C TYR A 441 -11.34 32.77 17.10
N CYS A 442 -10.49 33.56 16.45
CA CYS A 442 -10.67 35.00 16.35
C CYS A 442 -10.82 35.41 14.89
N LYS A 443 -11.82 36.22 14.60
CA LYS A 443 -12.04 36.73 13.26
C LYS A 443 -11.09 37.86 12.89
N LYS A 444 -10.44 38.46 13.89
CA LYS A 444 -9.43 39.51 13.68
C LYS A 444 -8.05 38.88 13.69
N VAL A 445 -7.36 38.98 12.55
CA VAL A 445 -6.19 38.16 12.29
C VAL A 445 -4.85 38.88 12.53
N ASP A 446 -4.86 40.18 12.79
CA ASP A 446 -3.62 40.92 13.04
C ASP A 446 -2.96 40.54 14.36
N ARG A 447 -1.68 40.87 14.47
CA ARG A 447 -0.84 40.47 15.60
C ARG A 447 -1.38 40.93 16.96
N LYS A 448 -1.84 42.16 17.05
CA LYS A 448 -2.32 42.70 18.32
C LYS A 448 -3.65 42.11 18.76
N SER A 449 -4.53 41.87 17.80
CA SER A 449 -5.80 41.22 18.08
C SER A 449 -5.61 39.80 18.60
N LEU A 450 -4.74 39.08 17.91
CA LEU A 450 -4.41 37.71 18.24
C LEU A 450 -3.85 37.61 19.66
N TYR A 451 -2.92 38.51 19.98
CA TYR A 451 -2.34 38.56 21.32
C TYR A 451 -3.43 38.75 22.38
N ALA A 452 -4.34 39.68 22.10
CA ALA A 452 -5.44 39.96 23.00
C ALA A 452 -6.37 38.75 23.13
N ALA A 453 -6.73 38.17 21.99
CA ALA A 453 -7.63 36.98 21.96
C ALA A 453 -7.10 35.87 22.85
N ARG A 454 -5.79 35.65 22.81
CA ARG A 454 -5.17 34.66 23.66
C ARG A 454 -5.30 34.95 25.15
N GLN A 455 -5.23 36.22 25.53
CA GLN A 455 -5.38 36.61 26.94
C GLN A 455 -6.81 36.40 27.42
N TYR A 456 -7.78 36.88 26.62
CA TYR A 456 -9.18 36.62 26.92
C TYR A 456 -9.48 35.13 27.08
N PHE A 457 -9.02 34.35 26.12
CA PHE A 457 -9.32 32.91 26.03
C PHE A 457 -8.82 32.21 27.27
N VAL A 458 -7.57 32.47 27.62
CA VAL A 458 -7.00 31.80 28.80
C VAL A 458 -7.64 32.27 30.08
N GLN A 459 -7.97 33.56 30.13
CA GLN A 459 -8.67 34.09 31.30
C GLN A 459 -10.04 33.41 31.47
N TRP A 460 -10.76 33.30 30.35
CA TRP A 460 -12.05 32.62 30.33
C TRP A 460 -11.94 31.18 30.80
N CYS A 461 -10.93 30.44 30.31
CA CYS A 461 -10.68 29.08 30.78
C CYS A 461 -10.52 29.05 32.29
N ALA A 462 -9.73 29.98 32.82
CA ALA A 462 -9.47 30.07 34.24
C ALA A 462 -10.75 30.34 35.00
N ASP A 463 -11.51 31.36 34.58
CA ASP A 463 -12.77 31.70 35.24
C ASP A 463 -13.76 30.53 35.26
N ARG A 464 -13.83 29.78 34.17
CA ARG A 464 -14.77 28.66 34.06
C ARG A 464 -14.24 27.36 34.65
N ASN A 465 -12.99 27.35 35.10
CA ASN A 465 -12.35 26.11 35.57
C ASN A 465 -12.23 25.04 34.50
N PHE A 466 -11.99 25.44 33.26
CA PHE A 466 -11.70 24.51 32.19
C PHE A 466 -10.25 24.09 32.28
N THR A 467 -9.86 23.12 31.48
CA THR A 467 -8.49 22.64 31.50
C THR A 467 -7.56 23.72 30.97
N LYS A 468 -6.34 23.70 31.46
CA LYS A 468 -5.32 24.61 30.98
C LYS A 468 -4.96 24.31 29.53
N PRO A 469 -5.12 25.28 28.63
CA PRO A 469 -4.69 25.02 27.26
C PRO A 469 -3.23 24.58 27.23
N GLN A 470 -2.91 23.73 26.27
CA GLN A 470 -1.61 23.10 26.21
C GLN A 470 -0.47 24.11 26.16
N ASP A 471 -0.65 25.19 25.42
CA ASP A 471 0.37 26.23 25.29
C ASP A 471 0.09 27.45 26.17
N GLY A 472 -0.74 27.26 27.19
CA GLY A 472 -1.19 28.34 28.06
C GLY A 472 -0.09 29.21 28.64
N ASP A 473 0.95 28.56 29.15
CA ASP A 473 2.06 29.30 29.75
C ASP A 473 2.85 30.10 28.75
N VAL A 474 2.86 29.66 27.50
CA VAL A 474 3.54 30.38 26.45
C VAL A 474 2.69 31.53 25.94
N ILE A 475 1.42 31.29 25.67
CA ILE A 475 0.59 32.32 25.03
C ILE A 475 0.07 33.36 26.02
N ALA A 476 0.02 33.01 27.31
CA ALA A 476 -0.54 33.89 28.32
C ALA A 476 0.19 33.70 29.65
N PRO A 477 1.49 34.04 29.67
CA PRO A 477 2.32 33.81 30.86
C PRO A 477 1.89 34.61 32.07
N LEU A 478 1.23 35.75 31.87
CA LEU A 478 0.75 36.55 32.98
C LEU A 478 -0.56 36.04 33.57
N ILE A 479 -1.28 35.19 32.83
CA ILE A 479 -2.60 34.76 33.24
C ILE A 479 -2.54 33.43 34.00
N THR A 480 -1.74 32.49 33.51
CA THR A 480 -1.74 31.12 34.05
C THR A 480 -1.26 30.95 35.51
N PRO A 481 -0.41 31.87 36.01
CA PRO A 481 0.01 31.75 37.41
C PRO A 481 -1.11 31.92 38.45
N GLN A 482 -2.18 32.63 38.09
CA GLN A 482 -3.25 32.96 39.03
C GLN A 482 -4.05 31.72 39.43
N LYS A 483 -3.88 30.65 38.66
CA LYS A 483 -4.62 29.42 38.86
C LYS A 483 -3.72 28.35 39.46
N LYS A 484 -3.86 28.11 40.76
CA LYS A 484 -3.06 27.09 41.47
C LYS A 484 -3.30 25.68 40.97
N GLU A 485 -4.54 25.43 40.57
CA GLU A 485 -4.93 24.14 40.01
C GLU A 485 -4.10 23.81 38.76
N TRP A 486 -3.66 24.83 38.02
CA TRP A 486 -2.77 24.66 36.88
C TRP A 486 -1.28 24.69 37.23
N ASN A 487 -0.93 25.09 38.44
CA ASN A 487 0.47 25.50 38.77
C ASN A 487 0.83 26.78 38.01
N ASP B 1 -11.67 -31.70 13.42
CA ASP B 1 -11.01 -30.83 12.43
C ASP B 1 -12.01 -29.84 11.86
N THR B 2 -11.70 -28.55 11.99
CA THR B 2 -12.51 -27.51 11.37
C THR B 2 -11.63 -26.63 10.47
N MET B 3 -12.27 -25.71 9.77
CA MET B 3 -11.58 -24.79 8.92
C MET B 3 -10.67 -23.87 9.77
N LYS B 4 -9.46 -23.60 9.30
CA LYS B 4 -8.60 -22.56 9.88
C LYS B 4 -8.52 -21.33 9.01
N VAL B 5 -8.42 -20.18 9.67
CA VAL B 5 -8.24 -18.92 9.02
C VAL B 5 -6.80 -18.50 9.28
N ILE B 6 -6.17 -18.03 8.23
CA ILE B 6 -4.83 -17.55 8.31
C ILE B 6 -4.69 -16.18 7.72
N ASN B 7 -3.94 -15.32 8.41
CA ASN B 7 -3.72 -13.97 7.92
C ASN B 7 -2.48 -13.87 7.05
N ASP B 8 -2.67 -13.69 5.78
CA ASP B 8 -1.57 -13.49 4.81
C ASP B 8 -1.46 -12.00 4.43
N PRO B 9 -0.26 -11.44 4.42
CA PRO B 9 -0.18 -10.01 4.04
C PRO B 9 -0.62 -9.71 2.60
N ILE B 10 -0.59 -10.67 1.70
CA ILE B 10 -0.99 -10.42 0.31
C ILE B 10 -2.49 -10.57 0.14
N HIS B 11 -3.05 -11.64 0.64
CA HIS B 11 -4.45 -11.99 0.37
C HIS B 11 -5.40 -11.69 1.50
N GLY B 12 -4.88 -11.27 2.64
CA GLY B 12 -5.70 -11.08 3.85
C GLY B 12 -6.03 -12.40 4.52
N HIS B 13 -7.18 -12.44 5.16
CA HIS B 13 -7.61 -13.64 5.84
C HIS B 13 -8.16 -14.70 4.89
N ILE B 14 -7.46 -15.84 4.83
CA ILE B 14 -7.72 -16.96 3.95
C ILE B 14 -8.29 -18.12 4.81
N GLU B 15 -9.33 -18.78 4.31
CA GLU B 15 -9.90 -19.95 4.93
C GLU B 15 -9.28 -21.23 4.37
N LEU B 16 -8.87 -22.13 5.24
CA LEU B 16 -8.33 -23.41 4.81
C LEU B 16 -9.19 -24.56 5.29
N HIS B 17 -9.64 -25.34 4.34
CA HIS B 17 -10.39 -26.55 4.60
C HIS B 17 -9.55 -27.53 5.44
N PRO B 18 -10.17 -28.31 6.37
CA PRO B 18 -9.39 -29.16 7.28
C PRO B 18 -8.48 -30.19 6.61
N LEU B 19 -8.85 -30.66 5.44
CA LEU B 19 -7.97 -31.53 4.67
C LEU B 19 -6.66 -30.83 4.26
N LEU B 20 -6.78 -29.58 3.85
CA LEU B 20 -5.58 -28.80 3.53
C LEU B 20 -4.71 -28.58 4.78
N VAL B 21 -5.35 -28.29 5.91
CA VAL B 21 -4.63 -28.12 7.17
C VAL B 21 -3.82 -29.38 7.51
N ARG B 22 -4.42 -30.55 7.28
CA ARG B 22 -3.74 -31.81 7.52
C ARG B 22 -2.50 -32.00 6.65
N ILE B 23 -2.59 -31.61 5.39
CA ILE B 23 -1.45 -31.68 4.49
C ILE B 23 -0.34 -30.68 4.91
N ILE B 24 -0.74 -29.49 5.35
CA ILE B 24 0.19 -28.43 5.74
C ILE B 24 0.96 -28.78 7.02
N ASP B 25 0.31 -29.43 7.96
CA ASP B 25 0.92 -29.74 9.24
C ASP B 25 1.65 -31.09 9.20
N THR B 26 2.57 -31.17 8.25
CA THR B 26 3.46 -32.29 8.09
C THR B 26 4.89 -31.77 7.95
N PRO B 27 5.90 -32.60 8.31
CA PRO B 27 7.28 -32.22 8.09
C PRO B 27 7.59 -31.90 6.62
N GLN B 28 6.91 -32.56 5.69
CA GLN B 28 7.21 -32.40 4.26
C GLN B 28 6.76 -31.06 3.75
N PHE B 29 5.70 -30.53 4.33
CA PHE B 29 5.25 -29.19 3.96
C PHE B 29 5.93 -28.09 4.77
N GLN B 30 6.07 -28.32 6.07
CA GLN B 30 6.68 -27.32 6.95
C GLN B 30 8.13 -27.01 6.59
N ARG B 31 8.77 -27.99 5.99
CA ARG B 31 10.07 -27.82 5.34
C ARG B 31 10.21 -26.51 4.50
N LEU B 32 9.14 -26.12 3.83
CA LEU B 32 9.16 -24.96 2.98
C LEU B 32 9.33 -23.64 3.72
N ARG B 33 9.18 -23.65 5.03
CA ARG B 33 9.49 -22.50 5.85
C ARG B 33 11.00 -22.17 5.85
N TYR B 34 11.84 -23.11 5.43
CA TYR B 34 13.28 -22.97 5.55
C TYR B 34 13.93 -22.91 4.18
N ILE B 35 13.14 -22.53 3.18
CA ILE B 35 13.64 -22.37 1.81
C ILE B 35 13.22 -21.00 1.25
N LYS B 36 14.18 -20.11 1.07
CA LYS B 36 13.91 -18.77 0.54
C LYS B 36 13.37 -18.86 -0.87
N GLN B 37 12.30 -18.15 -1.11
CA GLN B 37 11.68 -18.05 -2.40
C GLN B 37 12.68 -17.60 -3.48
N LEU B 38 13.42 -16.54 -3.19
CA LEU B 38 14.31 -15.92 -4.18
C LEU B 38 15.76 -16.30 -4.02
N GLY B 39 16.05 -17.29 -3.17
CA GLY B 39 17.42 -17.78 -2.98
C GLY B 39 18.39 -16.69 -2.59
N GLY B 40 19.46 -16.50 -3.37
CA GLY B 40 20.43 -15.43 -3.12
C GLY B 40 19.94 -14.00 -3.29
N GLY B 41 18.78 -13.82 -3.90
CA GLY B 41 18.14 -12.51 -3.98
C GLY B 41 18.03 -11.76 -2.65
N TYR B 42 17.90 -12.49 -1.52
CA TYR B 42 17.83 -11.88 -0.18
C TYR B 42 19.09 -11.11 0.17
N TYR B 43 20.19 -11.50 -0.45
CA TYR B 43 21.50 -10.88 -0.24
C TYR B 43 21.69 -9.61 -1.07
N VAL B 44 20.69 -9.27 -1.87
CA VAL B 44 20.67 -8.04 -2.62
C VAL B 44 19.46 -7.18 -2.22
N PHE B 45 18.29 -7.83 -2.06
CA PHE B 45 17.06 -7.16 -1.68
C PHE B 45 16.72 -7.61 -0.26
N PRO B 46 17.06 -6.81 0.74
CA PRO B 46 16.84 -7.26 2.14
C PRO B 46 15.41 -7.49 2.61
N GLY B 47 14.44 -6.97 1.86
CA GLY B 47 13.05 -7.30 2.11
C GLY B 47 12.63 -8.70 1.66
N ALA B 48 13.42 -9.33 0.77
CA ALA B 48 13.08 -10.65 0.23
C ALA B 48 13.45 -11.80 1.17
N SER B 49 12.91 -11.77 2.38
CA SER B 49 13.14 -12.79 3.37
C SER B 49 12.09 -13.89 3.28
N HIS B 50 11.11 -13.73 2.41
CA HIS B 50 10.05 -14.71 2.27
C HIS B 50 10.50 -16.12 1.76
N ASN B 51 9.80 -17.11 2.28
CA ASN B 51 10.05 -18.48 1.98
C ASN B 51 8.95 -19.10 1.12
N ARG B 52 9.23 -20.28 0.61
CA ARG B 52 8.31 -21.01 -0.24
C ARG B 52 6.99 -21.39 0.44
N PHE B 53 7.01 -21.56 1.79
CA PHE B 53 5.84 -21.94 2.55
C PHE B 53 4.68 -20.97 2.30
N GLU B 54 4.91 -19.68 2.52
CA GLU B 54 3.83 -18.71 2.44
C GLU B 54 3.38 -18.49 1.00
N HIS B 55 4.29 -18.62 0.05
CA HIS B 55 3.93 -18.61 -1.37
C HIS B 55 2.98 -19.76 -1.70
N SER B 56 3.29 -20.96 -1.20
CA SER B 56 2.45 -22.13 -1.42
C SER B 56 1.02 -21.96 -0.91
N LEU B 57 0.85 -21.42 0.30
CA LEU B 57 -0.47 -21.10 0.83
C LEU B 57 -1.20 -20.18 -0.13
N GLY B 58 -0.53 -19.15 -0.62
CA GLY B 58 -1.15 -18.22 -1.55
C GLY B 58 -1.58 -18.86 -2.88
N VAL B 59 -0.76 -19.75 -3.42
CA VAL B 59 -1.09 -20.45 -4.66
C VAL B 59 -2.32 -21.32 -4.46
N GLY B 60 -2.37 -22.02 -3.32
CA GLY B 60 -3.51 -22.87 -2.95
C GLY B 60 -4.77 -22.06 -2.82
N TYR B 61 -4.66 -20.89 -2.22
CA TYR B 61 -5.80 -20.01 -2.07
C TYR B 61 -6.29 -19.52 -3.42
N LEU B 62 -5.41 -19.00 -4.26
CA LEU B 62 -5.83 -18.45 -5.56
C LEU B 62 -6.40 -19.51 -6.47
N ALA B 63 -5.88 -20.74 -6.40
CA ALA B 63 -6.40 -21.83 -7.17
C ALA B 63 -7.86 -22.08 -6.78
N GLY B 64 -8.13 -22.11 -5.48
CA GLY B 64 -9.50 -22.20 -4.96
C GLY B 64 -10.40 -21.07 -5.44
N CYS B 65 -9.88 -19.84 -5.42
CA CYS B 65 -10.68 -18.68 -5.88
C CYS B 65 -11.12 -18.82 -7.34
N LEU B 66 -10.20 -19.24 -8.21
CA LEU B 66 -10.51 -19.32 -9.62
C LEU B 66 -11.49 -20.45 -9.90
N VAL B 67 -11.24 -21.62 -9.33
CA VAL B 67 -12.14 -22.76 -9.60
C VAL B 67 -13.54 -22.49 -9.03
N HIS B 68 -13.63 -21.89 -7.85
CA HIS B 68 -14.94 -21.43 -7.33
C HIS B 68 -15.64 -20.43 -8.22
N ALA B 69 -14.90 -19.45 -8.70
CA ALA B 69 -15.52 -18.44 -9.58
C ALA B 69 -16.10 -19.07 -10.84
N LEU B 70 -15.36 -19.99 -11.46
CA LEU B 70 -15.84 -20.64 -12.67
C LEU B 70 -17.12 -21.46 -12.38
N GLY B 71 -17.11 -22.19 -11.27
CA GLY B 71 -18.26 -23.01 -10.89
C GLY B 71 -19.51 -22.20 -10.62
N GLU B 72 -19.33 -21.05 -9.99
CA GLU B 72 -20.44 -20.18 -9.63
C GLU B 72 -21.07 -19.52 -10.85
N LYS B 73 -20.25 -19.05 -11.77
CA LYS B 73 -20.74 -18.44 -13.00
C LYS B 73 -21.26 -19.48 -14.01
N GLN B 74 -20.68 -20.68 -14.03
CA GLN B 74 -21.07 -21.71 -14.98
C GLN B 74 -21.32 -23.05 -14.28
N PRO B 75 -22.49 -23.19 -13.63
CA PRO B 75 -22.90 -24.44 -13.00
C PRO B 75 -22.90 -25.63 -13.97
N GLU B 76 -23.15 -25.35 -15.25
CA GLU B 76 -23.19 -26.40 -16.28
C GLU B 76 -21.84 -27.10 -16.49
N LEU B 77 -20.76 -26.55 -15.93
CA LEU B 77 -19.46 -27.25 -15.92
C LEU B 77 -19.41 -28.41 -14.95
N GLN B 78 -20.32 -28.44 -13.98
CA GLN B 78 -20.37 -29.50 -12.99
C GLN B 78 -19.08 -29.64 -12.18
N ILE B 79 -18.54 -28.51 -11.77
CA ILE B 79 -17.41 -28.52 -10.87
C ILE B 79 -17.90 -28.99 -9.50
N SER B 80 -17.28 -30.01 -8.96
CA SER B 80 -17.63 -30.53 -7.63
C SER B 80 -16.71 -30.03 -6.55
N GLU B 81 -17.12 -30.24 -5.31
CA GLU B 81 -16.29 -29.88 -4.15
C GLU B 81 -15.00 -30.70 -4.16
N ARG B 82 -15.11 -31.91 -4.63
CA ARG B 82 -13.96 -32.73 -4.86
C ARG B 82 -12.93 -32.09 -5.85
N ASP B 83 -13.42 -31.55 -6.96
CA ASP B 83 -12.57 -30.84 -7.92
C ASP B 83 -11.84 -29.64 -7.25
N VAL B 84 -12.59 -28.87 -6.47
CA VAL B 84 -12.07 -27.72 -5.81
C VAL B 84 -10.92 -28.12 -4.88
N LEU B 85 -11.15 -29.12 -4.05
CA LEU B 85 -10.13 -29.54 -3.11
C LEU B 85 -8.91 -30.08 -3.83
N CYS B 86 -9.10 -30.81 -4.91
CA CYS B 86 -7.96 -31.33 -5.68
C CYS B 86 -7.13 -30.23 -6.32
N VAL B 87 -7.80 -29.19 -6.80
CA VAL B 87 -7.09 -28.06 -7.39
C VAL B 87 -6.32 -27.30 -6.30
N GLN B 88 -6.95 -27.08 -5.16
CA GLN B 88 -6.28 -26.41 -4.05
C GLN B 88 -5.07 -27.19 -3.56
N ILE B 89 -5.21 -28.51 -3.47
CA ILE B 89 -4.08 -29.35 -3.03
C ILE B 89 -2.91 -29.27 -4.00
N ALA B 90 -3.17 -29.33 -5.30
CA ALA B 90 -2.12 -29.19 -6.30
C ALA B 90 -1.46 -27.83 -6.18
N GLY B 91 -2.27 -26.80 -6.00
CA GLY B 91 -1.71 -25.48 -5.77
C GLY B 91 -0.79 -25.41 -4.55
N LEU B 92 -1.24 -25.95 -3.41
CA LEU B 92 -0.44 -25.98 -2.19
C LEU B 92 0.82 -26.74 -2.37
N CYS B 93 0.79 -27.80 -3.16
CA CYS B 93 1.88 -28.74 -3.21
C CYS B 93 2.82 -28.60 -4.41
N ARG B 94 2.59 -27.67 -5.32
CA ARG B 94 3.50 -27.57 -6.47
C ARG B 94 4.90 -27.05 -6.16
N ASN B 95 5.11 -26.46 -5.00
CA ASN B 95 6.45 -26.04 -4.62
C ASN B 95 7.18 -26.98 -3.69
N LEU B 96 6.57 -28.13 -3.38
CA LEU B 96 7.18 -29.09 -2.46
C LEU B 96 8.56 -29.58 -2.87
N GLY B 97 8.84 -29.62 -4.17
CA GLY B 97 10.12 -30.14 -4.67
C GLY B 97 11.32 -29.19 -4.65
N HIS B 98 11.12 -27.95 -4.27
CA HIS B 98 12.21 -27.01 -4.24
C HIS B 98 13.26 -27.41 -3.21
N GLY B 99 14.51 -27.11 -3.57
CA GLY B 99 15.66 -27.41 -2.72
C GLY B 99 16.20 -26.13 -2.14
N PRO B 100 17.32 -26.22 -1.39
CA PRO B 100 17.95 -25.08 -0.78
C PRO B 100 18.11 -23.91 -1.76
N PHE B 101 17.67 -22.73 -1.33
CA PHE B 101 17.72 -21.50 -2.14
C PHE B 101 17.01 -21.63 -3.49
N SER B 102 15.93 -22.41 -3.50
CA SER B 102 15.04 -22.55 -4.65
C SER B 102 15.78 -22.80 -5.98
N HIS B 103 15.76 -21.84 -6.91
CA HIS B 103 16.29 -22.07 -8.28
C HIS B 103 17.79 -22.28 -8.38
N MET B 104 18.51 -21.89 -7.34
CA MET B 104 19.90 -22.24 -7.21
C MET B 104 20.11 -23.75 -7.24
N PHE B 105 19.28 -24.48 -6.51
CA PHE B 105 19.48 -25.90 -6.33
C PHE B 105 19.31 -26.68 -7.63
N ASP B 106 18.21 -26.46 -8.35
CA ASP B 106 18.00 -27.21 -9.58
C ASP B 106 18.50 -26.53 -10.84
N GLY B 107 18.71 -25.22 -10.77
CA GLY B 107 19.23 -24.48 -11.90
C GLY B 107 20.75 -24.48 -11.96
N ARG B 108 21.42 -24.57 -10.82
CA ARG B 108 22.89 -24.51 -10.78
C ARG B 108 23.53 -25.74 -10.17
N PHE B 109 23.12 -26.12 -8.97
CA PHE B 109 23.84 -27.13 -8.19
C PHE B 109 23.68 -28.52 -8.74
N ILE B 110 22.45 -28.97 -8.94
CA ILE B 110 22.23 -30.31 -9.45
C ILE B 110 22.84 -30.58 -10.83
N PRO B 111 22.68 -29.65 -11.78
CA PRO B 111 23.34 -29.82 -13.11
C PRO B 111 24.85 -29.98 -13.04
N LEU B 112 25.50 -29.28 -12.13
CA LEU B 112 26.95 -29.45 -11.91
C LEU B 112 27.33 -30.67 -11.07
N ALA B 113 26.58 -30.97 -10.01
CA ALA B 113 26.86 -32.13 -9.17
C ALA B 113 26.50 -33.46 -9.81
N ARG B 114 25.38 -33.53 -10.51
CA ARG B 114 24.89 -34.79 -11.12
C ARG B 114 24.53 -34.53 -12.57
N PRO B 115 25.53 -34.29 -13.41
CA PRO B 115 25.25 -33.93 -14.80
C PRO B 115 24.46 -35.00 -15.57
N GLU B 116 24.64 -36.27 -15.21
CA GLU B 116 23.92 -37.36 -15.85
C GLU B 116 22.41 -37.37 -15.56
N VAL B 117 22.00 -36.85 -14.41
CA VAL B 117 20.61 -36.95 -13.97
C VAL B 117 19.76 -35.85 -14.63
N LYS B 118 18.46 -36.07 -14.76
CA LYS B 118 17.51 -35.07 -15.26
C LYS B 118 16.49 -34.76 -14.17
N TRP B 119 16.74 -33.69 -13.41
CA TRP B 119 15.97 -33.36 -12.22
C TRP B 119 15.37 -31.99 -12.37
N THR B 120 14.11 -31.86 -11.99
CA THR B 120 13.43 -30.57 -11.89
C THR B 120 12.71 -30.54 -10.56
N HIS B 121 12.44 -29.35 -10.06
CA HIS B 121 11.67 -29.19 -8.82
C HIS B 121 10.26 -29.78 -8.99
N GLU B 122 9.72 -29.75 -10.20
CA GLU B 122 8.39 -30.32 -10.47
C GLU B 122 8.35 -31.80 -10.18
N GLN B 123 9.34 -32.55 -10.71
CA GLN B 123 9.47 -33.97 -10.41
C GLN B 123 9.64 -34.16 -8.91
N GLY B 124 10.46 -33.34 -8.31
CA GLY B 124 10.62 -33.36 -6.88
C GLY B 124 9.31 -33.17 -6.13
N SER B 125 8.46 -32.29 -6.64
CA SER B 125 7.20 -32.01 -5.97
C SER B 125 6.29 -33.24 -5.96
N VAL B 126 6.25 -33.96 -7.08
CA VAL B 126 5.43 -35.14 -7.17
C VAL B 126 5.92 -36.24 -6.22
N MET B 127 7.24 -36.43 -6.17
CA MET B 127 7.83 -37.41 -5.27
C MET B 127 7.62 -37.02 -3.80
N MET B 128 7.78 -35.75 -3.50
CA MET B 128 7.59 -35.26 -2.14
C MET B 128 6.12 -35.42 -1.72
N PHE B 129 5.24 -35.15 -2.67
CA PHE B 129 3.82 -35.25 -2.42
C PHE B 129 3.41 -36.68 -2.06
N GLU B 130 3.90 -37.63 -2.84
CA GLU B 130 3.67 -39.05 -2.60
C GLU B 130 4.18 -39.43 -1.21
N HIS B 131 5.39 -39.01 -0.91
CA HIS B 131 5.98 -39.30 0.39
C HIS B 131 5.16 -38.64 1.55
N LEU B 132 4.69 -37.43 1.33
CA LEU B 132 3.88 -36.72 2.32
C LEU B 132 2.60 -37.50 2.60
N ILE B 133 1.90 -37.87 1.53
CA ILE B 133 0.66 -38.63 1.63
C ILE B 133 0.87 -39.94 2.39
N ASN B 134 1.84 -40.74 1.96
CA ASN B 134 2.03 -42.08 2.52
C ASN B 134 2.57 -42.06 3.95
N SER B 135 3.52 -41.18 4.23
CA SER B 135 4.09 -41.08 5.56
C SER B 135 3.12 -40.59 6.62
N ASN B 136 2.06 -39.89 6.24
CA ASN B 136 1.21 -39.23 7.22
C ASN B 136 -0.25 -39.75 7.22
N GLY B 137 -0.52 -40.84 6.51
CA GLY B 137 -1.85 -41.43 6.50
C GLY B 137 -2.92 -40.49 5.98
N ILE B 138 -2.59 -39.74 4.93
CA ILE B 138 -3.52 -38.76 4.37
C ILE B 138 -4.60 -39.39 3.50
N LYS B 139 -4.36 -40.55 2.90
CA LYS B 139 -5.35 -41.16 2.02
C LYS B 139 -6.71 -41.40 2.66
N PRO B 140 -6.74 -41.98 3.87
CA PRO B 140 -8.01 -42.13 4.61
C PRO B 140 -8.71 -40.79 4.84
N VAL B 141 -7.94 -39.76 5.15
CA VAL B 141 -8.51 -38.45 5.42
C VAL B 141 -9.11 -37.87 4.16
N MET B 142 -8.41 -38.02 3.03
CA MET B 142 -8.96 -37.70 1.73
C MET B 142 -10.32 -38.36 1.46
N GLU B 143 -10.39 -39.66 1.71
CA GLU B 143 -11.64 -40.42 1.55
C GLU B 143 -12.75 -39.82 2.40
N GLN B 144 -12.41 -39.48 3.63
CA GLN B 144 -13.36 -38.89 4.54
C GLN B 144 -14.01 -37.60 4.03
N TYR B 145 -13.32 -36.88 3.15
CA TYR B 145 -13.88 -35.64 2.61
C TYR B 145 -14.41 -35.82 1.21
N GLY B 146 -14.55 -37.07 0.77
CA GLY B 146 -15.21 -37.32 -0.50
C GLY B 146 -14.27 -37.43 -1.68
N LEU B 147 -12.96 -37.44 -1.44
CA LEU B 147 -12.02 -37.67 -2.53
C LEU B 147 -11.87 -39.17 -2.80
N ILE B 148 -11.46 -39.50 -4.02
CA ILE B 148 -11.15 -40.86 -4.43
C ILE B 148 -9.65 -40.93 -4.69
N PRO B 149 -8.87 -41.35 -3.69
CA PRO B 149 -7.40 -41.29 -3.77
C PRO B 149 -6.75 -41.79 -5.05
N GLU B 150 -7.19 -42.91 -5.59
CA GLU B 150 -6.53 -43.41 -6.79
C GLU B 150 -6.54 -42.35 -7.89
N GLU B 151 -7.74 -41.92 -8.30
CA GLU B 151 -7.87 -40.99 -9.41
C GLU B 151 -7.40 -39.58 -9.03
N ASP B 152 -7.66 -39.17 -7.80
CA ASP B 152 -7.39 -37.79 -7.39
C ASP B 152 -5.93 -37.53 -7.12
N ILE B 153 -5.21 -38.50 -6.56
CA ILE B 153 -3.77 -38.37 -6.42
C ILE B 153 -3.12 -38.26 -7.78
N CYS B 154 -3.60 -39.04 -8.72
CA CYS B 154 -3.12 -38.96 -10.08
C CYS B 154 -3.41 -37.57 -10.68
N PHE B 155 -4.62 -37.08 -10.45
CA PHE B 155 -5.03 -35.76 -10.93
C PHE B 155 -4.12 -34.65 -10.38
N ILE B 156 -3.87 -34.69 -9.08
CA ILE B 156 -3.00 -33.75 -8.40
C ILE B 156 -1.59 -33.75 -9.01
N LYS B 157 -1.02 -34.92 -9.19
CA LYS B 157 0.31 -35.03 -9.77
C LYS B 157 0.35 -34.53 -11.21
N GLU B 158 -0.67 -34.85 -12.00
CA GLU B 158 -0.75 -34.39 -13.35
C GLU B 158 -0.84 -32.88 -13.44
N GLN B 159 -1.54 -32.27 -12.49
CA GLN B 159 -1.65 -30.80 -12.44
C GLN B 159 -0.29 -30.12 -12.22
N ILE B 160 0.60 -30.80 -11.51
CA ILE B 160 1.92 -30.27 -11.21
C ILE B 160 2.92 -30.58 -12.31
N VAL B 161 2.96 -31.82 -12.80
CA VAL B 161 4.04 -32.23 -13.66
C VAL B 161 3.59 -32.47 -15.11
N GLY B 162 2.30 -32.44 -15.39
CA GLY B 162 1.79 -32.76 -16.72
C GLY B 162 1.49 -34.25 -16.82
N PRO B 163 1.16 -34.72 -18.04
CA PRO B 163 0.86 -36.15 -18.23
C PRO B 163 2.00 -37.05 -17.75
N LEU B 164 1.66 -38.05 -16.97
CA LEU B 164 2.63 -39.01 -16.48
C LEU B 164 2.82 -40.07 -17.56
N LEU B 172 -5.28 -36.96 -29.11
CA LEU B 172 -5.51 -37.87 -28.02
C LEU B 172 -5.40 -37.16 -26.64
N TRP B 173 -6.34 -37.44 -25.76
CA TRP B 173 -6.37 -36.83 -24.41
C TRP B 173 -5.40 -37.60 -23.54
N PRO B 174 -4.29 -36.98 -23.14
CA PRO B 174 -3.23 -37.71 -22.43
C PRO B 174 -3.38 -37.86 -20.90
N TYR B 175 -4.42 -37.29 -20.30
CA TYR B 175 -4.56 -37.24 -18.84
C TYR B 175 -5.51 -38.31 -18.36
N LYS B 176 -5.23 -38.86 -17.19
CA LYS B 176 -6.05 -39.89 -16.58
C LYS B 176 -6.86 -39.43 -15.36
N GLY B 177 -6.43 -38.36 -14.67
CA GLY B 177 -7.10 -37.91 -13.47
C GLY B 177 -8.49 -37.29 -13.68
N ARG B 178 -8.69 -36.63 -14.82
CA ARG B 178 -9.99 -36.10 -15.22
C ARG B 178 -10.14 -36.19 -16.75
N PRO B 179 -11.39 -36.29 -17.22
CA PRO B 179 -11.70 -36.33 -18.64
C PRO B 179 -11.67 -34.97 -19.33
N GLU B 180 -11.80 -34.97 -20.65
CA GLU B 180 -11.71 -33.75 -21.50
C GLU B 180 -12.69 -32.64 -21.17
N ASN B 181 -13.86 -33.01 -20.67
CA ASN B 181 -14.84 -31.99 -20.26
C ASN B 181 -14.41 -31.22 -19.00
N LYS B 182 -13.37 -31.69 -18.30
CA LYS B 182 -12.78 -30.97 -17.18
C LYS B 182 -11.34 -30.52 -17.49
N SER B 183 -11.02 -30.43 -18.78
CA SER B 183 -9.72 -29.97 -19.28
C SER B 183 -9.27 -28.67 -18.64
N PHE B 184 -10.21 -27.75 -18.51
CA PHE B 184 -9.94 -26.45 -17.94
C PHE B 184 -9.33 -26.52 -16.54
N LEU B 185 -9.57 -27.59 -15.78
CA LEU B 185 -9.02 -27.70 -14.43
C LEU B 185 -7.51 -27.85 -14.45
N TYR B 186 -6.97 -28.36 -15.55
CA TYR B 186 -5.51 -28.49 -15.68
C TYR B 186 -4.79 -27.17 -16.00
N GLU B 187 -5.55 -26.09 -16.22
CA GLU B 187 -4.99 -24.80 -16.59
C GLU B 187 -4.82 -23.86 -15.40
N ILE B 188 -5.21 -24.29 -14.22
CA ILE B 188 -5.25 -23.40 -13.06
C ILE B 188 -3.90 -23.31 -12.37
N VAL B 189 -3.27 -24.43 -12.06
CA VAL B 189 -2.11 -24.44 -11.17
C VAL B 189 -0.79 -24.32 -11.92
N SER B 190 -0.61 -25.10 -12.98
CA SER B 190 0.59 -24.95 -13.84
C SER B 190 0.15 -25.15 -15.25
N ASN B 191 -0.03 -24.04 -15.92
CA ASN B 191 -0.61 -24.03 -17.22
C ASN B 191 0.45 -24.31 -18.26
N LYS B 192 0.46 -25.54 -18.76
CA LYS B 192 1.44 -25.99 -19.74
C LYS B 192 1.19 -25.41 -21.13
N ARG B 193 -0.03 -24.96 -21.40
CA ARG B 193 -0.35 -24.43 -22.73
C ARG B 193 0.20 -23.03 -22.98
N ASN B 194 0.07 -22.15 -21.99
CA ASN B 194 0.46 -20.76 -22.17
C ASN B 194 1.08 -20.08 -20.94
N GLY B 195 1.21 -20.79 -19.81
CA GLY B 195 1.86 -20.26 -18.62
C GLY B 195 1.03 -19.32 -17.79
N ILE B 196 -0.24 -19.12 -18.12
CA ILE B 196 -1.09 -18.19 -17.38
C ILE B 196 -1.77 -18.96 -16.26
N ASP B 197 -1.24 -18.85 -15.03
CA ASP B 197 -1.73 -19.65 -13.92
C ASP B 197 -1.58 -18.91 -12.61
N VAL B 198 -2.18 -19.47 -11.57
CA VAL B 198 -2.26 -18.79 -10.30
C VAL B 198 -0.92 -18.74 -9.55
N ASP B 199 0.04 -19.59 -9.92
CA ASP B 199 1.38 -19.55 -9.35
C ASP B 199 2.02 -18.20 -9.61
N LYS B 200 1.99 -17.74 -10.87
CA LYS B 200 2.51 -16.44 -11.26
C LYS B 200 1.80 -15.32 -10.55
N TRP B 201 0.49 -15.42 -10.49
CA TRP B 201 -0.26 -14.35 -9.83
C TRP B 201 0.16 -14.16 -8.37
N ASP B 202 0.38 -15.24 -7.64
CA ASP B 202 0.79 -15.06 -6.28
C ASP B 202 2.19 -14.48 -6.20
N TYR B 203 3.13 -15.04 -6.94
CA TYR B 203 4.50 -14.57 -6.78
C TYR B 203 4.67 -13.15 -7.28
N PHE B 204 3.93 -12.72 -8.31
CA PHE B 204 4.00 -11.30 -8.72
C PHE B 204 3.69 -10.41 -7.54
N ALA B 205 2.59 -10.66 -6.88
CA ALA B 205 2.12 -9.80 -5.80
C ALA B 205 3.03 -9.97 -4.55
N ARG B 206 3.43 -11.18 -4.24
CA ARG B 206 4.21 -11.42 -3.05
C ARG B 206 5.66 -10.91 -3.24
N ASP B 207 6.27 -11.26 -4.35
CA ASP B 207 7.63 -10.82 -4.60
C ASP B 207 7.67 -9.29 -4.61
N CYS B 208 6.74 -8.65 -5.29
CA CYS B 208 6.68 -7.16 -5.32
C CYS B 208 6.56 -6.52 -3.95
N HIS B 209 5.67 -7.06 -3.14
CA HIS B 209 5.50 -6.61 -1.76
C HIS B 209 6.81 -6.64 -0.95
N HIS B 210 7.61 -7.70 -1.13
CA HIS B 210 8.83 -7.88 -0.39
C HIS B 210 10.05 -7.22 -0.99
N LEU B 211 10.08 -7.13 -2.31
CA LEU B 211 11.22 -6.58 -3.00
C LEU B 211 11.22 -5.07 -2.91
N GLY B 212 10.04 -4.48 -2.79
CA GLY B 212 9.89 -3.01 -2.88
C GLY B 212 9.71 -2.54 -4.32
N ILE B 213 8.95 -3.29 -5.11
CA ILE B 213 8.65 -2.97 -6.48
C ILE B 213 7.13 -3.08 -6.62
N GLN B 214 6.49 -2.29 -7.46
CA GLN B 214 5.03 -2.40 -7.63
C GLN B 214 4.62 -3.33 -8.82
N ASN B 215 3.70 -4.24 -8.52
CA ASN B 215 3.16 -5.23 -9.48
C ASN B 215 2.05 -4.63 -10.33
N ASN B 216 2.11 -4.76 -11.64
CA ASN B 216 1.03 -4.22 -12.50
C ASN B 216 0.02 -5.22 -13.08
N PHE B 217 0.10 -6.51 -12.72
CA PHE B 217 -1.00 -7.47 -13.06
C PHE B 217 -2.09 -7.71 -12.01
N ASP B 218 -3.35 -7.54 -12.44
CA ASP B 218 -4.51 -7.65 -11.57
C ASP B 218 -5.26 -8.97 -11.74
N TYR B 219 -4.95 -9.94 -10.88
CA TYR B 219 -5.51 -11.26 -10.99
C TYR B 219 -6.98 -11.28 -10.62
N LYS B 220 -7.40 -10.43 -9.68
CA LYS B 220 -8.82 -10.40 -9.34
C LYS B 220 -9.66 -10.00 -10.53
N ARG B 221 -9.19 -9.02 -11.27
CA ARG B 221 -9.81 -8.63 -12.52
C ARG B 221 -9.92 -9.82 -13.47
N PHE B 222 -8.82 -10.51 -13.65
CA PHE B 222 -8.78 -11.63 -14.57
C PHE B 222 -9.78 -12.72 -14.17
N ILE B 223 -9.82 -13.06 -12.89
CA ILE B 223 -10.78 -14.01 -12.39
C ILE B 223 -12.22 -13.59 -12.74
N LYS B 224 -12.56 -12.32 -12.54
CA LYS B 224 -13.91 -11.87 -12.84
C LYS B 224 -14.28 -12.03 -14.29
N PHE B 225 -13.31 -11.97 -15.19
CA PHE B 225 -13.61 -12.05 -16.61
C PHE B 225 -13.30 -13.42 -17.21
N ALA B 226 -12.91 -14.40 -16.41
CA ALA B 226 -12.57 -15.72 -16.95
C ALA B 226 -13.83 -16.54 -17.18
N ARG B 227 -13.88 -17.28 -18.30
CA ARG B 227 -14.98 -18.21 -18.57
C ARG B 227 -14.41 -19.49 -19.13
N VAL B 228 -15.19 -20.56 -19.11
CA VAL B 228 -14.84 -21.75 -19.86
C VAL B 228 -15.64 -21.77 -21.14
N CYS B 229 -14.94 -22.04 -22.24
CA CYS B 229 -15.57 -22.23 -23.57
C CYS B 229 -14.98 -23.43 -24.28
N GLU B 230 -15.71 -23.95 -25.25
CA GLU B 230 -15.21 -25.04 -26.05
C GLU B 230 -14.18 -24.53 -27.04
N VAL B 231 -13.02 -25.17 -27.04
CA VAL B 231 -11.98 -24.88 -28.01
C VAL B 231 -11.46 -26.21 -28.53
N ASP B 232 -11.58 -26.41 -29.86
CA ASP B 232 -11.16 -27.65 -30.54
C ASP B 232 -11.49 -28.90 -29.72
N ASN B 233 -12.75 -29.02 -29.32
CA ASN B 233 -13.27 -30.17 -28.57
C ASN B 233 -12.72 -30.37 -27.16
N GLU B 234 -12.10 -29.34 -26.60
CA GLU B 234 -11.79 -29.29 -25.16
C GLU B 234 -12.52 -28.10 -24.54
N LEU B 235 -12.88 -28.24 -23.28
CA LEU B 235 -13.37 -27.10 -22.52
C LEU B 235 -12.18 -26.41 -21.88
N ARG B 236 -11.89 -25.19 -22.32
CA ARG B 236 -10.77 -24.39 -21.81
C ARG B 236 -11.17 -23.07 -21.16
N ILE B 237 -10.28 -22.55 -20.33
CA ILE B 237 -10.47 -21.24 -19.74
C ILE B 237 -10.22 -20.17 -20.80
N CYS B 238 -11.15 -19.24 -20.96
CA CYS B 238 -11.05 -18.15 -21.93
C CYS B 238 -11.14 -16.82 -21.20
N ALA B 239 -10.39 -15.88 -21.73
CA ALA B 239 -10.37 -14.54 -21.21
C ALA B 239 -11.27 -13.67 -22.09
N ARG B 240 -11.87 -12.67 -21.48
CA ARG B 240 -12.60 -11.67 -22.21
C ARG B 240 -11.65 -10.95 -23.20
N ASP B 241 -12.11 -10.73 -24.42
CA ASP B 241 -11.29 -10.08 -25.49
C ASP B 241 -10.52 -8.81 -25.05
N LYS B 242 -11.23 -7.93 -24.36
CA LYS B 242 -10.72 -6.73 -23.72
C LYS B 242 -9.46 -6.91 -22.88
N GLU B 243 -9.35 -8.09 -22.29
CA GLU B 243 -8.23 -8.35 -21.41
C GLU B 243 -6.91 -8.69 -22.11
N VAL B 244 -6.86 -8.72 -23.44
CA VAL B 244 -5.68 -9.17 -24.14
C VAL B 244 -4.46 -8.30 -23.82
N GLY B 245 -4.68 -6.98 -23.78
CA GLY B 245 -3.62 -6.05 -23.39
C GLY B 245 -3.06 -6.34 -22.02
N ASN B 246 -3.92 -6.65 -21.05
CA ASN B 246 -3.49 -6.95 -19.71
C ASN B 246 -2.64 -8.21 -19.65
N LEU B 247 -2.90 -9.15 -20.56
CA LEU B 247 -2.09 -10.38 -20.61
C LEU B 247 -0.72 -10.14 -21.18
N TYR B 248 -0.62 -9.35 -22.24
CA TYR B 248 0.70 -8.94 -22.70
C TYR B 248 1.45 -8.25 -21.56
N ASP B 249 0.75 -7.39 -20.80
CA ASP B 249 1.36 -6.71 -19.66
C ASP B 249 1.83 -7.68 -18.56
N MET B 250 1.08 -8.76 -18.35
CA MET B 250 1.47 -9.76 -17.38
C MET B 250 2.86 -10.36 -17.73
N PHE B 251 3.08 -10.67 -19.00
CA PHE B 251 4.36 -11.21 -19.42
C PHE B 251 5.46 -10.16 -19.41
N HIS B 252 5.10 -8.93 -19.71
CA HIS B 252 6.06 -7.86 -19.59
C HIS B 252 6.53 -7.70 -18.13
N THR B 253 5.59 -7.75 -17.20
CA THR B 253 5.89 -7.67 -15.78
C THR B 253 6.81 -8.82 -15.35
N ARG B 254 6.49 -10.04 -15.76
CA ARG B 254 7.35 -11.19 -15.48
C ARG B 254 8.77 -10.96 -15.96
N ASN B 255 8.91 -10.51 -17.20
CA ASN B 255 10.23 -10.19 -17.75
C ASN B 255 10.97 -9.07 -16.99
N SER B 256 10.26 -8.01 -16.62
CA SER B 256 10.79 -6.98 -15.74
C SER B 256 11.33 -7.49 -14.42
N LEU B 257 10.53 -8.34 -13.76
CA LEU B 257 10.91 -8.88 -12.48
C LEU B 257 12.14 -9.76 -12.60
N HIS B 258 12.25 -10.49 -13.71
CA HIS B 258 13.46 -11.27 -13.96
C HIS B 258 14.67 -10.35 -14.16
N ARG B 259 14.51 -9.30 -14.95
CA ARG B 259 15.59 -8.32 -15.21
C ARG B 259 16.06 -7.59 -13.96
N ARG B 260 15.12 -7.09 -13.18
CA ARG B 260 15.44 -6.35 -11.97
C ARG B 260 15.88 -7.17 -10.79
N ALA B 261 15.21 -8.29 -10.55
CA ALA B 261 15.41 -9.03 -9.32
C ALA B 261 15.91 -10.47 -9.52
N TYR B 262 15.17 -11.32 -10.25
CA TYR B 262 15.48 -12.75 -10.22
C TYR B 262 16.76 -13.09 -10.89
N GLN B 263 17.16 -12.26 -11.86
CA GLN B 263 18.44 -12.40 -12.54
C GLN B 263 19.34 -11.20 -12.27
N HIS B 264 19.15 -10.53 -11.15
CA HIS B 264 20.12 -9.52 -10.72
C HIS B 264 21.55 -10.14 -10.76
N LYS B 265 22.50 -9.42 -11.35
CA LYS B 265 23.85 -9.91 -11.61
C LYS B 265 24.57 -10.31 -10.32
N VAL B 266 24.32 -9.60 -9.23
CA VAL B 266 24.90 -9.95 -7.94
C VAL B 266 24.15 -11.06 -7.23
N GLY B 267 22.83 -11.06 -7.33
CA GLY B 267 22.05 -12.16 -6.78
C GLY B 267 22.48 -13.48 -7.41
N ASN B 268 22.68 -13.47 -8.74
CA ASN B 268 23.14 -14.64 -9.45
C ASN B 268 24.56 -15.08 -9.03
N ILE B 269 25.47 -14.16 -8.82
CA ILE B 269 26.83 -14.54 -8.45
C ILE B 269 26.89 -15.05 -7.00
N ILE B 270 26.01 -14.56 -6.12
CA ILE B 270 25.89 -15.13 -4.82
C ILE B 270 25.37 -16.56 -4.87
N ASP B 271 24.36 -16.80 -5.70
CA ASP B 271 23.87 -18.16 -5.92
C ASP B 271 25.01 -19.07 -6.43
N THR B 272 25.85 -18.50 -7.30
CA THR B 272 26.93 -19.24 -7.85
C THR B 272 27.97 -19.55 -6.78
N MET B 273 28.25 -18.59 -5.92
CA MET B 273 29.20 -18.84 -4.85
C MET B 273 28.68 -19.85 -3.82
N ILE B 274 27.41 -19.78 -3.50
CA ILE B 274 26.80 -20.80 -2.63
C ILE B 274 26.86 -22.17 -3.27
N THR B 275 26.58 -22.25 -4.57
CA THR B 275 26.67 -23.51 -5.31
C THR B 275 28.10 -24.09 -5.21
N ASP B 276 29.08 -23.24 -5.39
CA ASP B 276 30.49 -23.60 -5.23
C ASP B 276 30.80 -24.19 -3.86
N ALA B 277 30.33 -23.52 -2.83
CA ALA B 277 30.48 -24.00 -1.47
C ALA B 277 29.82 -25.37 -1.29
N PHE B 278 28.63 -25.54 -1.86
CA PHE B 278 27.91 -26.85 -1.76
C PHE B 278 28.68 -27.96 -2.46
N LEU B 279 29.24 -27.65 -3.64
CA LEU B 279 30.05 -28.62 -4.38
C LEU B 279 31.26 -29.03 -3.55
N LYS B 280 31.92 -28.09 -2.90
CA LYS B 280 33.06 -28.41 -2.06
C LYS B 280 32.68 -29.06 -0.74
N ALA B 281 31.42 -28.99 -0.35
CA ALA B 281 30.97 -29.63 0.86
C ALA B 281 30.32 -31.00 0.60
N ASP B 282 30.02 -31.27 -0.66
CA ASP B 282 29.15 -32.40 -1.01
C ASP B 282 29.69 -33.77 -0.53
N ASP B 283 31.01 -33.92 -0.50
CA ASP B 283 31.61 -35.19 -0.07
C ASP B 283 31.56 -35.40 1.43
N TYR B 284 31.28 -34.37 2.20
CA TYR B 284 31.45 -34.45 3.65
C TYR B 284 30.16 -34.27 4.45
N ILE B 285 29.16 -33.61 3.90
CA ILE B 285 27.91 -33.47 4.61
C ILE B 285 27.11 -34.77 4.46
N GLU B 286 26.54 -35.27 5.55
CA GLU B 286 25.75 -36.50 5.55
C GLU B 286 24.30 -36.21 5.91
N ILE B 287 23.37 -36.73 5.12
CA ILE B 287 21.98 -36.57 5.41
C ILE B 287 21.37 -37.97 5.52
N THR B 288 20.78 -38.25 6.66
CA THR B 288 20.19 -39.57 6.92
C THR B 288 18.82 -39.68 6.26
N GLY B 289 18.64 -40.73 5.47
CA GLY B 289 17.39 -41.02 4.82
C GLY B 289 16.75 -42.29 5.35
N ALA B 290 15.97 -42.93 4.49
CA ALA B 290 15.20 -44.08 4.88
C ALA B 290 16.11 -45.22 5.35
N GLY B 291 15.72 -45.86 6.45
CA GLY B 291 16.43 -46.99 7.03
C GLY B 291 17.82 -46.64 7.53
N GLY B 292 18.05 -45.38 7.88
CA GLY B 292 19.36 -44.94 8.35
C GLY B 292 20.44 -44.74 7.28
N LYS B 293 20.16 -45.05 6.01
CA LYS B 293 21.12 -44.78 4.93
C LYS B 293 21.53 -43.32 4.87
N LYS B 294 22.80 -43.07 4.57
CA LYS B 294 23.33 -41.73 4.50
C LYS B 294 23.34 -41.25 3.05
N TYR B 295 22.99 -39.99 2.86
CA TYR B 295 23.02 -39.41 1.55
C TYR B 295 23.87 -38.16 1.59
N ARG B 296 24.20 -37.69 0.41
CA ARG B 296 24.90 -36.43 0.22
C ARG B 296 23.90 -35.39 -0.24
N ILE B 297 24.33 -34.14 -0.20
CA ILE B 297 23.50 -33.04 -0.71
C ILE B 297 23.00 -33.38 -2.12
N SER B 298 23.91 -33.87 -2.97
CA SER B 298 23.58 -34.18 -4.37
C SER B 298 22.77 -35.46 -4.55
N THR B 299 22.75 -36.35 -3.56
CA THR B 299 21.97 -37.61 -3.70
C THR B 299 20.72 -37.65 -2.83
N ALA B 300 20.51 -36.64 -1.98
CA ALA B 300 19.31 -36.58 -1.16
C ALA B 300 18.03 -36.54 -2.01
N ILE B 301 18.15 -36.08 -3.26
CA ILE B 301 17.03 -36.12 -4.20
C ILE B 301 16.53 -37.51 -4.53
N ASP B 302 17.31 -38.54 -4.24
CA ASP B 302 16.91 -39.93 -4.50
C ASP B 302 16.12 -40.56 -3.36
N ASP B 303 16.05 -39.89 -2.21
CA ASP B 303 15.30 -40.40 -1.06
C ASP B 303 14.55 -39.25 -0.38
N MET B 304 13.23 -39.29 -0.43
CA MET B 304 12.43 -38.17 0.06
C MET B 304 12.57 -37.95 1.56
N GLU B 305 12.80 -39.01 2.32
CA GLU B 305 13.04 -38.87 3.74
C GLU B 305 14.31 -38.03 4.01
N ALA B 306 15.34 -38.23 3.21
CA ALA B 306 16.52 -37.39 3.28
C ALA B 306 16.25 -35.96 2.75
N TYR B 307 15.53 -35.88 1.64
CA TYR B 307 15.27 -34.59 0.98
C TYR B 307 14.43 -33.68 1.88
N THR B 308 13.53 -34.29 2.67
CA THR B 308 12.79 -33.58 3.68
C THR B 308 13.68 -32.72 4.57
N LYS B 309 14.89 -33.19 4.85
CA LYS B 309 15.81 -32.49 5.76
C LYS B 309 16.84 -31.65 5.05
N LEU B 310 16.66 -31.45 3.75
CA LEU B 310 17.59 -30.67 2.97
C LEU B 310 17.02 -29.28 2.66
N THR B 311 17.49 -28.28 3.40
CA THR B 311 16.97 -26.91 3.32
C THR B 311 18.12 -25.89 3.31
N ASP B 312 17.76 -24.61 3.40
CA ASP B 312 18.75 -23.52 3.52
C ASP B 312 19.70 -23.68 4.74
N ASN B 313 19.27 -24.41 5.77
CA ASN B 313 20.14 -24.81 6.91
C ASN B 313 21.52 -25.37 6.51
N ILE B 314 21.63 -26.00 5.34
CA ILE B 314 22.93 -26.51 4.85
C ILE B 314 23.96 -25.39 4.79
N PHE B 315 23.53 -24.20 4.35
CA PHE B 315 24.39 -23.04 4.32
C PHE B 315 25.05 -22.81 5.70
N LEU B 316 24.25 -22.81 6.76
CA LEU B 316 24.77 -22.47 8.09
C LEU B 316 25.54 -23.63 8.72
N GLU B 317 25.13 -24.84 8.42
CA GLU B 317 25.87 -26.00 8.85
C GLU B 317 27.30 -25.94 8.29
N ILE B 318 27.45 -25.55 7.02
CA ILE B 318 28.76 -25.32 6.45
C ILE B 318 29.48 -24.14 7.10
N LEU B 319 28.81 -23.00 7.19
CA LEU B 319 29.43 -21.78 7.70
C LEU B 319 29.93 -21.93 9.13
N TYR B 320 29.21 -22.67 9.96
CA TYR B 320 29.57 -22.83 11.37
C TYR B 320 30.37 -24.10 11.66
N SER B 321 30.73 -24.86 10.62
CA SER B 321 31.50 -26.10 10.80
C SER B 321 32.90 -25.79 11.29
N THR B 322 33.49 -26.76 11.98
CA THR B 322 34.90 -26.71 12.39
C THR B 322 35.75 -27.81 11.71
N ASP B 323 35.10 -28.78 11.10
CA ASP B 323 35.79 -29.83 10.36
C ASP B 323 36.73 -29.27 9.28
N PRO B 324 38.04 -29.64 9.33
CA PRO B 324 39.03 -29.17 8.35
C PRO B 324 38.66 -29.53 6.93
N LYS B 325 37.92 -30.62 6.77
CA LYS B 325 37.48 -31.03 5.45
C LYS B 325 36.56 -30.00 4.82
N LEU B 326 35.81 -29.27 5.65
CA LEU B 326 34.87 -28.28 5.16
C LEU B 326 35.46 -26.90 5.09
N LYS B 327 36.77 -26.80 5.26
CA LYS B 327 37.46 -25.53 5.30
C LYS B 327 37.28 -24.73 4.02
N ASP B 328 37.46 -25.36 2.87
CA ASP B 328 37.33 -24.69 1.58
C ASP B 328 35.91 -24.19 1.33
N ALA B 329 34.92 -25.03 1.65
CA ALA B 329 33.51 -24.64 1.48
C ALA B 329 33.21 -23.47 2.39
N ARG B 330 33.65 -23.59 3.64
CA ARG B 330 33.46 -22.57 4.68
C ARG B 330 34.10 -21.23 4.30
N GLU B 331 35.24 -21.27 3.64
CA GLU B 331 35.92 -20.04 3.17
C GLU B 331 35.16 -19.26 2.11
N ILE B 332 34.54 -19.97 1.19
CA ILE B 332 33.69 -19.32 0.19
C ILE B 332 32.50 -18.60 0.85
N LEU B 333 31.82 -19.26 1.79
CA LEU B 333 30.70 -18.63 2.47
C LEU B 333 31.15 -17.44 3.29
N LYS B 334 32.35 -17.52 3.88
CA LYS B 334 32.89 -16.41 4.63
C LYS B 334 33.20 -15.22 3.73
N GLN B 335 33.60 -15.49 2.48
CA GLN B 335 33.78 -14.42 1.47
C GLN B 335 32.45 -13.70 1.19
N ILE B 336 31.34 -14.43 1.19
CA ILE B 336 30.03 -13.82 1.05
C ILE B 336 29.73 -12.89 2.22
N GLU B 337 29.98 -13.32 3.44
CA GLU B 337 29.74 -12.49 4.63
C GLU B 337 30.56 -11.22 4.64
N TYR B 338 31.80 -11.27 4.18
CA TYR B 338 32.64 -10.06 4.07
C TYR B 338 32.40 -9.33 2.75
N ARG B 339 31.53 -9.86 1.92
CA ARG B 339 31.20 -9.20 0.66
C ARG B 339 32.42 -9.10 -0.27
N ASN B 340 33.28 -10.11 -0.23
CA ASN B 340 34.35 -10.26 -1.21
C ASN B 340 33.87 -11.20 -2.27
N LEU B 341 33.01 -10.67 -3.15
CA LEU B 341 32.34 -11.48 -4.14
C LEU B 341 33.13 -11.56 -5.44
N PHE B 342 32.88 -12.59 -6.25
CA PHE B 342 33.42 -12.64 -7.60
C PHE B 342 32.92 -11.36 -8.29
N LYS B 343 33.74 -10.79 -9.16
CA LYS B 343 33.46 -9.48 -9.72
C LYS B 343 32.75 -9.60 -11.07
N TYR B 344 31.70 -8.83 -11.22
CA TYR B 344 31.01 -8.72 -12.48
C TYR B 344 31.87 -7.97 -13.50
N VAL B 345 32.00 -8.53 -14.69
CA VAL B 345 32.80 -7.93 -15.76
C VAL B 345 31.91 -7.22 -16.78
N GLY B 346 30.87 -7.89 -17.24
CA GLY B 346 29.90 -7.27 -18.10
C GLY B 346 28.86 -8.23 -18.64
N GLU B 347 28.02 -7.70 -19.51
CA GLU B 347 26.92 -8.42 -20.11
C GLU B 347 26.90 -8.19 -21.61
N THR B 348 26.51 -9.20 -22.36
CA THR B 348 26.36 -9.08 -23.82
C THR B 348 25.25 -10.00 -24.23
N GLN B 349 24.86 -9.92 -25.49
CA GLN B 349 23.91 -10.86 -26.10
C GLN B 349 24.37 -11.35 -27.45
N PRO B 350 23.99 -12.58 -27.81
CA PRO B 350 24.22 -13.03 -29.17
C PRO B 350 23.40 -12.18 -30.13
N THR B 351 23.90 -12.01 -31.33
CA THR B 351 23.19 -11.30 -32.37
C THR B 351 22.63 -12.43 -33.21
N GLY B 352 23.38 -13.54 -33.27
CA GLY B 352 23.00 -14.78 -33.96
C GLY B 352 21.82 -15.52 -33.36
N GLN B 353 21.01 -16.13 -34.21
CA GLN B 353 19.72 -16.60 -33.78
C GLN B 353 19.79 -17.97 -33.12
N ILE B 354 20.89 -18.68 -33.32
CA ILE B 354 21.15 -19.91 -32.59
C ILE B 354 21.44 -19.63 -31.11
N LYS B 355 20.75 -20.35 -30.25
CA LYS B 355 20.95 -20.11 -28.85
C LYS B 355 22.25 -20.82 -28.49
N ILE B 356 23.01 -20.22 -27.58
CA ILE B 356 24.12 -20.93 -27.02
C ILE B 356 23.44 -22.09 -26.31
N LYS B 357 23.97 -23.28 -26.50
CA LYS B 357 23.33 -24.50 -26.03
C LYS B 357 23.86 -24.81 -24.65
N ARG B 358 23.08 -25.52 -23.84
CA ARG B 358 23.47 -25.92 -22.49
C ARG B 358 24.77 -26.77 -22.49
N GLU B 359 24.90 -27.62 -23.50
CA GLU B 359 26.08 -28.46 -23.69
C GLU B 359 27.37 -27.65 -23.86
N ASP B 360 27.25 -26.43 -24.38
CA ASP B 360 28.41 -25.57 -24.60
C ASP B 360 28.78 -24.66 -23.42
N TYR B 361 27.90 -24.54 -22.43
CA TYR B 361 28.13 -23.61 -21.31
C TYR B 361 29.54 -23.77 -20.73
N GLU B 362 30.00 -25.01 -20.61
CA GLU B 362 31.28 -25.30 -19.98
C GLU B 362 32.48 -24.87 -20.82
N SER B 363 32.31 -24.81 -22.13
CA SER B 363 33.40 -24.36 -23.01
C SER B 363 33.60 -22.81 -23.04
N LEU B 364 32.66 -22.05 -22.46
CA LEU B 364 32.70 -20.59 -22.60
C LEU B 364 33.83 -19.90 -21.84
N PRO B 365 34.12 -20.32 -20.60
CA PRO B 365 35.23 -19.72 -19.87
C PRO B 365 36.55 -19.89 -20.64
N LYS B 366 36.74 -21.06 -21.25
CA LYS B 366 37.87 -21.32 -22.15
C LYS B 366 37.92 -20.35 -23.31
N GLU B 367 36.81 -20.12 -23.97
CA GLU B 367 36.80 -19.16 -25.07
C GLU B 367 37.17 -17.75 -24.62
N VAL B 368 36.63 -17.29 -23.50
CA VAL B 368 36.94 -15.94 -23.02
C VAL B 368 38.45 -15.82 -22.77
N ALA B 369 39.01 -16.81 -22.07
CA ALA B 369 40.45 -16.82 -21.76
C ALA B 369 41.33 -16.94 -23.02
N SER B 370 40.79 -17.48 -24.11
CA SER B 370 41.51 -17.61 -25.38
C SER B 370 41.49 -16.36 -26.24
N ALA B 371 40.68 -15.37 -25.88
CA ALA B 371 40.68 -14.13 -26.64
C ALA B 371 42.04 -13.44 -26.54
N LYS B 372 42.42 -12.76 -27.61
CA LYS B 372 43.71 -12.11 -27.68
C LYS B 372 43.53 -10.60 -27.85
N PRO B 373 43.13 -9.93 -26.76
CA PRO B 373 42.95 -8.50 -26.87
C PRO B 373 44.29 -7.83 -27.18
N LYS B 374 44.35 -6.91 -28.15
CA LYS B 374 45.61 -6.20 -28.42
C LYS B 374 45.74 -5.03 -27.48
N VAL B 375 46.12 -5.32 -26.25
CA VAL B 375 46.26 -4.31 -25.21
C VAL B 375 47.36 -4.78 -24.29
N LEU B 376 48.06 -3.86 -23.65
CA LEU B 376 49.11 -4.24 -22.73
C LEU B 376 48.49 -4.72 -21.43
N LEU B 377 48.82 -5.94 -21.02
CA LEU B 377 48.30 -6.53 -19.79
C LEU B 377 49.40 -7.01 -18.85
N ASP B 378 49.31 -6.59 -17.60
CA ASP B 378 50.16 -7.06 -16.51
C ASP B 378 49.98 -8.54 -16.18
N VAL B 379 48.73 -8.98 -16.18
CA VAL B 379 48.38 -10.32 -15.74
C VAL B 379 47.69 -11.05 -16.87
N LYS B 380 47.90 -12.36 -16.90
CA LYS B 380 47.27 -13.22 -17.85
C LYS B 380 46.26 -14.09 -17.07
N LEU B 381 45.05 -14.22 -17.60
CA LEU B 381 44.00 -14.94 -16.90
C LEU B 381 43.75 -16.29 -17.56
N LYS B 382 43.29 -17.24 -16.75
CA LYS B 382 43.03 -18.59 -17.20
C LYS B 382 41.54 -18.87 -17.19
N ALA B 383 41.14 -19.94 -17.86
CA ALA B 383 39.73 -20.33 -17.98
C ALA B 383 39.05 -20.42 -16.62
N GLU B 384 39.72 -21.06 -15.66
CA GLU B 384 39.21 -21.19 -14.30
C GLU B 384 38.97 -19.86 -13.54
N ASP B 385 39.51 -18.75 -14.04
CA ASP B 385 39.27 -17.44 -13.44
C ASP B 385 37.96 -16.81 -13.87
N PHE B 386 37.33 -17.35 -14.92
CA PHE B 386 36.13 -16.76 -15.48
C PHE B 386 34.90 -17.59 -15.16
N ILE B 387 33.81 -16.91 -14.84
CA ILE B 387 32.51 -17.51 -14.81
C ILE B 387 31.67 -16.88 -15.89
N VAL B 388 31.01 -17.71 -16.68
CA VAL B 388 30.18 -17.24 -17.76
C VAL B 388 28.78 -17.77 -17.53
N ASP B 389 27.83 -16.88 -17.30
CA ASP B 389 26.47 -17.25 -16.94
C ASP B 389 25.58 -16.94 -18.13
N VAL B 390 24.87 -17.96 -18.64
CA VAL B 390 23.96 -17.77 -19.78
C VAL B 390 22.53 -17.84 -19.26
N ILE B 391 21.77 -16.79 -19.57
CA ILE B 391 20.43 -16.63 -19.04
C ILE B 391 19.44 -16.53 -20.20
N ASN B 392 18.47 -17.43 -20.20
CA ASN B 392 17.38 -17.42 -21.15
C ASN B 392 16.23 -16.59 -20.64
N MET B 393 15.91 -15.53 -21.37
CA MET B 393 14.81 -14.66 -21.07
C MET B 393 13.77 -14.90 -22.16
N ASP B 394 12.55 -15.19 -21.77
CA ASP B 394 11.48 -15.35 -22.72
C ASP B 394 10.14 -15.12 -22.07
N TYR B 395 9.09 -15.28 -22.86
CA TYR B 395 7.72 -15.18 -22.37
C TYR B 395 7.15 -16.54 -21.93
N GLY B 396 8.02 -17.43 -21.46
CA GLY B 396 7.62 -18.74 -20.94
C GLY B 396 7.51 -19.87 -21.94
N MET B 397 7.63 -19.60 -23.25
CA MET B 397 7.47 -20.64 -24.27
C MET B 397 8.49 -20.52 -25.39
N GLN B 398 9.76 -20.37 -25.01
CA GLN B 398 10.84 -20.24 -25.97
C GLN B 398 10.50 -19.10 -26.93
N GLU B 399 10.64 -19.33 -28.23
CA GLU B 399 10.36 -18.30 -29.23
C GLU B 399 8.88 -17.99 -29.44
N LYS B 400 7.99 -18.76 -28.85
CA LYS B 400 6.55 -18.61 -29.12
C LYS B 400 5.88 -17.51 -28.28
N ASN B 401 4.92 -16.84 -28.91
CA ASN B 401 4.09 -15.86 -28.26
C ASN B 401 2.99 -16.57 -27.49
N PRO B 402 3.02 -16.49 -26.14
CA PRO B 402 2.04 -17.28 -25.40
C PRO B 402 0.61 -16.81 -25.62
N ILE B 403 0.42 -15.53 -26.00
CA ILE B 403 -0.93 -15.02 -26.25
C ILE B 403 -1.57 -15.66 -27.50
N ASP B 404 -0.78 -16.17 -28.44
CA ASP B 404 -1.32 -16.99 -29.54
C ASP B 404 -1.93 -18.29 -29.07
N HIS B 405 -1.67 -18.67 -27.82
CA HIS B 405 -2.22 -19.90 -27.25
C HIS B 405 -3.23 -19.63 -26.17
N VAL B 406 -3.84 -18.45 -26.23
CA VAL B 406 -4.90 -18.04 -25.34
C VAL B 406 -6.17 -17.91 -26.19
N SER B 407 -7.27 -18.32 -25.60
CA SER B 407 -8.58 -18.21 -26.19
C SER B 407 -9.37 -17.10 -25.52
N PHE B 408 -10.13 -16.36 -26.31
CA PHE B 408 -10.91 -15.22 -25.83
C PHE B 408 -12.38 -15.36 -26.18
N TYR B 409 -13.22 -14.58 -25.51
CA TYR B 409 -14.62 -14.51 -25.84
C TYR B 409 -15.03 -13.07 -25.84
N CYS B 410 -16.11 -12.79 -26.56
CA CYS B 410 -16.65 -11.45 -26.69
C CYS B 410 -17.91 -11.32 -25.89
N LYS B 411 -18.21 -10.08 -25.54
CA LYS B 411 -19.40 -9.77 -24.78
C LYS B 411 -20.71 -10.19 -25.50
N THR B 412 -20.76 -10.06 -26.82
CA THR B 412 -21.98 -10.39 -27.56
C THR B 412 -22.21 -11.91 -27.71
N ALA B 413 -21.17 -12.73 -27.53
CA ALA B 413 -21.27 -14.19 -27.65
C ALA B 413 -20.38 -14.93 -26.62
N PRO B 414 -20.80 -14.94 -25.35
CA PRO B 414 -19.90 -15.37 -24.25
C PRO B 414 -19.45 -16.83 -24.28
N ASN B 415 -20.10 -17.66 -25.06
CA ASN B 415 -19.69 -19.06 -25.16
C ASN B 415 -18.86 -19.36 -26.39
N ARG B 416 -18.64 -18.38 -27.24
CA ARG B 416 -17.89 -18.61 -28.47
C ARG B 416 -16.43 -18.14 -28.33
N ALA B 417 -15.50 -19.09 -28.37
CA ALA B 417 -14.08 -18.79 -28.25
C ALA B 417 -13.55 -18.23 -29.56
N ILE B 418 -12.64 -17.26 -29.45
CA ILE B 418 -11.97 -16.70 -30.59
C ILE B 418 -10.48 -16.55 -30.32
N ARG B 419 -9.74 -16.30 -31.38
CA ARG B 419 -8.31 -16.01 -31.32
C ARG B 419 -8.11 -14.53 -31.62
N ILE B 420 -7.10 -13.95 -31.00
CA ILE B 420 -6.67 -12.59 -31.29
C ILE B 420 -5.18 -12.66 -31.61
N THR B 421 -4.78 -12.13 -32.76
CA THR B 421 -3.38 -12.08 -33.15
C THR B 421 -2.71 -10.79 -32.67
N LYS B 422 -1.38 -10.78 -32.66
CA LYS B 422 -0.62 -9.62 -32.17
C LYS B 422 -0.98 -8.34 -32.94
N ASN B 423 -1.14 -8.44 -34.27
CA ASN B 423 -1.49 -7.29 -35.09
C ASN B 423 -2.87 -6.68 -34.82
N GLN B 424 -3.76 -7.46 -34.22
CA GLN B 424 -5.05 -6.92 -33.82
C GLN B 424 -4.98 -6.20 -32.49
N VAL B 425 -3.82 -6.20 -31.83
CA VAL B 425 -3.70 -5.57 -30.52
C VAL B 425 -2.92 -4.26 -30.60
N SER B 426 -1.67 -4.35 -31.02
CA SER B 426 -0.81 -3.18 -31.03
C SER B 426 0.45 -3.45 -31.83
N GLN B 427 0.97 -2.40 -32.46
CA GLN B 427 2.27 -2.42 -33.09
C GLN B 427 3.41 -2.14 -32.12
N LEU B 428 3.09 -1.78 -30.87
CA LEU B 428 4.09 -1.43 -29.88
C LEU B 428 4.55 -2.63 -29.04
N LEU B 429 4.19 -3.84 -29.47
CA LEU B 429 4.52 -5.05 -28.75
C LEU B 429 5.86 -5.62 -29.21
N PRO B 430 6.43 -6.57 -28.47
CA PRO B 430 7.68 -7.20 -28.91
C PRO B 430 7.56 -7.91 -30.26
N GLU B 431 8.59 -7.87 -31.08
CA GLU B 431 8.64 -8.67 -32.29
C GLU B 431 9.26 -10.04 -32.04
N LYS B 432 9.98 -10.20 -30.92
CA LYS B 432 10.58 -11.47 -30.52
C LYS B 432 10.20 -11.76 -29.10
N PHE B 433 10.19 -13.04 -28.76
CA PHE B 433 9.74 -13.48 -27.44
C PHE B 433 10.75 -14.27 -26.64
N ALA B 434 11.96 -14.39 -27.20
CA ALA B 434 13.06 -15.03 -26.49
C ALA B 434 14.38 -14.37 -26.84
N GLU B 435 15.28 -14.40 -25.86
CA GLU B 435 16.63 -13.90 -26.02
C GLU B 435 17.52 -14.49 -24.93
N GLN B 436 18.82 -14.37 -25.14
CA GLN B 436 19.81 -14.79 -24.16
C GLN B 436 20.66 -13.63 -23.69
N LEU B 437 20.91 -13.58 -22.38
CA LEU B 437 21.91 -12.68 -21.80
C LEU B 437 23.11 -13.51 -21.39
N ILE B 438 24.29 -12.95 -21.63
CA ILE B 438 25.52 -13.58 -21.20
C ILE B 438 26.21 -12.64 -20.21
N ARG B 439 26.38 -13.08 -18.98
CA ARG B 439 27.14 -12.34 -18.00
C ARG B 439 28.47 -13.01 -17.78
N VAL B 440 29.52 -12.21 -17.69
CA VAL B 440 30.84 -12.72 -17.38
C VAL B 440 31.31 -12.11 -16.07
N TYR B 441 31.91 -12.96 -15.24
CA TYR B 441 32.46 -12.55 -13.96
C TYR B 441 33.90 -13.04 -13.86
N CYS B 442 34.66 -12.39 -12.98
CA CYS B 442 36.04 -12.83 -12.71
C CYS B 442 36.20 -13.20 -11.25
N LYS B 443 36.81 -14.35 -11.00
CA LYS B 443 37.11 -14.80 -9.64
C LYS B 443 38.31 -14.11 -9.02
N LYS B 444 39.12 -13.45 -9.82
CA LYS B 444 40.24 -12.66 -9.32
C LYS B 444 39.79 -11.23 -9.20
N VAL B 445 39.83 -10.70 -7.98
CA VAL B 445 39.15 -9.45 -7.66
C VAL B 445 40.04 -8.23 -7.60
N ASP B 446 41.34 -8.41 -7.70
CA ASP B 446 42.24 -7.25 -7.66
C ASP B 446 42.06 -6.39 -8.92
N ARG B 447 42.51 -5.14 -8.79
CA ARG B 447 42.36 -4.13 -9.82
C ARG B 447 42.93 -4.54 -11.19
N LYS B 448 44.11 -5.15 -11.19
CA LYS B 448 44.77 -5.52 -12.43
C LYS B 448 44.10 -6.69 -13.13
N SER B 449 43.61 -7.65 -12.35
CA SER B 449 42.90 -8.81 -12.89
C SER B 449 41.58 -8.38 -13.53
N LEU B 450 40.88 -7.52 -12.84
CA LEU B 450 39.63 -6.97 -13.34
C LEU B 450 39.80 -6.17 -14.63
N TYR B 451 40.83 -5.33 -14.68
CA TYR B 451 41.13 -4.60 -15.90
C TYR B 451 41.37 -5.55 -17.07
N ALA B 452 42.14 -6.60 -16.82
CA ALA B 452 42.43 -7.59 -17.82
C ALA B 452 41.17 -8.33 -18.26
N ALA B 453 40.38 -8.76 -17.28
CA ALA B 453 39.14 -9.47 -17.53
C ALA B 453 38.24 -8.68 -18.48
N ARG B 454 38.16 -7.37 -18.27
CA ARG B 454 37.38 -6.52 -19.17
C ARG B 454 37.86 -6.53 -20.62
N GLN B 455 39.18 -6.58 -20.81
CA GLN B 455 39.75 -6.58 -22.16
C GLN B 455 39.48 -7.90 -22.86
N TYR B 456 39.70 -9.01 -22.17
CA TYR B 456 39.35 -10.33 -22.69
C TYR B 456 37.86 -10.40 -23.08
N PHE B 457 37.01 -9.93 -22.18
CA PHE B 457 35.57 -10.02 -22.33
C PHE B 457 35.10 -9.28 -23.56
N VAL B 458 35.53 -8.04 -23.68
CA VAL B 458 35.11 -7.23 -24.83
C VAL B 458 35.70 -7.79 -26.13
N GLN B 459 36.93 -8.30 -26.06
CA GLN B 459 37.55 -8.90 -27.24
C GLN B 459 36.76 -10.13 -27.69
N TRP B 460 36.41 -10.95 -26.73
CA TRP B 460 35.57 -12.12 -26.97
C TRP B 460 34.21 -11.75 -27.61
N CYS B 461 33.56 -10.70 -27.08
CA CYS B 461 32.34 -10.18 -27.69
C CYS B 461 32.54 -9.82 -29.14
N ALA B 462 33.63 -9.12 -29.43
CA ALA B 462 33.96 -8.72 -30.79
C ALA B 462 34.19 -9.93 -31.69
N ASP B 463 35.02 -10.88 -31.24
CA ASP B 463 35.29 -12.08 -32.03
C ASP B 463 34.04 -12.87 -32.35
N ARG B 464 33.13 -12.97 -31.38
CA ARG B 464 31.90 -13.75 -31.54
C ARG B 464 30.79 -12.96 -32.22
N ASN B 465 30.99 -11.67 -32.49
CA ASN B 465 29.93 -10.80 -33.00
C ASN B 465 28.71 -10.69 -32.07
N PHE B 466 28.96 -10.68 -30.76
CA PHE B 466 27.96 -10.35 -29.81
C PHE B 466 27.74 -8.83 -29.77
N THR B 467 26.71 -8.40 -29.06
CA THR B 467 26.41 -6.97 -28.95
C THR B 467 27.48 -6.27 -28.14
N LYS B 468 27.68 -5.02 -28.45
CA LYS B 468 28.62 -4.22 -27.72
C LYS B 468 28.15 -4.00 -26.28
N PRO B 469 28.96 -4.39 -25.30
CA PRO B 469 28.54 -4.12 -23.93
C PRO B 469 28.27 -2.64 -23.74
N GLN B 470 27.31 -2.31 -22.89
CA GLN B 470 26.84 -0.94 -22.74
C GLN B 470 27.95 0.04 -22.35
N ASP B 471 28.87 -0.39 -21.47
CA ASP B 471 30.00 0.42 -21.08
C ASP B 471 31.29 0.08 -21.83
N GLY B 472 31.16 -0.58 -22.99
CA GLY B 472 32.31 -1.09 -23.75
C GLY B 472 33.38 -0.07 -24.05
N ASP B 473 32.96 1.11 -24.48
CA ASP B 473 33.90 2.18 -24.79
C ASP B 473 34.62 2.71 -23.58
N VAL B 474 33.99 2.62 -22.42
CA VAL B 474 34.62 3.05 -21.17
C VAL B 474 35.56 1.98 -20.61
N ILE B 475 35.11 0.72 -20.57
CA ILE B 475 35.94 -0.32 -19.95
C ILE B 475 37.05 -0.85 -20.85
N ALA B 476 36.89 -0.69 -22.17
CA ALA B 476 37.84 -1.23 -23.13
C ALA B 476 37.97 -0.33 -24.36
N PRO B 477 38.46 0.90 -24.14
CA PRO B 477 38.53 1.89 -25.19
C PRO B 477 39.46 1.51 -26.34
N LEU B 478 40.45 0.66 -26.07
CA LEU B 478 41.36 0.21 -27.12
C LEU B 478 40.81 -0.93 -27.96
N ILE B 479 39.78 -1.60 -27.47
CA ILE B 479 39.24 -2.80 -28.14
C ILE B 479 38.06 -2.46 -29.05
N THR B 480 37.16 -1.60 -28.59
CA THR B 480 35.90 -1.30 -29.30
C THR B 480 36.03 -0.63 -30.68
N PRO B 481 37.11 0.14 -30.92
CA PRO B 481 37.28 0.76 -32.25
C PRO B 481 37.46 -0.23 -33.41
N GLN B 482 37.98 -1.44 -33.12
CA GLN B 482 38.33 -2.39 -34.17
C GLN B 482 37.09 -2.96 -34.82
N LYS B 483 35.94 -2.77 -34.19
CA LYS B 483 34.68 -3.30 -34.66
C LYS B 483 33.85 -2.17 -35.26
N LYS B 484 33.82 -2.08 -36.58
CA LYS B 484 33.06 -1.00 -37.25
C LYS B 484 31.56 -1.16 -37.09
N GLU B 485 31.10 -2.39 -36.93
CA GLU B 485 29.69 -2.67 -36.62
C GLU B 485 29.24 -1.97 -35.32
N TRP B 486 30.17 -1.79 -34.37
CA TRP B 486 29.91 -1.05 -33.14
C TRP B 486 30.10 0.46 -33.28
N ASN B 487 30.63 0.91 -34.42
CA ASN B 487 30.94 2.33 -34.62
C ASN B 487 30.40 2.84 -35.94
N ASP C 1 36.16 2.97 -1.61
CA ASP C 1 34.84 2.79 -0.95
C ASP C 1 33.96 3.99 -1.24
N THR C 2 32.78 3.72 -1.79
CA THR C 2 31.74 4.76 -1.99
C THR C 2 30.42 4.36 -1.33
N MET C 3 29.44 5.27 -1.38
CA MET C 3 28.09 5.02 -0.83
C MET C 3 27.40 3.86 -1.58
N LYS C 4 26.73 2.99 -0.85
CA LYS C 4 25.87 2.03 -1.47
C LYS C 4 24.42 2.44 -1.29
N VAL C 5 23.61 2.10 -2.30
CA VAL C 5 22.18 2.26 -2.25
C VAL C 5 21.55 0.89 -2.07
N ILE C 6 20.61 0.80 -1.15
CA ILE C 6 19.87 -0.43 -0.90
C ILE C 6 18.37 -0.18 -1.06
N ASN C 7 17.67 -1.10 -1.73
CA ASN C 7 16.22 -1.01 -1.82
C ASN C 7 15.53 -1.77 -0.69
N ASP C 8 14.91 -1.02 0.22
CA ASP C 8 14.14 -1.59 1.32
C ASP C 8 12.62 -1.43 1.03
N PRO C 9 11.80 -2.47 1.27
CA PRO C 9 10.38 -2.31 0.98
C PRO C 9 9.66 -1.26 1.86
N ILE C 10 10.17 -0.97 3.04
CA ILE C 10 9.56 0.01 3.92
C ILE C 10 9.99 1.44 3.58
N HIS C 11 11.29 1.65 3.43
CA HIS C 11 11.84 2.99 3.27
C HIS C 11 12.22 3.38 1.86
N GLY C 12 12.13 2.46 0.91
CA GLY C 12 12.61 2.70 -0.45
C GLY C 12 14.12 2.64 -0.54
N HIS C 13 14.67 3.38 -1.50
CA HIS C 13 16.11 3.40 -1.71
C HIS C 13 16.78 4.23 -0.66
N ILE C 14 17.69 3.63 0.08
CA ILE C 14 18.43 4.33 1.11
C ILE C 14 19.93 4.26 0.83
N GLU C 15 20.62 5.34 1.17
CA GLU C 15 22.04 5.50 0.96
C GLU C 15 22.80 5.13 2.21
N LEU C 16 23.84 4.31 2.05
CA LEU C 16 24.71 3.97 3.17
C LEU C 16 26.13 4.47 2.95
N HIS C 17 26.61 5.21 3.91
CA HIS C 17 27.99 5.68 3.94
C HIS C 17 28.95 4.49 4.00
N PRO C 18 30.11 4.59 3.34
CA PRO C 18 31.04 3.43 3.29
C PRO C 18 31.49 2.86 4.63
N LEU C 19 31.61 3.68 5.65
CA LEU C 19 31.91 3.19 7.00
C LEU C 19 30.80 2.23 7.51
N LEU C 20 29.54 2.60 7.27
CA LEU C 20 28.42 1.75 7.64
C LEU C 20 28.46 0.42 6.87
N VAL C 21 28.78 0.51 5.57
CA VAL C 21 28.89 -0.69 4.75
C VAL C 21 29.94 -1.63 5.34
N ARG C 22 31.06 -1.08 5.79
CA ARG C 22 32.12 -1.87 6.41
C ARG C 22 31.66 -2.58 7.67
N ILE C 23 30.86 -1.93 8.47
CA ILE C 23 30.33 -2.54 9.68
C ILE C 23 29.30 -3.65 9.35
N ILE C 24 28.50 -3.41 8.32
CA ILE C 24 27.47 -4.36 7.89
C ILE C 24 28.08 -5.64 7.31
N ASP C 25 29.18 -5.52 6.58
CA ASP C 25 29.79 -6.65 5.91
C ASP C 25 30.80 -7.37 6.82
N THR C 26 30.29 -7.81 7.96
CA THR C 26 31.01 -8.56 8.94
C THR C 26 30.15 -9.75 9.36
N PRO C 27 30.78 -10.83 9.82
CA PRO C 27 30.02 -11.96 10.37
C PRO C 27 29.10 -11.58 11.54
N GLN C 28 29.51 -10.59 12.32
CA GLN C 28 28.76 -10.23 13.52
C GLN C 28 27.46 -9.54 13.16
N PHE C 29 27.46 -8.82 12.05
CA PHE C 29 26.25 -8.17 11.59
C PHE C 29 25.42 -9.07 10.69
N GLN C 30 26.07 -9.80 9.80
CA GLN C 30 25.36 -10.66 8.85
C GLN C 30 24.62 -11.80 9.54
N ARG C 31 25.08 -12.16 10.74
CA ARG C 31 24.39 -13.03 11.65
C ARG C 31 22.90 -12.75 11.80
N LEU C 32 22.53 -11.46 11.78
CA LEU C 32 21.17 -11.03 11.99
C LEU C 32 20.21 -11.42 10.84
N ARG C 33 20.76 -11.88 9.72
CA ARG C 33 19.95 -12.48 8.67
C ARG C 33 19.33 -13.83 9.10
N TYR C 34 19.83 -14.42 10.18
CA TYR C 34 19.42 -15.77 10.57
C TYR C 34 18.69 -15.74 11.93
N ILE C 35 18.15 -14.56 12.27
CA ILE C 35 17.36 -14.41 13.48
C ILE C 35 16.04 -13.71 13.16
N LYS C 36 14.92 -14.46 13.29
CA LYS C 36 13.61 -13.91 13.03
C LYS C 36 13.29 -12.82 14.00
N GLN C 37 12.84 -11.70 13.45
CA GLN C 37 12.37 -10.56 14.25
C GLN C 37 11.33 -10.95 15.32
N LEU C 38 10.33 -11.71 14.91
CA LEU C 38 9.22 -12.05 15.76
C LEU C 38 9.26 -13.45 16.35
N GLY C 39 10.38 -14.13 16.20
CA GLY C 39 10.58 -15.48 16.82
C GLY C 39 9.51 -16.47 16.38
N GLY C 40 8.81 -17.04 17.35
CA GLY C 40 7.69 -17.96 17.06
C GLY C 40 6.46 -17.38 16.37
N GLY C 41 6.35 -16.05 16.31
CA GLY C 41 5.29 -15.40 15.54
C GLY C 41 5.16 -15.78 14.08
N TYR C 42 6.26 -16.17 13.43
CA TYR C 42 6.22 -16.69 12.04
C TYR C 42 5.36 -17.96 11.92
N TYR C 43 5.25 -18.69 13.02
CA TYR C 43 4.46 -19.94 13.06
C TYR C 43 2.95 -19.70 13.21
N VAL C 44 2.59 -18.43 13.35
CA VAL C 44 1.22 -17.98 13.41
C VAL C 44 0.87 -17.00 12.28
N PHE C 45 1.78 -16.10 11.98
CA PHE C 45 1.63 -15.14 10.90
C PHE C 45 2.64 -15.46 9.80
N PRO C 46 2.21 -16.09 8.72
CA PRO C 46 3.18 -16.59 7.72
C PRO C 46 3.91 -15.53 6.92
N GLY C 47 3.40 -14.32 6.94
CA GLY C 47 4.13 -13.21 6.36
C GLY C 47 5.31 -12.73 7.19
N ALA C 48 5.36 -13.10 8.48
CA ALA C 48 6.41 -12.60 9.38
C ALA C 48 7.71 -13.40 9.26
N SER C 49 8.25 -13.45 8.06
CA SER C 49 9.48 -14.16 7.78
C SER C 49 10.70 -13.25 8.00
N HIS C 50 10.47 -11.98 8.28
CA HIS C 50 11.55 -11.02 8.36
C HIS C 50 12.49 -11.23 9.56
N ASN C 51 13.75 -10.90 9.30
CA ASN C 51 14.81 -11.05 10.25
C ASN C 51 15.33 -9.71 10.79
N ARG C 52 16.11 -9.80 11.85
CA ARG C 52 16.67 -8.64 12.53
C ARG C 52 17.57 -7.78 11.65
N PHE C 53 18.18 -8.39 10.66
CA PHE C 53 19.09 -7.70 9.73
C PHE C 53 18.42 -6.50 9.06
N GLU C 54 17.28 -6.74 8.42
CA GLU C 54 16.64 -5.71 7.63
C GLU C 54 16.01 -4.66 8.53
N HIS C 55 15.56 -5.06 9.70
CA HIS C 55 15.13 -4.10 10.72
C HIS C 55 16.27 -3.17 11.13
N SER C 56 17.44 -3.73 11.33
CA SER C 56 18.59 -2.92 11.75
C SER C 56 18.95 -1.87 10.72
N LEU C 57 18.95 -2.25 9.44
CA LEU C 57 19.20 -1.29 8.38
C LEU C 57 18.22 -0.16 8.44
N GLY C 58 16.96 -0.48 8.64
CA GLY C 58 15.93 0.56 8.76
C GLY C 58 16.12 1.48 9.94
N VAL C 59 16.52 0.96 11.10
CA VAL C 59 16.77 1.76 12.29
C VAL C 59 17.93 2.70 12.04
N GLY C 60 19.01 2.19 11.46
CA GLY C 60 20.16 3.00 11.08
C GLY C 60 19.76 4.12 10.11
N TYR C 61 18.91 3.81 9.14
CA TYR C 61 18.46 4.81 8.18
C TYR C 61 17.60 5.88 8.81
N LEU C 62 16.63 5.50 9.63
CA LEU C 62 15.78 6.48 10.31
C LEU C 62 16.56 7.35 11.32
N ALA C 63 17.55 6.77 11.98
CA ALA C 63 18.40 7.54 12.89
C ALA C 63 19.13 8.64 12.12
N GLY C 64 19.68 8.30 10.95
CA GLY C 64 20.26 9.27 10.05
C GLY C 64 19.29 10.34 9.58
N CYS C 65 18.06 9.95 9.23
CA CYS C 65 17.05 10.91 8.80
C CYS C 65 16.75 11.96 9.87
N LEU C 66 16.57 11.52 11.11
CA LEU C 66 16.20 12.43 12.17
C LEU C 66 17.36 13.38 12.50
N VAL C 67 18.56 12.83 12.65
CA VAL C 67 19.70 13.69 12.98
C VAL C 67 20.01 14.68 11.85
N HIS C 68 19.93 14.25 10.59
CA HIS C 68 20.04 15.20 9.46
C HIS C 68 18.95 16.28 9.48
N ALA C 69 17.71 15.91 9.76
CA ALA C 69 16.62 16.89 9.79
C ALA C 69 16.85 17.97 10.86
N LEU C 70 17.25 17.54 12.05
CA LEU C 70 17.55 18.49 13.10
C LEU C 70 18.68 19.46 12.69
N GLY C 71 19.75 18.91 12.12
CA GLY C 71 20.93 19.70 11.70
C GLY C 71 20.60 20.72 10.61
N GLU C 72 19.76 20.34 9.66
CA GLU C 72 19.32 21.22 8.59
C GLU C 72 18.43 22.38 9.09
N LYS C 73 17.49 22.08 9.98
CA LYS C 73 16.62 23.12 10.51
C LYS C 73 17.32 23.99 11.55
N GLN C 74 18.27 23.42 12.30
CA GLN C 74 18.94 24.15 13.37
C GLN C 74 20.47 24.02 13.30
N PRO C 75 21.10 24.76 12.36
CA PRO C 75 22.57 24.76 12.19
C PRO C 75 23.31 25.16 13.46
N GLU C 76 22.68 25.99 14.29
CA GLU C 76 23.25 26.38 15.57
C GLU C 76 23.52 25.23 16.55
N LEU C 77 22.97 24.04 16.27
CA LEU C 77 23.24 22.88 17.11
C LEU C 77 24.64 22.30 16.87
N GLN C 78 25.24 22.66 15.73
CA GLN C 78 26.57 22.20 15.36
C GLN C 78 26.68 20.69 15.27
N ILE C 79 25.68 20.08 14.66
CA ILE C 79 25.73 18.65 14.46
C ILE C 79 26.78 18.41 13.37
N SER C 80 27.74 17.55 13.66
CA SER C 80 28.81 17.23 12.71
C SER C 80 28.55 15.92 11.99
N GLU C 81 29.29 15.70 10.92
CA GLU C 81 29.18 14.44 10.18
C GLU C 81 29.58 13.31 11.08
N ARG C 82 30.52 13.57 11.96
CA ARG C 82 30.90 12.63 12.97
C ARG C 82 29.71 12.20 13.86
N ASP C 83 28.92 13.18 14.31
CA ASP C 83 27.72 12.90 15.11
C ASP C 83 26.72 12.02 14.31
N VAL C 84 26.51 12.37 13.05
CA VAL C 84 25.57 11.64 12.19
C VAL C 84 25.99 10.19 12.07
N LEU C 85 27.27 9.96 11.81
CA LEU C 85 27.76 8.60 11.63
C LEU C 85 27.68 7.83 12.92
N CYS C 86 27.98 8.45 14.04
CA CYS C 86 27.87 7.77 15.34
C CYS C 86 26.45 7.38 15.68
N VAL C 87 25.50 8.25 15.35
CA VAL C 87 24.09 7.92 15.58
C VAL C 87 23.62 6.79 14.64
N GLN C 88 23.99 6.86 13.36
CA GLN C 88 23.62 5.80 12.46
C GLN C 88 24.20 4.47 12.92
N ILE C 89 25.46 4.48 13.35
CA ILE C 89 26.10 3.22 13.77
C ILE C 89 25.39 2.62 14.98
N ALA C 90 25.03 3.45 15.95
CA ALA C 90 24.26 2.96 17.09
C ALA C 90 22.92 2.36 16.63
N GLY C 91 22.28 3.04 15.69
CA GLY C 91 21.03 2.55 15.15
C GLY C 91 21.18 1.20 14.46
N LEU C 92 22.18 1.08 13.61
CA LEU C 92 22.50 -0.20 12.98
C LEU C 92 22.78 -1.31 13.96
N CYS C 93 23.45 -0.98 15.06
CA CYS C 93 24.01 -2.00 15.93
C CYS C 93 23.20 -2.30 17.19
N ARG C 94 22.07 -1.63 17.41
CA ARG C 94 21.36 -1.92 18.64
C ARG C 94 20.68 -3.29 18.72
N ASN C 95 20.52 -3.97 17.59
CA ASN C 95 19.94 -5.30 17.62
C ASN C 95 20.97 -6.41 17.58
N LEU C 96 22.26 -6.08 17.62
CA LEU C 96 23.30 -7.08 17.50
C LEU C 96 23.23 -8.16 18.60
N GLY C 97 22.72 -7.83 19.77
CA GLY C 97 22.70 -8.76 20.90
C GLY C 97 21.58 -9.79 20.93
N HIS C 98 20.67 -9.74 19.97
CA HIS C 98 19.57 -10.70 19.94
C HIS C 98 20.08 -12.13 19.69
N GLY C 99 19.41 -13.08 20.33
CA GLY C 99 19.73 -14.49 20.20
C GLY C 99 18.68 -15.15 19.35
N PRO C 100 18.76 -16.48 19.24
CA PRO C 100 17.81 -17.24 18.46
C PRO C 100 16.34 -16.90 18.81
N PHE C 101 15.55 -16.66 17.76
CA PHE C 101 14.14 -16.31 17.89
C PHE C 101 13.92 -15.04 18.77
N SER C 102 14.86 -14.11 18.71
CA SER C 102 14.77 -12.81 19.37
C SER C 102 14.32 -12.93 20.86
N HIS C 103 13.12 -12.44 21.19
CA HIS C 103 12.72 -12.31 22.60
C HIS C 103 12.54 -13.63 23.35
N MET C 104 12.38 -14.72 22.58
CA MET C 104 12.41 -16.04 23.17
C MET C 104 13.68 -16.28 23.98
N PHE C 105 14.81 -15.87 23.40
CA PHE C 105 16.11 -16.23 23.94
C PHE C 105 16.36 -15.57 25.29
N ASP C 106 16.15 -14.27 25.36
CA ASP C 106 16.42 -13.58 26.64
C ASP C 106 15.20 -13.45 27.54
N GLY C 107 14.01 -13.57 26.97
CA GLY C 107 12.79 -13.51 27.74
C GLY C 107 12.43 -14.85 28.38
N ARG C 108 12.80 -15.98 27.75
CA ARG C 108 12.40 -17.29 28.25
C ARG C 108 13.57 -18.21 28.53
N PHE C 109 14.44 -18.38 27.55
CA PHE C 109 15.47 -19.41 27.64
C PHE C 109 16.55 -19.10 28.66
N ILE C 110 17.17 -17.95 28.55
CA ILE C 110 18.26 -17.62 29.45
C ILE C 110 17.84 -17.57 30.93
N PRO C 111 16.67 -16.97 31.24
CA PRO C 111 16.20 -16.96 32.63
C PRO C 111 16.04 -18.36 33.20
N LEU C 112 15.60 -19.31 32.39
CA LEU C 112 15.49 -20.71 32.83
C LEU C 112 16.80 -21.47 32.84
N ALA C 113 17.63 -21.27 31.82
CA ALA C 113 18.92 -21.97 31.75
C ALA C 113 19.95 -21.44 32.71
N ARG C 114 20.02 -20.12 32.89
CA ARG C 114 21.03 -19.47 33.76
C ARG C 114 20.33 -18.50 34.71
N PRO C 115 19.58 -19.04 35.68
CA PRO C 115 18.81 -18.15 36.55
C PRO C 115 19.69 -17.15 37.32
N GLU C 116 20.92 -17.53 37.63
CA GLU C 116 21.86 -16.67 38.37
C GLU C 116 22.31 -15.44 37.58
N VAL C 117 22.33 -15.53 36.26
CA VAL C 117 22.89 -14.47 35.42
C VAL C 117 21.87 -13.36 35.15
N LYS C 118 22.33 -12.15 34.86
CA LYS C 118 21.48 -11.02 34.48
C LYS C 118 21.83 -10.59 33.06
N TRP C 119 21.08 -11.09 32.08
CA TRP C 119 21.42 -10.91 30.66
C TRP C 119 20.29 -10.23 29.94
N THR C 120 20.62 -9.25 29.09
CA THR C 120 19.64 -8.63 28.21
C THR C 120 20.26 -8.54 26.83
N HIS C 121 19.42 -8.47 25.81
CA HIS C 121 19.93 -8.28 24.45
C HIS C 121 20.69 -6.95 24.27
N GLU C 122 20.32 -5.93 25.05
CA GLU C 122 21.04 -4.63 25.04
C GLU C 122 22.51 -4.78 25.45
N GLN C 123 22.74 -5.46 26.56
CA GLN C 123 24.11 -5.79 27.00
C GLN C 123 24.81 -6.61 25.94
N GLY C 124 24.09 -7.58 25.39
CA GLY C 124 24.62 -8.40 24.31
C GLY C 124 25.01 -7.55 23.11
N SER C 125 24.24 -6.52 22.81
CA SER C 125 24.55 -5.67 21.66
C SER C 125 25.87 -4.92 21.86
N VAL C 126 26.11 -4.43 23.08
CA VAL C 126 27.33 -3.72 23.38
C VAL C 126 28.55 -4.63 23.27
N MET C 127 28.43 -5.83 23.82
CA MET C 127 29.50 -6.81 23.74
C MET C 127 29.77 -7.25 22.30
N MET C 128 28.72 -7.50 21.56
CA MET C 128 28.85 -7.88 20.17
C MET C 128 29.49 -6.76 19.33
N PHE C 129 29.08 -5.54 19.62
CA PHE C 129 29.59 -4.38 18.93
C PHE C 129 31.11 -4.25 19.13
N GLU C 130 31.54 -4.38 20.38
CA GLU C 130 32.95 -4.34 20.73
C GLU C 130 33.68 -5.44 19.93
N HIS C 131 33.12 -6.64 19.95
CA HIS C 131 33.74 -7.77 19.26
C HIS C 131 33.78 -7.53 17.75
N LEU C 132 32.72 -6.96 17.21
CA LEU C 132 32.68 -6.63 15.79
C LEU C 132 33.81 -5.65 15.42
N ILE C 133 33.92 -4.58 16.18
CA ILE C 133 34.93 -3.54 15.96
C ILE C 133 36.35 -4.11 16.04
N ASN C 134 36.65 -4.80 17.12
CA ASN C 134 37.99 -5.34 17.32
C ASN C 134 38.36 -6.43 16.35
N SER C 135 37.45 -7.36 16.10
CA SER C 135 37.73 -8.49 15.20
C SER C 135 37.94 -8.09 13.76
N ASN C 136 37.43 -6.96 13.34
CA ASN C 136 37.43 -6.61 11.92
C ASN C 136 38.27 -5.38 11.57
N GLY C 137 39.06 -4.87 12.53
CA GLY C 137 39.91 -3.72 12.30
C GLY C 137 39.15 -2.46 11.92
N ILE C 138 38.01 -2.23 12.57
CA ILE C 138 37.15 -1.10 12.22
C ILE C 138 37.70 0.22 12.78
N LYS C 139 38.43 0.19 13.90
CA LYS C 139 38.90 1.44 14.54
C LYS C 139 39.71 2.36 13.61
N PRO C 140 40.70 1.81 12.88
CA PRO C 140 41.41 2.57 11.85
C PRO C 140 40.52 3.16 10.78
N VAL C 141 39.53 2.40 10.35
CA VAL C 141 38.60 2.88 9.31
C VAL C 141 37.78 4.05 9.88
N MET C 142 37.32 3.91 11.12
CA MET C 142 36.64 5.00 11.81
C MET C 142 37.48 6.29 11.82
N GLU C 143 38.75 6.15 12.17
CA GLU C 143 39.71 7.27 12.18
C GLU C 143 39.84 7.92 10.80
N GLN C 144 39.87 7.07 9.78
CA GLN C 144 39.91 7.52 8.40
C GLN C 144 38.73 8.40 8.01
N TYR C 145 37.58 8.20 8.63
CA TYR C 145 36.42 9.04 8.31
C TYR C 145 36.18 10.15 9.33
N GLY C 146 37.14 10.39 10.21
CA GLY C 146 37.08 11.52 11.12
C GLY C 146 36.52 11.21 12.49
N LEU C 147 36.26 9.94 12.79
CA LEU C 147 35.76 9.57 14.11
C LEU C 147 36.94 9.43 15.05
N ILE C 148 36.67 9.63 16.33
CA ILE C 148 37.64 9.50 17.40
C ILE C 148 37.23 8.31 18.25
N PRO C 149 37.78 7.14 17.94
CA PRO C 149 37.33 5.89 18.54
C PRO C 149 37.14 5.87 20.05
N GLU C 150 38.04 6.47 20.81
CA GLU C 150 37.91 6.46 22.27
C GLU C 150 36.54 7.02 22.71
N GLU C 151 36.28 8.27 22.35
CA GLU C 151 34.99 8.93 22.66
C GLU C 151 33.79 8.33 21.96
N ASP C 152 33.95 8.07 20.67
CA ASP C 152 32.83 7.72 19.82
C ASP C 152 32.34 6.32 20.09
N ILE C 153 33.25 5.40 20.38
CA ILE C 153 32.84 4.04 20.74
C ILE C 153 32.05 4.07 22.05
N CYS C 154 32.49 4.90 22.96
CA CYS C 154 31.78 5.09 24.20
C CYS C 154 30.38 5.68 23.94
N PHE C 155 30.32 6.70 23.07
CA PHE C 155 29.07 7.34 22.68
C PHE C 155 28.07 6.31 22.09
N ILE C 156 28.57 5.48 21.18
CA ILE C 156 27.75 4.46 20.52
C ILE C 156 27.19 3.47 21.55
N LYS C 157 28.03 3.00 22.47
CA LYS C 157 27.56 2.08 23.49
C LYS C 157 26.54 2.72 24.42
N GLU C 158 26.76 3.97 24.79
CA GLU C 158 25.84 4.69 25.65
C GLU C 158 24.47 4.88 25.01
N GLN C 159 24.46 5.11 23.69
CA GLN C 159 23.24 5.24 22.95
C GLN C 159 22.41 3.94 23.01
N ILE C 160 23.08 2.79 23.10
CA ILE C 160 22.39 1.52 23.11
C ILE C 160 21.96 1.11 24.52
N VAL C 161 22.86 1.23 25.47
CA VAL C 161 22.62 0.63 26.77
C VAL C 161 22.40 1.67 27.89
N GLY C 162 22.61 2.95 27.59
CA GLY C 162 22.51 4.00 28.58
C GLY C 162 23.84 4.24 29.23
N PRO C 163 23.85 5.06 30.29
CA PRO C 163 25.10 5.36 30.99
C PRO C 163 25.82 4.11 31.47
N LEU C 164 27.11 4.03 31.19
CA LEU C 164 27.92 2.90 31.60
C LEU C 164 28.38 3.20 33.02
N ASP C 170 23.43 11.14 42.56
CA ASP C 170 24.51 10.77 41.66
C ASP C 170 24.98 11.96 40.80
N SER C 171 24.40 12.18 39.62
CA SER C 171 24.93 13.13 38.65
C SER C 171 23.82 13.85 37.90
N LEU C 172 24.08 15.07 37.45
CA LEU C 172 23.16 15.74 36.56
C LEU C 172 23.31 15.16 35.17
N TRP C 173 24.53 15.14 34.63
CA TRP C 173 24.86 14.57 33.34
C TRP C 173 25.70 13.31 33.49
N PRO C 174 25.09 12.14 33.29
CA PRO C 174 25.78 10.85 33.48
C PRO C 174 26.55 10.29 32.25
N TYR C 175 26.53 10.97 31.12
CA TYR C 175 27.12 10.44 29.89
C TYR C 175 28.50 11.03 29.64
N LYS C 176 29.38 10.21 29.08
CA LYS C 176 30.75 10.63 28.74
C LYS C 176 31.01 10.83 27.22
N GLY C 177 30.24 10.19 26.35
CA GLY C 177 30.50 10.25 24.92
C GLY C 177 30.25 11.59 24.28
N ARG C 178 29.26 12.32 24.80
CA ARG C 178 28.95 13.66 24.34
C ARG C 178 28.46 14.50 25.52
N PRO C 179 28.62 15.82 25.43
CA PRO C 179 28.27 16.74 26.52
C PRO C 179 26.81 17.09 26.46
N GLU C 180 26.35 17.82 27.47
CA GLU C 180 24.94 18.21 27.61
C GLU C 180 24.35 18.99 26.45
N ASN C 181 25.16 19.77 25.77
CA ASN C 181 24.68 20.50 24.59
C ASN C 181 24.33 19.58 23.42
N LYS C 182 24.72 18.31 23.48
CA LYS C 182 24.37 17.32 22.45
C LYS C 182 23.46 16.23 23.02
N SER C 183 22.81 16.51 24.14
CA SER C 183 21.94 15.57 24.86
C SER C 183 20.91 14.96 23.95
N PHE C 184 20.38 15.80 23.07
CA PHE C 184 19.38 15.36 22.13
C PHE C 184 19.81 14.19 21.24
N LEU C 185 21.11 14.00 21.03
CA LEU C 185 21.57 12.85 20.28
C LEU C 185 21.31 11.50 20.95
N TYR C 186 21.21 11.48 22.27
CA TYR C 186 20.90 10.25 23.02
C TYR C 186 19.45 9.83 22.99
N GLU C 187 18.59 10.66 22.41
CA GLU C 187 17.17 10.39 22.34
C GLU C 187 16.72 9.75 21.01
N ILE C 188 17.64 9.56 20.07
CA ILE C 188 17.30 9.09 18.75
C ILE C 188 17.15 7.56 18.66
N VAL C 189 18.12 6.80 19.16
CA VAL C 189 18.19 5.38 18.90
C VAL C 189 17.48 4.56 19.96
N SER C 190 17.76 4.85 21.21
CA SER C 190 17.12 4.12 22.27
C SER C 190 16.84 5.09 23.38
N ASN C 191 15.62 5.59 23.38
CA ASN C 191 15.26 6.70 24.24
C ASN C 191 14.87 6.19 25.63
N LYS C 192 15.78 6.34 26.57
CA LYS C 192 15.59 5.88 27.96
C LYS C 192 14.65 6.75 28.76
N ARG C 193 14.42 7.98 28.31
CA ARG C 193 13.56 8.88 29.03
C ARG C 193 12.09 8.53 28.83
N ASN C 194 11.68 8.23 27.59
CA ASN C 194 10.29 7.97 27.30
C ASN C 194 9.97 6.91 26.23
N GLY C 195 10.99 6.29 25.67
CA GLY C 195 10.79 5.22 24.70
C GLY C 195 10.39 5.66 23.29
N ILE C 196 10.38 6.94 22.99
CA ILE C 196 10.03 7.40 21.67
C ILE C 196 11.29 7.50 20.83
N ASP C 197 11.53 6.51 19.97
CA ASP C 197 12.77 6.44 19.22
C ASP C 197 12.57 5.76 17.88
N VAL C 198 13.59 5.82 17.06
CA VAL C 198 13.49 5.38 15.70
C VAL C 198 13.39 3.84 15.58
N ASP C 199 13.77 3.11 16.63
CA ASP C 199 13.64 1.66 16.65
C ASP C 199 12.16 1.26 16.52
N LYS C 200 11.29 1.89 17.31
CA LYS C 200 9.86 1.67 17.22
C LYS C 200 9.31 2.04 15.89
N TRP C 201 9.74 3.16 15.36
CA TRP C 201 9.20 3.61 14.11
C TRP C 201 9.47 2.63 13.00
N ASP C 202 10.67 2.04 12.98
CA ASP C 202 10.92 1.04 11.96
C ASP C 202 10.07 -0.19 12.19
N TYR C 203 10.03 -0.71 13.44
CA TYR C 203 9.33 -1.98 13.60
C TYR C 203 7.83 -1.89 13.44
N PHE C 204 7.23 -0.75 13.80
CA PHE C 204 5.82 -0.54 13.52
C PHE C 204 5.51 -0.72 12.04
N ALA C 205 6.28 -0.03 11.20
CA ALA C 205 6.02 -0.07 9.77
C ALA C 205 6.40 -1.44 9.20
N ARG C 206 7.52 -2.01 9.63
CA ARG C 206 8.00 -3.26 9.05
C ARG C 206 7.13 -4.45 9.53
N ASP C 207 6.85 -4.53 10.82
CA ASP C 207 6.02 -5.61 11.33
C ASP C 207 4.63 -5.57 10.70
N CYS C 208 4.03 -4.40 10.61
CA CYS C 208 2.72 -4.25 9.95
C CYS C 208 2.70 -4.70 8.49
N HIS C 209 3.70 -4.29 7.74
CA HIS C 209 3.86 -4.71 6.36
C HIS C 209 3.91 -6.24 6.22
N HIS C 210 4.59 -6.91 7.14
CA HIS C 210 4.73 -8.35 7.09
C HIS C 210 3.59 -9.14 7.73
N LEU C 211 3.00 -8.59 8.78
CA LEU C 211 2.00 -9.28 9.54
C LEU C 211 0.68 -9.24 8.81
N GLY C 212 0.48 -8.22 7.99
CA GLY C 212 -0.83 -8.00 7.35
C GLY C 212 -1.75 -7.18 8.24
N ILE C 213 -1.20 -6.17 8.90
CA ILE C 213 -1.93 -5.28 9.74
C ILE C 213 -1.65 -3.88 9.21
N GLN C 214 -2.70 -3.12 8.94
CA GLN C 214 -2.54 -1.76 8.44
C GLN C 214 -2.56 -0.79 9.62
N ASN C 215 -1.42 -0.75 10.27
CA ASN C 215 -1.16 0.19 11.34
C ASN C 215 0.26 0.72 11.21
N ASN C 216 0.47 1.96 11.61
CA ASN C 216 1.82 2.40 11.96
C ASN C 216 1.78 3.77 12.61
N PHE C 217 2.93 4.25 13.02
CA PHE C 217 3.06 5.62 13.48
C PHE C 217 3.61 6.39 12.30
N ASP C 218 3.10 7.60 12.06
CA ASP C 218 3.65 8.41 10.99
C ASP C 218 4.91 9.12 11.48
N TYR C 219 6.03 8.46 11.29
CA TYR C 219 7.30 8.98 11.71
C TYR C 219 7.78 10.14 10.86
N LYS C 220 7.48 10.13 9.56
CA LYS C 220 7.91 11.25 8.71
C LYS C 220 7.30 12.54 9.21
N ARG C 221 6.04 12.49 9.61
CA ARG C 221 5.38 13.64 10.20
C ARG C 221 6.15 14.11 11.44
N PHE C 222 6.45 13.17 12.34
CA PHE C 222 7.09 13.51 13.59
C PHE C 222 8.45 14.17 13.35
N ILE C 223 9.22 13.62 12.41
CA ILE C 223 10.50 14.20 12.02
C ILE C 223 10.35 15.64 11.52
N LYS C 224 9.33 15.92 10.72
CA LYS C 224 9.11 17.31 10.29
C LYS C 224 8.82 18.29 11.42
N PHE C 225 8.20 17.83 12.51
CA PHE C 225 7.82 18.72 13.59
C PHE C 225 8.80 18.69 14.78
N ALA C 226 9.88 17.92 14.67
CA ALA C 226 10.78 17.78 15.81
C ALA C 226 11.71 19.00 15.89
N ARG C 227 11.99 19.51 17.09
CA ARG C 227 12.97 20.57 17.29
C ARG C 227 13.76 20.29 18.51
N VAL C 228 14.94 20.92 18.62
CA VAL C 228 15.69 20.86 19.84
C VAL C 228 15.48 22.15 20.60
N CYS C 229 15.15 22.02 21.89
CA CYS C 229 14.97 23.14 22.82
C CYS C 229 15.73 22.87 24.11
N GLU C 230 15.99 23.93 24.86
CA GLU C 230 16.54 23.81 26.21
C GLU C 230 15.50 23.33 27.21
N VAL C 231 15.80 22.26 27.92
CA VAL C 231 14.96 21.74 28.99
C VAL C 231 15.90 21.50 30.17
N ASP C 232 15.64 22.17 31.29
CA ASP C 232 16.43 22.03 32.51
C ASP C 232 17.93 21.92 32.25
N ASN C 233 18.45 22.88 31.48
CA ASN C 233 19.88 22.92 31.10
C ASN C 233 20.40 21.78 30.23
N GLU C 234 19.49 21.03 29.60
CA GLU C 234 19.85 20.10 28.54
C GLU C 234 19.22 20.63 27.26
N LEU C 235 19.86 20.37 26.14
CA LEU C 235 19.19 20.48 24.83
C LEU C 235 18.52 19.16 24.45
N ARG C 236 17.20 19.15 24.43
CA ARG C 236 16.43 17.96 24.12
C ARG C 236 15.60 18.10 22.87
N ILE C 237 15.21 16.94 22.33
CA ILE C 237 14.25 16.91 21.24
C ILE C 237 12.87 17.24 21.80
N CYS C 238 12.18 18.16 21.15
CA CYS C 238 10.82 18.49 21.54
C CYS C 238 9.90 18.30 20.37
N ALA C 239 8.70 17.81 20.69
CA ALA C 239 7.68 17.61 19.69
C ALA C 239 6.76 18.83 19.74
N ARG C 240 6.23 19.16 18.57
CA ARG C 240 5.20 20.19 18.48
C ARG C 240 3.99 19.79 19.34
N ASP C 241 3.46 20.72 20.10
CA ASP C 241 2.30 20.47 21.00
C ASP C 241 1.13 19.68 20.37
N LYS C 242 0.75 20.07 19.15
CA LYS C 242 -0.22 19.39 18.29
C LYS C 242 -0.02 17.88 18.14
N GLU C 243 1.22 17.44 18.20
CA GLU C 243 1.50 16.06 18.03
C GLU C 243 1.20 15.17 19.24
N VAL C 244 0.76 15.72 20.38
CA VAL C 244 0.63 14.92 21.59
C VAL C 244 -0.35 13.74 21.41
N GLY C 245 -1.47 13.99 20.73
CA GLY C 245 -2.43 12.93 20.39
C GLY C 245 -1.83 11.80 19.56
N ASN C 246 -0.98 12.13 18.58
CA ASN C 246 -0.28 11.15 17.80
C ASN C 246 0.67 10.30 18.63
N LEU C 247 1.24 10.87 19.67
CA LEU C 247 2.12 10.11 20.56
C LEU C 247 1.36 9.13 21.41
N TYR C 248 0.23 9.54 21.97
CA TYR C 248 -0.62 8.60 22.67
C TYR C 248 -1.04 7.46 21.72
N ASP C 249 -1.36 7.81 20.48
CA ASP C 249 -1.70 6.80 19.46
C ASP C 249 -0.54 5.83 19.15
N MET C 250 0.69 6.35 19.16
CA MET C 250 1.86 5.53 18.95
C MET C 250 1.93 4.43 20.02
N PHE C 251 1.71 4.78 21.29
CA PHE C 251 1.72 3.77 22.36
C PHE C 251 0.53 2.86 22.31
N HIS C 252 -0.60 3.36 21.87
CA HIS C 252 -1.75 2.48 21.64
C HIS C 252 -1.46 1.43 20.54
N THR C 253 -0.83 1.87 19.45
CA THR C 253 -0.46 1.01 18.35
C THR C 253 0.50 -0.07 18.86
N ARG C 254 1.52 0.33 19.61
CA ARG C 254 2.42 -0.62 20.21
C ARG C 254 1.68 -1.69 21.02
N ASN C 255 0.78 -1.26 21.89
CA ASN C 255 0.02 -2.19 22.70
C ASN C 255 -0.87 -3.11 21.86
N SER C 256 -1.51 -2.57 20.82
N SER C 256 -1.51 -2.57 20.82
CA SER C 256 -2.28 -3.37 19.84
CA SER C 256 -2.30 -3.35 19.84
C SER C 256 -1.47 -4.46 19.17
C SER C 256 -1.49 -4.45 19.16
N LEU C 257 -0.28 -4.10 18.73
CA LEU C 257 0.63 -5.04 18.10
C LEU C 257 1.11 -6.14 19.07
N HIS C 258 1.32 -5.79 20.33
CA HIS C 258 1.60 -6.80 21.34
C HIS C 258 0.45 -7.74 21.56
N ARG C 259 -0.76 -7.18 21.69
CA ARG C 259 -1.97 -7.99 21.87
C ARG C 259 -2.26 -8.93 20.67
N ARG C 260 -2.22 -8.38 19.46
CA ARG C 260 -2.56 -9.11 18.25
C ARG C 260 -1.48 -10.11 17.85
N ALA C 261 -0.22 -9.70 17.93
CA ALA C 261 0.86 -10.45 17.33
C ALA C 261 1.95 -10.89 18.31
N TYR C 262 2.62 -9.98 18.97
CA TYR C 262 3.83 -10.34 19.70
C TYR C 262 3.57 -11.22 20.91
N GLN C 263 2.38 -11.12 21.48
CA GLN C 263 1.95 -11.98 22.60
C GLN C 263 0.80 -12.88 22.19
N HIS C 264 0.69 -13.18 20.89
CA HIS C 264 -0.32 -14.11 20.47
C HIS C 264 -0.16 -15.39 21.29
N LYS C 265 -1.26 -15.96 21.79
CA LYS C 265 -1.22 -17.08 22.74
C LYS C 265 -0.52 -18.32 22.17
N VAL C 266 -0.70 -18.53 20.87
CA VAL C 266 -0.03 -19.64 20.19
C VAL C 266 1.42 -19.34 19.82
N GLY C 267 1.70 -18.11 19.40
CA GLY C 267 3.06 -17.68 19.15
C GLY C 267 3.87 -17.84 20.44
N ASN C 268 3.30 -17.47 21.57
CA ASN C 268 3.97 -17.65 22.88
C ASN C 268 4.18 -19.11 23.25
N ILE C 269 3.21 -19.98 23.00
CA ILE C 269 3.38 -21.38 23.39
C ILE C 269 4.39 -22.06 22.47
N ILE C 270 4.48 -21.63 21.22
CA ILE C 270 5.51 -22.15 20.34
C ILE C 270 6.90 -21.72 20.82
N ASP C 271 7.05 -20.45 21.22
CA ASP C 271 8.31 -20.00 21.85
C ASP C 271 8.65 -20.82 23.10
N THR C 272 7.63 -21.16 23.89
CA THR C 272 7.82 -21.92 25.07
C THR C 272 8.27 -23.35 24.71
N MET C 273 7.67 -23.92 23.67
CA MET C 273 8.05 -25.27 23.26
C MET C 273 9.47 -25.29 22.70
N ILE C 274 9.83 -24.29 21.92
CA ILE C 274 11.20 -24.19 21.42
C ILE C 274 12.19 -24.03 22.58
N THR C 275 11.85 -23.20 23.55
CA THR C 275 12.68 -23.05 24.74
C THR C 275 12.89 -24.39 25.46
N ASP C 276 11.81 -25.15 25.61
CA ASP C 276 11.88 -26.50 26.18
C ASP C 276 12.83 -27.44 25.43
N ALA C 277 12.71 -27.44 24.10
CA ALA C 277 13.63 -28.20 23.25
C ALA C 277 15.09 -27.76 23.46
N PHE C 278 15.33 -26.45 23.55
CA PHE C 278 16.69 -25.92 23.79
C PHE C 278 17.23 -26.35 25.14
N LEU C 279 16.39 -26.33 26.17
CA LEU C 279 16.80 -26.80 27.50
C LEU C 279 17.20 -28.28 27.46
N LYS C 280 16.44 -29.10 26.74
CA LYS C 280 16.78 -30.52 26.64
C LYS C 280 17.95 -30.79 25.71
N ALA C 281 18.30 -29.85 24.85
CA ALA C 281 19.43 -30.01 23.95
C ALA C 281 20.70 -29.38 24.52
N ASP C 282 20.56 -28.58 25.58
CA ASP C 282 21.66 -27.72 26.07
C ASP C 282 22.93 -28.48 26.48
N ASP C 283 22.79 -29.71 26.98
CA ASP C 283 23.95 -30.54 27.35
C ASP C 283 24.71 -31.11 26.16
N TYR C 284 24.09 -31.15 24.98
CA TYR C 284 24.66 -31.91 23.88
C TYR C 284 25.11 -31.06 22.72
N ILE C 285 24.53 -29.88 22.51
CA ILE C 285 24.95 -29.05 21.40
C ILE C 285 26.23 -28.30 21.78
N GLU C 286 27.21 -28.29 20.89
CA GLU C 286 28.50 -27.66 21.17
C GLU C 286 28.74 -26.51 20.21
N ILE C 287 29.13 -25.36 20.75
CA ILE C 287 29.42 -24.21 19.95
C ILE C 287 30.85 -23.78 20.24
N THR C 288 31.66 -23.72 19.18
CA THR C 288 33.07 -23.41 19.33
C THR C 288 33.26 -21.92 19.42
N GLY C 289 33.96 -21.48 20.45
CA GLY C 289 34.27 -20.09 20.65
C GLY C 289 35.75 -19.81 20.51
N ALA C 290 36.21 -18.79 21.21
CA ALA C 290 37.58 -18.33 21.12
C ALA C 290 38.56 -19.44 21.55
N GLY C 291 39.62 -19.59 20.77
CA GLY C 291 40.68 -20.55 21.06
C GLY C 291 40.21 -22.00 20.99
N GLY C 292 39.14 -22.27 20.24
CA GLY C 292 38.61 -23.64 20.15
C GLY C 292 37.79 -24.14 21.35
N LYS C 293 37.68 -23.36 22.42
CA LYS C 293 36.83 -23.76 23.55
C LYS C 293 35.39 -23.99 23.13
N LYS C 294 34.76 -24.99 23.74
CA LYS C 294 33.39 -25.34 23.42
C LYS C 294 32.43 -24.72 24.41
N TYR C 295 31.31 -24.26 23.90
CA TYR C 295 30.31 -23.66 24.73
C TYR C 295 29.00 -24.37 24.46
N ARG C 296 28.06 -24.13 25.36
CA ARG C 296 26.70 -24.60 25.21
C ARG C 296 25.83 -23.44 24.77
N ILE C 297 24.61 -23.79 24.35
CA ILE C 297 23.65 -22.77 23.99
C ILE C 297 23.56 -21.71 25.11
N SER C 298 23.48 -22.19 26.35
CA SER C 298 23.32 -21.31 27.52
C SER C 298 24.59 -20.57 27.94
N THR C 299 25.75 -21.02 27.51
CA THR C 299 26.99 -20.33 27.86
C THR C 299 27.63 -19.57 26.70
N ALA C 300 27.09 -19.70 25.49
CA ALA C 300 27.63 -18.96 24.35
C ALA C 300 27.59 -17.45 24.54
N ILE C 301 26.68 -16.97 25.38
CA ILE C 301 26.62 -15.54 25.76
C ILE C 301 27.87 -15.02 26.49
N ASP C 302 28.72 -15.92 26.98
CA ASP C 302 29.96 -15.54 27.65
C ASP C 302 31.15 -15.37 26.70
N ASP C 303 30.99 -15.78 25.45
CA ASP C 303 32.04 -15.62 24.45
C ASP C 303 31.42 -15.16 23.14
N MET C 304 31.75 -13.95 22.72
CA MET C 304 31.15 -13.37 21.52
C MET C 304 31.47 -14.14 20.24
N GLU C 305 32.65 -14.75 20.16
CA GLU C 305 32.99 -15.57 19.02
C GLU C 305 32.06 -16.79 18.90
N ALA C 306 31.69 -17.38 20.03
CA ALA C 306 30.65 -18.44 20.07
C ALA C 306 29.24 -17.89 19.79
N TYR C 307 28.93 -16.74 20.42
CA TYR C 307 27.62 -16.14 20.27
C TYR C 307 27.33 -15.73 18.80
N THR C 308 28.38 -15.30 18.08
CA THR C 308 28.30 -15.04 16.65
C THR C 308 27.67 -16.18 15.85
N LYS C 309 27.91 -17.41 16.30
CA LYS C 309 27.40 -18.59 15.60
C LYS C 309 26.13 -19.16 16.19
N LEU C 310 25.47 -18.44 17.08
CA LEU C 310 24.27 -18.90 17.74
C LEU C 310 23.07 -18.17 17.15
N THR C 311 22.35 -18.87 16.27
CA THR C 311 21.23 -18.29 15.53
C THR C 311 20.05 -19.27 15.52
N ASP C 312 19.01 -18.92 14.76
CA ASP C 312 17.84 -19.78 14.57
C ASP C 312 18.22 -21.19 14.05
N ASN C 313 19.36 -21.29 13.36
CA ASN C 313 19.91 -22.58 12.91
C ASN C 313 19.92 -23.67 13.99
N ILE C 314 20.04 -23.30 15.26
CA ILE C 314 20.00 -24.28 16.36
C ILE C 314 18.71 -25.13 16.31
N PHE C 315 17.60 -24.46 16.00
CA PHE C 315 16.32 -25.14 15.79
C PHE C 315 16.42 -26.32 14.80
N LEU C 316 17.02 -26.08 13.66
CA LEU C 316 17.08 -27.10 12.62
C LEU C 316 18.13 -28.13 12.89
N GLU C 317 19.22 -27.70 13.50
CA GLU C 317 20.24 -28.66 13.95
C GLU C 317 19.60 -29.68 14.89
N ILE C 318 18.76 -29.24 15.82
CA ILE C 318 18.07 -30.17 16.70
C ILE C 318 17.03 -31.00 15.92
N LEU C 319 16.23 -30.35 15.11
CA LEU C 319 15.18 -31.04 14.36
C LEU C 319 15.70 -32.11 13.42
N TYR C 320 16.84 -31.87 12.75
CA TYR C 320 17.40 -32.82 11.80
C TYR C 320 18.42 -33.78 12.42
N SER C 321 18.66 -33.69 13.73
CA SER C 321 19.63 -34.57 14.39
C SER C 321 19.15 -36.00 14.36
N THR C 322 20.08 -36.94 14.38
CA THR C 322 19.78 -38.36 14.54
C THR C 322 20.31 -38.93 15.88
N ASP C 323 21.18 -38.16 16.55
CA ASP C 323 21.73 -38.58 17.84
C ASP C 323 20.61 -38.90 18.85
N PRO C 324 20.61 -40.12 19.38
CA PRO C 324 19.67 -40.51 20.45
C PRO C 324 19.67 -39.61 21.68
N LYS C 325 20.81 -38.97 21.98
CA LYS C 325 20.85 -38.02 23.10
C LYS C 325 19.87 -36.86 22.87
N LEU C 326 19.69 -36.47 21.61
CA LEU C 326 18.84 -35.31 21.26
C LEU C 326 17.40 -35.72 20.99
N LYS C 327 17.07 -36.95 21.30
CA LYS C 327 15.77 -37.50 20.99
C LYS C 327 14.63 -36.70 21.62
N ASP C 328 14.75 -36.40 22.90
CA ASP C 328 13.70 -35.68 23.61
C ASP C 328 13.50 -34.26 23.08
N ALA C 329 14.61 -33.56 22.83
CA ALA C 329 14.56 -32.21 22.25
C ALA C 329 13.92 -32.27 20.87
N ARG C 330 14.36 -33.22 20.07
CA ARG C 330 13.86 -33.42 18.71
C ARG C 330 12.37 -33.73 18.66
N GLU C 331 11.90 -34.51 19.63
CA GLU C 331 10.48 -34.88 19.71
C GLU C 331 9.59 -33.66 19.93
N ILE C 332 10.05 -32.73 20.77
CA ILE C 332 9.28 -31.50 21.01
C ILE C 332 9.16 -30.68 19.74
N LEU C 333 10.26 -30.50 19.03
CA LEU C 333 10.21 -29.78 17.77
C LEU C 333 9.31 -30.48 16.74
N LYS C 334 9.33 -31.80 16.73
CA LYS C 334 8.48 -32.52 15.79
C LYS C 334 7.01 -32.35 16.11
N GLN C 335 6.69 -32.17 17.39
CA GLN C 335 5.32 -31.85 17.78
C GLN C 335 4.88 -30.52 17.22
N ILE C 336 5.81 -29.57 17.14
CA ILE C 336 5.52 -28.30 16.53
C ILE C 336 5.20 -28.50 15.04
N GLU C 337 5.97 -29.31 14.32
CA GLU C 337 5.73 -29.52 12.91
C GLU C 337 4.38 -30.17 12.63
N TYR C 338 3.96 -31.09 13.49
CA TYR C 338 2.64 -31.72 13.36
C TYR C 338 1.55 -30.89 13.98
N ARG C 339 1.91 -29.77 14.58
CA ARG C 339 0.95 -28.88 15.22
C ARG C 339 0.25 -29.56 16.41
N ASN C 340 0.96 -30.45 17.09
CA ASN C 340 0.46 -31.02 18.32
C ASN C 340 1.03 -30.18 19.46
N LEU C 341 0.44 -29.00 19.66
CA LEU C 341 0.97 -28.02 20.58
C LEU C 341 0.38 -28.19 21.99
N PHE C 342 1.06 -27.68 23.00
CA PHE C 342 0.45 -27.57 24.35
C PHE C 342 -0.83 -26.76 24.17
N LYS C 343 -1.87 -27.12 24.94
CA LYS C 343 -3.19 -26.57 24.71
C LYS C 343 -3.45 -25.37 25.59
N TYR C 344 -3.94 -24.32 24.97
CA TYR C 344 -4.36 -23.14 25.68
C TYR C 344 -5.63 -23.44 26.48
N VAL C 345 -5.62 -23.06 27.75
CA VAL C 345 -6.74 -23.31 28.63
C VAL C 345 -7.53 -22.03 28.78
N GLY C 346 -6.87 -20.93 29.08
CA GLY C 346 -7.53 -19.65 29.14
C GLY C 346 -6.65 -18.52 29.63
N GLU C 347 -7.28 -17.35 29.77
CA GLU C 347 -6.60 -16.13 30.17
C GLU C 347 -7.39 -15.47 31.30
N THR C 348 -6.68 -14.86 32.24
CA THR C 348 -7.32 -14.07 33.28
C THR C 348 -6.37 -12.93 33.64
N GLN C 349 -6.83 -12.02 34.48
CA GLN C 349 -6.01 -10.93 34.99
C GLN C 349 -6.22 -10.81 36.49
N PRO C 350 -5.16 -10.40 37.19
CA PRO C 350 -5.35 -9.96 38.57
C PRO C 350 -6.26 -8.73 38.63
N THR C 351 -7.02 -8.57 39.71
CA THR C 351 -7.96 -7.40 39.77
C THR C 351 -7.44 -6.07 40.32
N GLY C 352 -7.51 -5.00 39.49
CA GLY C 352 -7.40 -3.63 39.95
C GLY C 352 -5.97 -3.11 39.98
N GLN C 353 -5.34 -3.42 41.10
CA GLN C 353 -3.95 -3.14 41.35
C GLN C 353 -3.10 -4.36 41.73
N ILE C 354 -3.65 -5.58 41.66
CA ILE C 354 -2.83 -6.74 41.98
C ILE C 354 -1.74 -7.00 40.93
N LYS C 355 -0.53 -7.29 41.40
CA LYS C 355 0.57 -7.70 40.54
C LYS C 355 1.28 -8.97 41.03
N ILE C 356 1.55 -9.89 40.12
CA ILE C 356 2.39 -11.09 40.35
C ILE C 356 3.84 -10.74 40.05
N LYS C 357 4.77 -11.31 40.80
CA LYS C 357 6.20 -11.00 40.58
C LYS C 357 6.97 -12.17 39.99
N ARG C 358 8.13 -11.86 39.42
CA ARG C 358 8.91 -12.87 38.67
C ARG C 358 9.34 -14.06 39.54
N GLU C 359 9.69 -13.78 40.78
CA GLU C 359 10.07 -14.81 41.74
C GLU C 359 8.97 -15.83 41.98
N ASP C 360 7.71 -15.40 41.82
CA ASP C 360 6.57 -16.29 42.09
C ASP C 360 6.11 -17.11 40.87
N TYR C 361 6.61 -16.75 39.68
CA TYR C 361 6.16 -17.42 38.43
C TYR C 361 6.19 -18.95 38.56
N GLU C 362 7.24 -19.47 39.19
CA GLU C 362 7.42 -20.92 39.32
C GLU C 362 6.41 -21.58 40.26
N SER C 363 5.89 -20.84 41.23
CA SER C 363 4.90 -21.40 42.16
C SER C 363 3.47 -21.50 41.55
N LEU C 364 3.25 -20.88 40.39
CA LEU C 364 1.89 -20.78 39.84
C LEU C 364 1.30 -22.10 39.33
N PRO C 365 2.09 -22.93 38.61
CA PRO C 365 1.56 -24.22 38.19
C PRO C 365 1.11 -25.08 39.40
N LYS C 366 1.88 -25.03 40.49
CA LYS C 366 1.49 -25.64 41.76
C LYS C 366 0.15 -25.15 42.30
N GLU C 367 -0.05 -23.84 42.30
CA GLU C 367 -1.34 -23.31 42.72
C GLU C 367 -2.51 -23.79 41.86
N VAL C 368 -2.35 -23.78 40.54
CA VAL C 368 -3.44 -24.20 39.67
C VAL C 368 -3.79 -25.66 39.98
N ALA C 369 -2.78 -26.50 40.08
CA ALA C 369 -2.98 -27.91 40.38
C ALA C 369 -3.56 -28.18 41.78
N SER C 370 -3.37 -27.24 42.72
CA SER C 370 -3.94 -27.32 44.08
C SER C 370 -5.40 -26.87 44.21
N ALA C 371 -5.95 -26.27 43.16
CA ALA C 371 -7.37 -25.89 43.18
C ALA C 371 -8.26 -27.14 43.27
N LYS C 372 -9.40 -27.00 43.95
CA LYS C 372 -10.28 -28.14 44.21
C LYS C 372 -11.66 -27.90 43.61
N PRO C 373 -11.79 -28.09 42.29
CA PRO C 373 -13.03 -27.61 41.65
C PRO C 373 -14.39 -28.08 42.20
N LYS C 374 -14.62 -29.36 42.52
CA LYS C 374 -15.94 -29.83 43.03
C LYS C 374 -16.89 -30.05 41.83
N VAL C 375 -16.29 -30.78 40.93
CA VAL C 375 -16.84 -31.20 39.68
C VAL C 375 -16.32 -32.61 39.60
N LEU C 376 -17.05 -33.48 38.93
CA LEU C 376 -16.59 -34.84 38.74
C LEU C 376 -15.51 -34.86 37.66
N LEU C 377 -14.33 -35.39 37.99
CA LEU C 377 -13.21 -35.47 37.06
C LEU C 377 -12.66 -36.88 36.93
N ASP C 378 -12.53 -37.33 35.68
CA ASP C 378 -11.88 -38.59 35.32
C ASP C 378 -10.39 -38.62 35.66
N VAL C 379 -9.72 -37.51 35.39
CA VAL C 379 -8.27 -37.43 35.52
C VAL C 379 -7.92 -36.36 36.53
N LYS C 380 -6.81 -36.58 37.22
CA LYS C 380 -6.26 -35.63 38.14
C LYS C 380 -4.96 -35.10 37.52
N LEU C 381 -4.76 -33.80 37.55
CA LEU C 381 -3.60 -33.19 36.91
C LEU C 381 -2.59 -32.76 37.97
N LYS C 382 -1.33 -32.73 37.57
CA LYS C 382 -0.23 -32.36 38.46
C LYS C 382 0.36 -31.03 37.99
N ALA C 383 1.16 -30.43 38.88
CA ALA C 383 1.77 -29.14 38.62
C ALA C 383 2.53 -29.12 37.30
N GLU C 384 3.32 -30.17 37.05
CA GLU C 384 4.10 -30.29 35.82
C GLU C 384 3.28 -30.33 34.52
N ASP C 385 1.96 -30.56 34.62
CA ASP C 385 1.10 -30.55 33.44
C ASP C 385 0.68 -29.16 33.00
N PHE C 386 0.92 -28.17 33.86
CA PHE C 386 0.46 -26.82 33.61
C PHE C 386 1.59 -25.91 33.24
N ILE C 387 1.37 -25.05 32.27
CA ILE C 387 2.23 -23.91 32.03
C ILE C 387 1.43 -22.64 32.33
N VAL C 388 2.01 -21.73 33.10
CA VAL C 388 1.38 -20.48 33.44
C VAL C 388 2.29 -19.37 32.94
N ASP C 389 1.82 -18.57 31.99
CA ASP C 389 2.61 -17.53 31.37
C ASP C 389 2.06 -16.19 31.88
N VAL C 390 2.93 -15.38 32.49
CA VAL C 390 2.54 -14.06 32.96
C VAL C 390 3.10 -13.03 32.03
N ILE C 391 2.25 -12.17 31.51
CA ILE C 391 2.66 -11.19 30.53
C ILE C 391 2.38 -9.79 31.02
N ASN C 392 3.43 -8.98 31.03
CA ASN C 392 3.33 -7.58 31.40
C ASN C 392 3.07 -6.74 30.16
N MET C 393 1.93 -6.06 30.18
CA MET C 393 1.57 -5.12 29.14
C MET C 393 1.62 -3.71 29.72
N ASP C 394 2.31 -2.82 29.04
CA ASP C 394 2.41 -1.45 29.50
C ASP C 394 2.79 -0.51 28.36
N TYR C 395 2.94 0.76 28.69
CA TYR C 395 3.38 1.78 27.74
C TYR C 395 4.89 2.02 27.78
N GLY C 396 5.65 0.96 28.09
CA GLY C 396 7.11 0.99 28.07
C GLY C 396 7.81 1.47 29.34
N MET C 397 7.07 1.96 30.33
CA MET C 397 7.71 2.48 31.55
C MET C 397 6.95 2.05 32.80
N GLN C 398 6.61 0.78 32.89
CA GLN C 398 5.89 0.22 34.03
C GLN C 398 4.57 0.98 34.22
N GLU C 399 4.25 1.40 35.45
CA GLU C 399 3.04 2.17 35.71
C GLU C 399 3.07 3.63 35.20
N LYS C 400 4.20 4.13 34.73
CA LYS C 400 4.31 5.54 34.33
C LYS C 400 3.74 5.81 32.92
N ASN C 401 3.14 6.99 32.78
CA ASN C 401 2.76 7.56 31.51
C ASN C 401 3.96 8.17 30.80
N PRO C 402 4.39 7.57 29.67
CA PRO C 402 5.59 8.10 29.02
C PRO C 402 5.42 9.51 28.48
N ILE C 403 4.19 9.92 28.21
CA ILE C 403 3.95 11.28 27.68
C ILE C 403 4.21 12.36 28.73
N ASP C 404 4.13 12.01 30.03
CA ASP C 404 4.61 12.92 31.08
C ASP C 404 6.12 13.19 31.01
N HIS C 405 6.86 12.42 30.25
CA HIS C 405 8.29 12.62 30.10
C HIS C 405 8.68 13.09 28.71
N VAL C 406 7.74 13.73 28.02
CA VAL C 406 7.98 14.30 26.70
C VAL C 406 7.92 15.81 26.83
N SER C 407 8.79 16.49 26.10
CA SER C 407 8.79 17.94 26.03
C SER C 407 8.20 18.40 24.72
N PHE C 408 7.40 19.45 24.78
CA PHE C 408 6.73 20.02 23.61
C PHE C 408 7.11 21.49 23.40
N TYR C 409 6.86 21.99 22.20
CA TYR C 409 6.94 23.44 21.93
C TYR C 409 5.72 23.87 21.16
N CYS C 410 5.40 25.16 21.25
CA CYS C 410 4.28 25.78 20.59
C CYS C 410 4.73 26.62 19.41
N LYS C 411 3.84 26.80 18.49
CA LYS C 411 4.11 27.54 17.27
C LYS C 411 4.46 29.01 17.55
N THR C 412 3.85 29.60 18.57
CA THR C 412 4.13 31.01 18.89
C THR C 412 5.47 31.22 19.61
N ALA C 413 6.04 30.18 20.21
CA ALA C 413 7.35 30.28 20.93
C ALA C 413 8.21 29.03 20.74
N PRO C 414 8.78 28.87 19.53
CA PRO C 414 9.41 27.59 19.16
C PRO C 414 10.59 27.16 20.00
N ASN C 415 11.18 28.07 20.75
CA ASN C 415 12.33 27.76 21.57
C ASN C 415 11.98 27.49 23.01
N ARG C 416 10.70 27.58 23.36
CA ARG C 416 10.28 27.39 24.73
C ARG C 416 9.59 26.04 24.93
N ALA C 417 10.24 25.17 25.70
CA ALA C 417 9.74 23.83 25.97
C ALA C 417 8.67 23.86 27.05
N ILE C 418 7.64 23.03 26.88
CA ILE C 418 6.54 22.92 27.82
C ILE C 418 6.19 21.46 28.07
N ARG C 419 5.40 21.25 29.11
CA ARG C 419 4.81 19.96 29.46
C ARG C 419 3.33 19.98 29.18
N ILE C 420 2.80 18.83 28.80
CA ILE C 420 1.36 18.66 28.59
C ILE C 420 0.94 17.44 29.40
N THR C 421 -0.04 17.60 30.28
CA THR C 421 -0.53 16.51 31.10
C THR C 421 -1.69 15.77 30.39
N LYS C 422 -2.03 14.60 30.89
CA LYS C 422 -3.11 13.78 30.29
C LYS C 422 -4.45 14.53 30.23
N ASN C 423 -4.80 15.22 31.31
N ASN C 423 -4.79 15.22 31.30
CA ASN C 423 -6.06 15.95 31.40
CA ASN C 423 -6.04 15.95 31.38
C ASN C 423 -6.15 17.12 30.42
C ASN C 423 -6.14 17.12 30.42
N GLN C 424 -5.01 17.60 29.92
CA GLN C 424 -5.02 18.63 28.90
C GLN C 424 -5.26 18.04 27.50
N VAL C 425 -5.30 16.72 27.39
CA VAL C 425 -5.44 16.09 26.07
C VAL C 425 -6.82 15.48 25.86
N SER C 426 -7.20 14.55 26.73
CA SER C 426 -8.47 13.84 26.55
C SER C 426 -8.81 13.02 27.79
N GLN C 427 -10.09 12.85 28.06
CA GLN C 427 -10.60 11.93 29.08
C GLN C 427 -10.78 10.51 28.57
N LEU C 428 -10.59 10.29 27.27
CA LEU C 428 -10.79 8.97 26.66
C LEU C 428 -9.50 8.15 26.62
N LEU C 429 -8.48 8.60 27.34
CA LEU C 429 -7.21 7.95 27.36
C LEU C 429 -7.20 6.92 28.49
N PRO C 430 -6.21 6.03 28.51
CA PRO C 430 -6.12 5.06 29.59
C PRO C 430 -5.96 5.71 30.94
N GLU C 431 -6.59 5.16 31.95
CA GLU C 431 -6.40 5.63 33.31
C GLU C 431 -5.24 4.90 34.00
N LYS C 432 -4.83 3.77 33.43
CA LYS C 432 -3.66 3.01 33.89
C LYS C 432 -2.75 2.70 32.69
N PHE C 433 -1.47 2.52 32.97
CA PHE C 433 -0.49 2.33 31.94
C PHE C 433 0.24 0.99 32.01
N ALA C 434 -0.18 0.13 32.94
CA ALA C 434 0.36 -1.22 33.07
C ALA C 434 -0.68 -2.20 33.57
N GLU C 435 -0.54 -3.44 33.13
CA GLU C 435 -1.41 -4.52 33.54
C GLU C 435 -0.71 -5.85 33.26
N GLN C 436 -1.24 -6.91 33.86
CA GLN C 436 -0.76 -8.26 33.61
C GLN C 436 -1.85 -9.18 33.04
N LEU C 437 -1.46 -9.98 32.05
CA LEU C 437 -2.27 -11.10 31.57
C LEU C 437 -1.67 -12.39 32.07
N ILE C 438 -2.51 -13.31 32.47
CA ILE C 438 -2.10 -14.64 32.89
C ILE C 438 -2.72 -15.65 31.94
N ARG C 439 -1.88 -16.38 31.19
CA ARG C 439 -2.35 -17.44 30.31
C ARG C 439 -1.96 -18.78 30.95
N VAL C 440 -2.89 -19.71 30.92
CA VAL C 440 -2.65 -21.06 31.38
C VAL C 440 -2.78 -22.00 30.20
N TYR C 441 -1.84 -22.92 30.13
CA TYR C 441 -1.83 -23.97 29.11
C TYR C 441 -1.67 -25.34 29.78
N CYS C 442 -2.10 -26.39 29.08
CA CYS C 442 -1.96 -27.75 29.58
C CYS C 442 -1.11 -28.56 28.61
N LYS C 443 -0.13 -29.28 29.15
CA LYS C 443 0.73 -30.14 28.34
C LYS C 443 0.06 -31.47 27.96
N LYS C 444 -1.03 -31.83 28.63
CA LYS C 444 -1.81 -33.01 28.30
C LYS C 444 -2.94 -32.59 27.40
N VAL C 445 -2.93 -33.12 26.17
CA VAL C 445 -3.78 -32.59 25.09
C VAL C 445 -5.06 -33.39 24.83
N ASP C 446 -5.23 -34.53 25.47
CA ASP C 446 -6.45 -35.31 25.26
C ASP C 446 -7.67 -34.59 25.84
N ARG C 447 -8.84 -35.00 25.35
CA ARG C 447 -10.12 -34.37 25.68
C ARG C 447 -10.41 -34.33 27.19
N LYS C 448 -10.13 -35.41 27.90
CA LYS C 448 -10.42 -35.48 29.33
C LYS C 448 -9.49 -34.63 30.19
N SER C 449 -8.23 -34.57 29.82
CA SER C 449 -7.25 -33.71 30.50
C SER C 449 -7.58 -32.24 30.33
N LEU C 450 -7.92 -31.88 29.10
CA LEU C 450 -8.30 -30.51 28.78
C LEU C 450 -9.55 -30.06 29.54
N TYR C 451 -10.56 -30.93 29.58
CA TYR C 451 -11.76 -30.64 30.34
C TYR C 451 -11.40 -30.36 31.81
N ALA C 452 -10.53 -31.20 32.36
CA ALA C 452 -10.11 -31.07 33.75
C ALA C 452 -9.33 -29.79 33.98
N ALA C 453 -8.39 -29.52 33.09
CA ALA C 453 -7.57 -28.31 33.15
C ALA C 453 -8.44 -27.07 33.20
N ARG C 454 -9.49 -27.03 32.41
CA ARG C 454 -10.43 -25.92 32.44
C ARG C 454 -11.12 -25.72 33.79
N GLN C 455 -11.44 -26.81 34.46
CA GLN C 455 -12.11 -26.74 35.77
C GLN C 455 -11.14 -26.23 36.83
N TYR C 456 -9.93 -26.79 36.88
CA TYR C 456 -8.87 -26.29 37.77
C TYR C 456 -8.61 -24.79 37.57
N PHE C 457 -8.44 -24.40 36.31
CA PHE C 457 -8.10 -23.04 35.95
C PHE C 457 -9.16 -22.07 36.44
N VAL C 458 -10.42 -22.35 36.11
CA VAL C 458 -11.50 -21.43 36.50
C VAL C 458 -11.67 -21.41 38.02
N GLN C 459 -11.48 -22.55 38.66
CA GLN C 459 -11.56 -22.63 40.13
C GLN C 459 -10.46 -21.76 40.74
N TRP C 460 -9.25 -21.90 40.20
CA TRP C 460 -8.12 -21.09 40.64
C TRP C 460 -8.38 -19.59 40.49
N CYS C 461 -8.94 -19.19 39.33
CA CYS C 461 -9.33 -17.79 39.13
C CYS C 461 -10.28 -17.32 40.22
N ALA C 462 -11.29 -18.15 40.52
CA ALA C 462 -12.28 -17.83 41.55
C ALA C 462 -11.62 -17.71 42.93
N ASP C 463 -10.81 -18.68 43.31
CA ASP C 463 -10.08 -18.63 44.58
C ASP C 463 -9.18 -17.39 44.74
N ARG C 464 -8.50 -17.00 43.67
CA ARG C 464 -7.58 -15.87 43.70
C ARG C 464 -8.29 -14.53 43.49
N ASN C 465 -9.57 -14.54 43.16
CA ASN C 465 -10.28 -13.32 42.73
C ASN C 465 -9.75 -12.63 41.49
N PHE C 466 -9.31 -13.42 40.54
CA PHE C 466 -8.96 -12.90 39.27
C PHE C 466 -10.22 -12.64 38.45
N THR C 467 -10.06 -12.00 37.29
CA THR C 467 -11.19 -11.73 36.44
C THR C 467 -11.76 -13.03 35.86
N LYS C 468 -13.05 -13.01 35.58
CA LYS C 468 -13.71 -14.16 35.00
C LYS C 468 -13.22 -14.35 33.58
N PRO C 469 -12.66 -15.52 33.27
CA PRO C 469 -12.30 -15.74 31.87
C PRO C 469 -13.48 -15.51 30.96
N GLN C 470 -13.20 -15.03 29.76
CA GLN C 470 -14.24 -14.64 28.81
C GLN C 470 -15.22 -15.77 28.48
N ASP C 471 -14.70 -16.98 28.34
CA ASP C 471 -15.54 -18.14 28.05
C ASP C 471 -15.85 -18.99 29.29
N GLY C 472 -15.68 -18.41 30.47
CA GLY C 472 -15.81 -19.12 31.74
C GLY C 472 -17.09 -19.92 31.89
N ASP C 473 -18.21 -19.31 31.54
CA ASP C 473 -19.51 -19.98 31.67
C ASP C 473 -19.67 -21.13 30.71
N VAL C 474 -18.97 -21.07 29.58
CA VAL C 474 -19.01 -22.16 28.60
C VAL C 474 -18.07 -23.28 28.99
N ILE C 475 -16.83 -22.96 29.37
CA ILE C 475 -15.87 -24.00 29.68
C ILE C 475 -16.02 -24.63 31.08
N ALA C 476 -16.65 -23.91 32.00
CA ALA C 476 -16.78 -24.39 33.37
C ALA C 476 -18.09 -23.91 33.96
N PRO C 477 -19.21 -24.36 33.37
CA PRO C 477 -20.53 -23.94 33.82
C PRO C 477 -20.86 -24.32 35.26
N LEU C 478 -20.25 -25.37 35.80
CA LEU C 478 -20.47 -25.76 37.20
C LEU C 478 -19.66 -24.95 38.20
N ILE C 479 -18.62 -24.25 37.74
CA ILE C 479 -17.73 -23.51 38.62
C ILE C 479 -18.11 -22.05 38.76
N THR C 480 -18.49 -21.40 37.66
CA THR C 480 -18.73 -19.94 37.64
C THR C 480 -19.91 -19.43 38.50
N PRO C 481 -20.93 -20.26 38.73
CA PRO C 481 -22.04 -19.82 39.58
C PRO C 481 -21.67 -19.52 41.03
N GLN C 482 -20.63 -20.16 41.54
CA GLN C 482 -20.26 -20.04 42.96
C GLN C 482 -19.75 -18.63 43.27
N LYS C 483 -19.42 -17.88 42.22
CA LYS C 483 -18.91 -16.54 42.34
C LYS C 483 -20.00 -15.54 41.90
N LYS C 484 -20.67 -14.95 42.88
CA LYS C 484 -21.76 -14.02 42.58
C LYS C 484 -21.26 -12.75 41.91
N GLU C 485 -20.03 -12.34 42.24
CA GLU C 485 -19.42 -11.17 41.64
C GLU C 485 -19.34 -11.31 40.13
N TRP C 486 -19.20 -12.54 39.65
CA TRP C 486 -19.16 -12.80 38.23
C TRP C 486 -20.59 -12.74 37.66
N ASP D 1 5.46 33.87 5.66
CA ASP D 1 5.97 33.74 7.07
C ASP D 1 6.96 32.55 7.21
N THR D 2 6.47 31.34 7.47
CA THR D 2 7.35 30.14 7.58
C THR D 2 6.89 29.00 6.66
N MET D 3 7.70 27.93 6.62
CA MET D 3 7.36 26.74 5.80
C MET D 3 6.01 26.18 6.29
N LYS D 4 5.19 25.70 5.36
CA LYS D 4 4.05 24.87 5.71
C LYS D 4 4.33 23.42 5.34
N VAL D 5 3.79 22.53 6.16
CA VAL D 5 3.80 21.11 5.88
C VAL D 5 2.40 20.70 5.41
N ILE D 6 2.35 19.93 4.33
CA ILE D 6 1.11 19.39 3.80
C ILE D 6 1.20 17.84 3.72
N ASN D 7 0.15 17.15 4.15
CA ASN D 7 0.10 15.71 4.05
C ASN D 7 -0.52 15.27 2.71
N ASP D 8 0.30 14.70 1.84
CA ASP D 8 -0.13 14.16 0.57
C ASP D 8 -0.13 12.62 0.65
N PRO D 9 -1.20 11.96 0.19
CA PRO D 9 -1.19 10.49 0.25
C PRO D 9 -0.10 9.80 -0.61
N ILE D 10 0.39 10.45 -1.65
CA ILE D 10 1.45 9.87 -2.47
C ILE D 10 2.84 10.10 -1.87
N HIS D 11 3.15 11.34 -1.49
CA HIS D 11 4.51 11.70 -1.09
C HIS D 11 4.68 11.84 0.41
N GLY D 12 3.62 11.72 1.17
CA GLY D 12 3.69 11.94 2.62
C GLY D 12 3.71 13.42 2.96
N HIS D 13 4.34 13.73 4.07
CA HIS D 13 4.45 15.12 4.50
C HIS D 13 5.50 15.88 3.70
N ILE D 14 5.05 16.88 2.97
CA ILE D 14 5.81 17.72 2.06
C ILE D 14 5.96 19.11 2.71
N GLU D 15 7.15 19.67 2.66
CA GLU D 15 7.42 21.03 3.13
C GLU D 15 7.29 22.01 1.98
N LEU D 16 6.57 23.10 2.20
CA LEU D 16 6.44 24.16 1.22
C LEU D 16 7.03 25.48 1.71
N HIS D 17 7.97 26.00 0.94
CA HIS D 17 8.59 27.28 1.22
C HIS D 17 7.53 28.38 1.17
N PRO D 18 7.61 29.41 2.04
CA PRO D 18 6.55 30.43 2.13
C PRO D 18 6.22 31.15 0.81
N LEU D 19 7.18 31.33 -0.07
CA LEU D 19 6.90 31.86 -1.39
C LEU D 19 5.93 30.96 -2.21
N LEU D 20 6.16 29.64 -2.15
CA LEU D 20 5.27 28.70 -2.81
C LEU D 20 3.86 28.78 -2.22
N VAL D 21 3.78 28.90 -0.91
CA VAL D 21 2.48 29.02 -0.23
C VAL D 21 1.72 30.24 -0.71
N ARG D 22 2.43 31.33 -0.90
CA ARG D 22 1.82 32.54 -1.44
C ARG D 22 1.26 32.36 -2.85
N ILE D 23 1.96 31.61 -3.69
CA ILE D 23 1.49 31.35 -5.06
C ILE D 23 0.27 30.43 -5.07
N ILE D 24 0.27 29.48 -4.14
CA ILE D 24 -0.80 28.52 -4.01
C ILE D 24 -2.11 29.15 -3.54
N ASP D 25 -1.99 30.10 -2.63
CA ASP D 25 -3.17 30.72 -2.01
C ASP D 25 -3.65 31.92 -2.81
N THR D 26 -3.95 31.65 -4.08
CA THR D 26 -4.50 32.60 -5.01
C THR D 26 -5.68 31.95 -5.73
N PRO D 27 -6.63 32.75 -6.24
CA PRO D 27 -7.73 32.20 -7.04
C PRO D 27 -7.25 31.44 -8.27
N GLN D 28 -6.13 31.85 -8.85
CA GLN D 28 -5.64 31.25 -10.09
C GLN D 28 -5.13 29.85 -9.85
N PHE D 29 -4.57 29.59 -8.67
CA PHE D 29 -4.09 28.27 -8.35
C PHE D 29 -5.20 27.41 -7.73
N GLN D 30 -5.99 28.00 -6.84
CA GLN D 30 -7.05 27.25 -6.14
C GLN D 30 -8.13 26.75 -7.10
N ARG D 31 -8.25 27.41 -8.24
CA ARG D 31 -9.03 26.96 -9.38
C ARG D 31 -8.84 25.48 -9.75
N LEU D 32 -7.61 24.99 -9.60
CA LEU D 32 -7.26 23.63 -9.92
C LEU D 32 -7.91 22.61 -9.02
N ARG D 33 -8.50 23.04 -7.89
CA ARG D 33 -9.32 22.16 -7.08
C ARG D 33 -10.62 21.74 -7.75
N TYR D 34 -11.03 22.43 -8.81
CA TYR D 34 -12.32 22.21 -9.45
C TYR D 34 -12.13 21.70 -10.88
N ILE D 35 -10.98 21.10 -11.15
CA ILE D 35 -10.71 20.45 -12.42
C ILE D 35 -10.19 19.03 -12.20
N LYS D 36 -11.00 18.03 -12.59
CA LYS D 36 -10.59 16.62 -12.51
C LYS D 36 -9.40 16.33 -13.38
N GLN D 37 -8.40 15.71 -12.77
CA GLN D 37 -7.22 15.26 -13.46
C GLN D 37 -7.56 14.45 -14.72
N LEU D 38 -8.44 13.48 -14.57
CA LEU D 38 -8.72 12.52 -15.64
C LEU D 38 -10.00 12.80 -16.41
N GLY D 39 -10.60 13.97 -16.20
CA GLY D 39 -11.81 14.36 -16.89
C GLY D 39 -12.95 13.35 -16.75
N GLY D 40 -13.47 12.87 -17.89
CA GLY D 40 -14.52 11.86 -17.91
C GLY D 40 -14.14 10.47 -17.38
N GLY D 41 -12.85 10.21 -17.18
CA GLY D 41 -12.39 9.02 -16.49
C GLY D 41 -13.05 8.73 -15.15
N TYR D 42 -13.46 9.76 -14.40
CA TYR D 42 -14.13 9.57 -13.09
C TYR D 42 -15.47 8.85 -13.25
N TYR D 43 -16.04 8.96 -14.43
CA TYR D 43 -17.33 8.34 -14.74
C TYR D 43 -17.18 6.88 -15.10
N VAL D 44 -15.94 6.40 -15.12
CA VAL D 44 -15.63 5.00 -15.34
C VAL D 44 -14.88 4.39 -14.15
N PHE D 45 -13.93 5.15 -13.60
CA PHE D 45 -13.14 4.72 -12.47
C PHE D 45 -13.55 5.60 -11.30
N PRO D 46 -14.37 5.09 -10.41
CA PRO D 46 -14.90 5.96 -9.34
C PRO D 46 -13.90 6.42 -8.31
N GLY D 47 -12.74 5.78 -8.24
CA GLY D 47 -11.66 6.29 -7.40
C GLY D 47 -10.96 7.54 -7.95
N ALA D 48 -11.12 7.81 -9.24
CA ALA D 48 -10.41 8.91 -9.89
C ALA D 48 -11.10 10.25 -9.68
N SER D 49 -11.29 10.60 -8.41
CA SER D 49 -11.92 11.86 -8.03
C SER D 49 -10.88 12.98 -7.91
N HIS D 50 -9.62 12.66 -8.04
CA HIS D 50 -8.57 13.66 -7.85
C HIS D 50 -8.54 14.77 -8.92
N ASN D 51 -8.11 15.91 -8.45
CA ASN D 51 -8.04 17.13 -9.24
C ASN D 51 -6.63 17.57 -9.52
N ARG D 52 -6.50 18.50 -10.44
CA ARG D 52 -5.22 19.04 -10.87
C ARG D 52 -4.43 19.70 -9.76
N PHE D 53 -5.13 20.23 -8.76
CA PHE D 53 -4.50 20.90 -7.63
C PHE D 53 -3.46 20.03 -6.92
N GLU D 54 -3.89 18.85 -6.49
CA GLU D 54 -3.02 17.99 -5.70
C GLU D 54 -1.90 17.40 -6.57
N HIS D 55 -2.17 17.17 -7.85
CA HIS D 55 -1.10 16.79 -8.79
C HIS D 55 -0.03 17.87 -8.91
N SER D 56 -0.45 19.13 -8.96
CA SER D 56 0.49 20.25 -9.08
C SER D 56 1.40 20.36 -7.88
N LEU D 57 0.85 20.18 -6.68
CA LEU D 57 1.68 20.15 -5.45
C LEU D 57 2.72 19.06 -5.56
N GLY D 58 2.34 17.89 -6.03
CA GLY D 58 3.28 16.76 -6.16
C GLY D 58 4.38 17.00 -7.18
N VAL D 59 4.05 17.64 -8.31
CA VAL D 59 5.04 18.00 -9.33
C VAL D 59 6.04 19.00 -8.77
N GLY D 60 5.53 20.00 -8.06
CA GLY D 60 6.38 20.99 -7.39
C GLY D 60 7.30 20.35 -6.37
N TYR D 61 6.79 19.41 -5.60
CA TYR D 61 7.60 18.71 -4.64
C TYR D 61 8.69 17.85 -5.29
N LEU D 62 8.34 17.08 -6.28
CA LEU D 62 9.32 16.24 -6.97
C LEU D 62 10.39 17.03 -7.70
N ALA D 63 10.01 18.17 -8.26
CA ALA D 63 10.98 19.04 -8.93
C ALA D 63 12.02 19.51 -7.93
N GLY D 64 11.55 19.91 -6.74
CA GLY D 64 12.45 20.25 -5.64
C GLY D 64 13.36 19.12 -5.23
N CYS D 65 12.84 17.90 -5.16
CA CYS D 65 13.62 16.73 -4.75
C CYS D 65 14.77 16.47 -5.72
N LEU D 66 14.49 16.55 -7.02
CA LEU D 66 15.52 16.29 -8.01
C LEU D 66 16.59 17.38 -8.04
N VAL D 67 16.19 18.64 -8.04
CA VAL D 67 17.17 19.72 -8.08
C VAL D 67 18.04 19.76 -6.81
N HIS D 68 17.44 19.53 -5.64
CA HIS D 68 18.21 19.36 -4.38
C HIS D 68 19.18 18.19 -4.46
N ALA D 69 18.73 17.04 -4.96
CA ALA D 69 19.62 15.88 -5.05
C ALA D 69 20.85 16.16 -5.93
N LEU D 70 20.64 16.79 -7.09
CA LEU D 70 21.75 17.12 -7.98
C LEU D 70 22.74 18.08 -7.31
N GLY D 71 22.20 19.09 -6.62
CA GLY D 71 23.05 20.08 -5.95
C GLY D 71 23.88 19.51 -4.82
N GLU D 72 23.29 18.58 -4.07
CA GLU D 72 23.98 17.92 -2.98
C GLU D 72 25.10 17.01 -3.46
N LYS D 73 24.84 16.23 -4.50
CA LYS D 73 25.86 15.33 -5.03
C LYS D 73 26.92 16.08 -5.84
N GLN D 74 26.54 17.16 -6.50
CA GLN D 74 27.47 17.91 -7.35
C GLN D 74 27.44 19.42 -7.05
N PRO D 75 28.08 19.82 -5.93
CA PRO D 75 28.21 21.24 -5.55
C PRO D 75 28.85 22.08 -6.65
N GLU D 76 29.72 21.49 -7.45
CA GLU D 76 30.35 22.21 -8.57
C GLU D 76 29.38 22.73 -9.63
N LEU D 77 28.13 22.28 -9.59
CA LEU D 77 27.11 22.81 -10.49
C LEU D 77 26.63 24.21 -10.06
N GLN D 78 26.91 24.59 -8.82
CA GLN D 78 26.50 25.89 -8.27
C GLN D 78 25.00 26.16 -8.34
N ILE D 79 24.23 25.14 -7.99
CA ILE D 79 22.79 25.29 -7.92
C ILE D 79 22.50 26.17 -6.70
N SER D 80 21.77 27.26 -6.89
CA SER D 80 21.42 28.18 -5.81
C SER D 80 20.01 27.93 -5.31
N GLU D 81 19.71 28.51 -4.15
CA GLU D 81 18.37 28.44 -3.59
C GLU D 81 17.39 29.09 -4.53
N ARG D 82 17.85 30.12 -5.20
CA ARG D 82 17.09 30.75 -6.25
C ARG D 82 16.68 29.79 -7.39
N ASP D 83 17.64 28.99 -7.85
CA ASP D 83 17.37 27.95 -8.86
C ASP D 83 16.33 26.95 -8.37
N VAL D 84 16.47 26.51 -7.12
CA VAL D 84 15.57 25.54 -6.53
C VAL D 84 14.12 26.08 -6.49
N LEU D 85 13.97 27.30 -6.00
CA LEU D 85 12.65 27.89 -5.93
C LEU D 85 12.05 28.08 -7.30
N CYS D 86 12.84 28.51 -8.27
CA CYS D 86 12.34 28.68 -9.64
C CYS D 86 11.88 27.38 -10.26
N VAL D 87 12.60 26.30 -10.01
CA VAL D 87 12.23 25.00 -10.52
C VAL D 87 10.94 24.50 -9.83
N GLN D 88 10.85 24.67 -8.51
CA GLN D 88 9.63 24.28 -7.80
C GLN D 88 8.43 25.06 -8.30
N ILE D 89 8.60 26.36 -8.52
CA ILE D 89 7.48 27.17 -8.98
C ILE D 89 7.00 26.71 -10.37
N ALA D 90 7.91 26.43 -11.28
CA ALA D 90 7.55 25.93 -12.60
C ALA D 90 6.81 24.60 -12.47
N GLY D 91 7.28 23.76 -11.58
CA GLY D 91 6.59 22.52 -11.30
C GLY D 91 5.17 22.70 -10.79
N LEU D 92 5.01 23.58 -9.81
CA LEU D 92 3.68 23.92 -9.29
C LEU D 92 2.76 24.45 -10.34
N CYS D 93 3.30 25.26 -11.25
CA CYS D 93 2.47 26.04 -12.13
C CYS D 93 2.32 25.49 -13.54
N ARG D 94 2.91 24.34 -13.86
CA ARG D 94 2.75 23.85 -15.23
C ARG D 94 1.36 23.31 -15.57
N ASN D 95 0.52 23.04 -14.59
CA ASN D 95 -0.87 22.64 -14.86
C ASN D 95 -1.90 23.77 -14.80
N LEU D 96 -1.45 25.00 -14.59
CA LEU D 96 -2.37 26.12 -14.44
C LEU D 96 -3.27 26.33 -15.65
N GLY D 97 -2.81 25.98 -16.84
CA GLY D 97 -3.56 26.24 -18.06
C GLY D 97 -4.67 25.24 -18.39
N HIS D 98 -4.83 24.18 -17.60
CA HIS D 98 -5.87 23.20 -17.89
C HIS D 98 -7.26 23.80 -17.76
N GLY D 99 -8.15 23.30 -18.62
CA GLY D 99 -9.53 23.73 -18.64
C GLY D 99 -10.43 22.65 -18.07
N PRO D 100 -11.75 22.86 -18.10
CA PRO D 100 -12.71 21.91 -17.61
C PRO D 100 -12.43 20.48 -18.11
N PHE D 101 -12.40 19.54 -17.18
CA PHE D 101 -12.15 18.12 -17.48
C PHE D 101 -10.81 17.86 -18.20
N SER D 102 -9.82 18.69 -17.88
CA SER D 102 -8.47 18.56 -18.36
C SER D 102 -8.41 18.31 -19.87
N HIS D 103 -7.97 17.13 -20.30
CA HIS D 103 -7.67 16.91 -21.73
C HIS D 103 -8.86 16.97 -22.66
N MET D 104 -10.06 16.86 -22.09
CA MET D 104 -11.26 17.10 -22.85
C MET D 104 -11.27 18.50 -23.46
N PHE D 105 -10.86 19.48 -22.66
CA PHE D 105 -10.97 20.87 -23.06
C PHE D 105 -10.06 21.21 -24.22
N ASP D 106 -8.78 20.87 -24.13
CA ASP D 106 -7.84 21.23 -25.21
C ASP D 106 -7.66 20.13 -26.26
N GLY D 107 -8.03 18.91 -25.92
CA GLY D 107 -7.97 17.80 -26.86
C GLY D 107 -9.21 17.65 -27.73
N ARG D 108 -10.38 18.05 -27.23
CA ARG D 108 -11.62 17.90 -27.98
C ARG D 108 -12.37 19.20 -28.22
N PHE D 109 -12.63 19.95 -27.15
CA PHE D 109 -13.52 21.10 -27.24
C PHE D 109 -12.93 22.27 -28.02
N ILE D 110 -11.75 22.73 -27.64
CA ILE D 110 -11.16 23.88 -28.29
C ILE D 110 -10.89 23.66 -29.79
N PRO D 111 -10.36 22.48 -30.16
CA PRO D 111 -10.17 22.18 -31.61
C PRO D 111 -11.46 22.25 -32.42
N LEU D 112 -12.57 21.81 -31.85
CA LEU D 112 -13.88 21.93 -32.52
C LEU D 112 -14.48 23.34 -32.44
N ALA D 113 -14.38 24.00 -31.29
CA ALA D 113 -14.97 25.35 -31.15
C ALA D 113 -14.16 26.43 -31.85
N ARG D 114 -12.83 26.34 -31.79
CA ARG D 114 -11.94 27.34 -32.38
C ARG D 114 -10.89 26.60 -33.23
N PRO D 115 -11.32 26.03 -34.36
CA PRO D 115 -10.37 25.29 -35.20
C PRO D 115 -9.15 26.09 -35.66
N GLU D 116 -9.32 27.38 -35.90
CA GLU D 116 -8.21 28.23 -36.36
C GLU D 116 -7.11 28.41 -35.32
N VAL D 117 -7.47 28.36 -34.04
CA VAL D 117 -6.55 28.76 -32.97
C VAL D 117 -5.62 27.61 -32.68
N LYS D 118 -4.44 27.92 -32.16
CA LYS D 118 -3.51 26.87 -31.73
C LYS D 118 -3.30 27.03 -30.24
N TRP D 119 -4.06 26.26 -29.45
CA TRP D 119 -4.11 26.44 -28.02
C TRP D 119 -3.66 25.14 -27.41
N THR D 120 -2.81 25.25 -26.41
CA THR D 120 -2.41 24.12 -25.60
C THR D 120 -2.48 24.57 -24.16
N HIS D 121 -2.67 23.61 -23.26
CA HIS D 121 -2.70 23.92 -21.84
C HIS D 121 -1.36 24.54 -21.39
N GLU D 122 -0.26 24.21 -22.06
CA GLU D 122 1.05 24.80 -21.77
C GLU D 122 1.05 26.31 -21.98
N GLN D 123 0.56 26.77 -23.13
CA GLN D 123 0.41 28.20 -23.39
C GLN D 123 -0.52 28.82 -22.35
N GLY D 124 -1.62 28.12 -22.06
CA GLY D 124 -2.53 28.57 -21.03
C GLY D 124 -1.85 28.72 -19.68
N SER D 125 -0.93 27.83 -19.36
CA SER D 125 -0.24 27.87 -18.09
C SER D 125 0.62 29.12 -17.97
N VAL D 126 1.29 29.49 -19.05
CA VAL D 126 2.15 30.68 -19.05
C VAL D 126 1.34 31.95 -18.86
N MET D 127 0.21 32.03 -19.57
CA MET D 127 -0.67 33.18 -19.47
C MET D 127 -1.29 33.27 -18.09
N MET D 128 -1.72 32.13 -17.55
CA MET D 128 -2.30 32.08 -16.22
C MET D 128 -1.28 32.49 -15.18
N PHE D 129 -0.04 32.03 -15.37
CA PHE D 129 1.02 32.32 -14.44
C PHE D 129 1.30 33.82 -14.36
N GLU D 130 1.40 34.45 -15.51
CA GLU D 130 1.58 35.90 -15.62
C GLU D 130 0.44 36.64 -14.90
N HIS D 131 -0.77 36.22 -15.16
CA HIS D 131 -1.92 36.80 -14.53
C HIS D 131 -1.90 36.58 -13.00
N LEU D 132 -1.49 35.39 -12.56
CA LEU D 132 -1.39 35.08 -11.14
C LEU D 132 -0.41 36.02 -10.45
N ILE D 133 0.77 36.15 -11.05
CA ILE D 133 1.83 37.01 -10.52
C ILE D 133 1.39 38.46 -10.40
N ASN D 134 0.87 39.00 -11.50
CA ASN D 134 0.50 40.42 -11.55
C ASN D 134 -0.72 40.76 -10.70
N SER D 135 -1.74 39.93 -10.74
CA SER D 135 -2.95 40.16 -9.96
C SER D 135 -2.73 40.08 -8.46
N ASN D 136 -1.72 39.38 -7.99
CA ASN D 136 -1.58 39.11 -6.56
C ASN D 136 -0.33 39.72 -5.91
N GLY D 137 0.38 40.60 -6.63
CA GLY D 137 1.54 41.25 -6.07
C GLY D 137 2.63 40.29 -5.63
N ILE D 138 2.86 39.26 -6.42
CA ILE D 138 3.87 38.26 -6.10
C ILE D 138 5.30 38.73 -6.37
N LYS D 139 5.51 39.65 -7.33
CA LYS D 139 6.87 40.06 -7.70
C LYS D 139 7.68 40.58 -6.50
N PRO D 140 7.08 41.45 -5.68
CA PRO D 140 7.76 41.93 -4.46
C PRO D 140 8.14 40.81 -3.51
N VAL D 141 7.25 39.84 -3.36
CA VAL D 141 7.49 38.70 -2.48
C VAL D 141 8.63 37.85 -3.04
N MET D 142 8.66 37.66 -4.35
CA MET D 142 9.79 37.01 -5.00
C MET D 142 11.13 37.69 -4.68
N GLU D 143 11.15 39.02 -4.81
CA GLU D 143 12.34 39.81 -4.52
C GLU D 143 12.77 39.61 -3.09
N GLN D 144 11.80 39.59 -2.19
CA GLN D 144 12.07 39.37 -0.77
C GLN D 144 12.80 38.06 -0.47
N TYR D 145 12.61 37.04 -1.31
CA TYR D 145 13.31 35.76 -1.11
C TYR D 145 14.52 35.58 -2.03
N GLY D 146 14.96 36.66 -2.67
CA GLY D 146 16.19 36.62 -3.42
C GLY D 146 16.04 36.32 -4.88
N LEU D 147 14.80 36.23 -5.37
CA LEU D 147 14.60 36.03 -6.80
C LEU D 147 14.72 37.35 -7.53
N ILE D 148 15.07 37.28 -8.82
CA ILE D 148 15.15 38.43 -9.69
C ILE D 148 14.04 38.29 -10.74
N PRO D 149 12.88 38.92 -10.48
CA PRO D 149 11.69 38.70 -11.30
C PRO D 149 11.86 38.74 -12.80
N GLU D 150 12.61 39.70 -13.34
CA GLU D 150 12.74 39.76 -14.80
C GLU D 150 13.24 38.44 -15.36
N GLU D 151 14.44 38.03 -14.93
CA GLU D 151 15.07 36.82 -15.47
C GLU D 151 14.39 35.53 -14.97
N ASP D 152 13.93 35.51 -13.72
CA ASP D 152 13.34 34.31 -13.15
C ASP D 152 11.93 34.00 -13.65
N ILE D 153 11.12 35.02 -13.87
CA ILE D 153 9.81 34.81 -14.48
C ILE D 153 9.97 34.25 -15.88
N CYS D 154 10.95 34.75 -16.61
CA CYS D 154 11.25 34.24 -17.92
C CYS D 154 11.70 32.78 -17.84
N PHE D 155 12.57 32.47 -16.88
CA PHE D 155 13.05 31.10 -16.66
C PHE D 155 11.90 30.12 -16.37
N ILE D 156 11.01 30.53 -15.47
CA ILE D 156 9.83 29.75 -15.13
C ILE D 156 8.96 29.47 -16.35
N LYS D 157 8.68 30.50 -17.15
CA LYS D 157 7.87 30.30 -18.36
C LYS D 157 8.56 29.40 -19.38
N GLU D 158 9.86 29.56 -19.54
CA GLU D 158 10.62 28.75 -20.46
C GLU D 158 10.62 27.27 -20.04
N GLN D 159 10.67 27.01 -18.72
CA GLN D 159 10.59 25.65 -18.20
C GLN D 159 9.27 24.97 -18.57
N ILE D 160 8.21 25.74 -18.67
CA ILE D 160 6.89 25.20 -18.96
C ILE D 160 6.68 25.05 -20.46
N VAL D 161 7.01 26.07 -21.23
CA VAL D 161 6.58 26.12 -22.62
C VAL D 161 7.74 26.00 -23.62
N GLY D 162 8.96 26.04 -23.15
CA GLY D 162 10.12 26.01 -24.02
C GLY D 162 10.52 27.42 -24.40
N PRO D 163 11.46 27.56 -25.34
CA PRO D 163 11.97 28.88 -25.72
C PRO D 163 10.85 29.79 -26.21
N LEU D 164 10.83 31.02 -25.71
CA LEU D 164 9.79 32.00 -26.11
C LEU D 164 10.11 32.77 -27.39
N GLU D 165 11.24 32.50 -28.03
CA GLU D 165 11.59 33.22 -29.27
C GLU D 165 12.19 32.23 -30.29
N SER D 166 12.30 32.64 -31.55
CA SER D 166 13.03 31.88 -32.58
C SER D 166 14.51 32.28 -32.53
N PRO D 167 15.42 31.31 -32.27
CA PRO D 167 16.84 31.66 -32.13
C PRO D 167 17.66 31.61 -33.45
N VAL D 168 17.08 31.03 -34.50
CA VAL D 168 17.82 30.59 -35.69
C VAL D 168 18.48 31.71 -36.46
N LEU D 172 22.89 27.13 -31.45
CA LEU D 172 22.63 28.35 -30.70
C LEU D 172 21.76 28.07 -29.47
N TRP D 173 22.12 28.65 -28.32
CA TRP D 173 21.40 28.41 -27.05
C TRP D 173 20.19 29.33 -27.06
N PRO D 174 18.99 28.74 -27.14
CA PRO D 174 17.78 29.54 -27.35
C PRO D 174 17.10 30.11 -26.09
N TYR D 175 17.62 29.81 -24.90
CA TYR D 175 16.97 30.19 -23.65
C TYR D 175 17.62 31.44 -23.07
N LYS D 176 16.80 32.29 -22.46
CA LYS D 176 17.26 33.52 -21.82
C LYS D 176 17.26 33.49 -20.28
N GLY D 177 16.45 32.64 -19.66
CA GLY D 177 16.33 32.63 -18.19
C GLY D 177 17.57 32.11 -17.46
N ARG D 178 18.28 31.17 -18.09
CA ARG D 178 19.53 30.63 -17.56
C ARG D 178 20.49 30.29 -18.72
N PRO D 179 21.81 30.33 -18.47
CA PRO D 179 22.83 29.98 -19.46
C PRO D 179 23.04 28.47 -19.62
N GLU D 180 23.84 28.10 -20.61
CA GLU D 180 24.11 26.70 -20.99
C GLU D 180 24.65 25.82 -19.88
N ASN D 181 25.41 26.42 -18.97
CA ASN D 181 25.93 25.67 -17.83
C ASN D 181 24.85 25.27 -16.82
N LYS D 182 23.64 25.83 -16.95
CA LYS D 182 22.48 25.41 -16.14
C LYS D 182 21.39 24.77 -17.01
N SER D 183 21.77 24.30 -18.20
CA SER D 183 20.83 23.65 -19.12
C SER D 183 20.07 22.50 -18.52
N PHE D 184 20.73 21.72 -17.66
CA PHE D 184 20.09 20.63 -16.97
C PHE D 184 18.85 21.03 -16.19
N LEU D 185 18.75 22.31 -15.78
CA LEU D 185 17.55 22.75 -15.04
C LEU D 185 16.29 22.73 -15.90
N TYR D 186 16.45 22.84 -17.21
CA TYR D 186 15.32 22.82 -18.14
C TYR D 186 14.76 21.42 -18.40
N GLU D 187 15.41 20.39 -17.87
CA GLU D 187 15.00 19.01 -18.08
C GLU D 187 14.14 18.45 -16.95
N ILE D 188 13.91 19.25 -15.92
CA ILE D 188 13.25 18.74 -14.70
C ILE D 188 11.72 18.72 -14.83
N VAL D 189 11.14 19.84 -15.24
CA VAL D 189 9.70 20.00 -15.13
C VAL D 189 8.98 19.55 -16.37
N SER D 190 9.49 19.97 -17.51
CA SER D 190 8.88 19.59 -18.76
C SER D 190 9.98 19.35 -19.76
N ASN D 191 10.36 18.09 -19.91
CA ASN D 191 11.54 17.71 -20.67
C ASN D 191 11.21 17.59 -22.15
N LYS D 192 11.59 18.60 -22.92
CA LYS D 192 11.31 18.67 -24.35
C LYS D 192 12.19 17.74 -25.17
N ARG D 193 13.32 17.29 -24.63
CA ARG D 193 14.23 16.42 -25.35
C ARG D 193 13.73 14.97 -25.41
N ASN D 194 13.25 14.44 -24.29
CA ASN D 194 12.85 13.04 -24.24
C ASN D 194 11.60 12.72 -23.39
N GLY D 195 10.97 13.73 -22.79
CA GLY D 195 9.76 13.51 -22.01
C GLY D 195 9.95 12.90 -20.63
N ILE D 196 11.19 12.72 -20.18
CA ILE D 196 11.43 12.14 -18.86
C ILE D 196 11.50 13.26 -17.83
N ASP D 197 10.41 13.47 -17.10
CA ASP D 197 10.34 14.59 -16.19
C ASP D 197 9.46 14.27 -14.99
N VAL D 198 9.46 15.16 -14.02
CA VAL D 198 8.81 14.91 -12.73
C VAL D 198 7.30 14.96 -12.82
N ASP D 199 6.76 15.57 -13.88
CA ASP D 199 5.31 15.58 -14.11
C ASP D 199 4.78 14.16 -14.26
N LYS D 200 5.45 13.35 -15.10
CA LYS D 200 5.06 11.94 -15.28
C LYS D 200 5.17 11.17 -14.00
N TRP D 201 6.24 11.41 -13.28
CA TRP D 201 6.48 10.65 -12.07
C TRP D 201 5.38 10.85 -11.06
N ASP D 202 4.88 12.09 -10.92
CA ASP D 202 3.78 12.29 -10.03
C ASP D 202 2.51 11.62 -10.53
N TYR D 203 2.16 11.81 -11.80
CA TYR D 203 0.88 11.27 -12.25
C TYR D 203 0.84 9.76 -12.31
N PHE D 204 1.96 9.11 -12.60
CA PHE D 204 2.02 7.65 -12.53
C PHE D 204 1.58 7.18 -11.14
N ALA D 205 2.21 7.73 -10.11
CA ALA D 205 1.97 7.27 -8.76
C ALA D 205 0.59 7.69 -8.28
N ARG D 206 0.17 8.91 -8.62
CA ARG D 206 -1.11 9.41 -8.14
C ARG D 206 -2.27 8.72 -8.88
N ASP D 207 -2.17 8.65 -10.22
CA ASP D 207 -3.26 8.07 -10.98
C ASP D 207 -3.44 6.60 -10.57
N CYS D 208 -2.34 5.86 -10.45
CA CYS D 208 -2.41 4.46 -10.01
C CYS D 208 -3.07 4.28 -8.65
N HIS D 209 -2.68 5.10 -7.68
CA HIS D 209 -3.30 5.11 -6.35
C HIS D 209 -4.82 5.28 -6.41
N HIS D 210 -5.28 6.17 -7.28
CA HIS D 210 -6.70 6.47 -7.37
C HIS D 210 -7.49 5.55 -8.31
N LEU D 211 -6.85 5.07 -9.35
CA LEU D 211 -7.52 4.25 -10.32
C LEU D 211 -7.69 2.82 -9.83
N GLY D 212 -6.81 2.39 -8.92
CA GLY D 212 -6.77 1.01 -8.48
C GLY D 212 -5.92 0.14 -9.40
N ILE D 213 -4.80 0.69 -9.86
CA ILE D 213 -3.84 0.00 -10.72
C ILE D 213 -2.48 0.20 -10.07
N GLN D 214 -1.57 -0.76 -10.16
CA GLN D 214 -0.24 -0.56 -9.53
C GLN D 214 0.82 0.01 -10.52
N ASN D 215 1.55 1.02 -10.06
CA ASN D 215 2.59 1.73 -10.86
C ASN D 215 3.91 1.00 -10.82
N ASN D 216 4.52 0.78 -11.98
CA ASN D 216 5.83 0.11 -12.04
C ASN D 216 7.11 0.98 -12.06
N PHE D 217 7.00 2.30 -12.24
CA PHE D 217 8.19 3.21 -12.25
C PHE D 217 8.60 3.84 -10.91
N ASP D 218 9.86 3.62 -10.52
CA ASP D 218 10.41 4.10 -9.26
C ASP D 218 11.26 5.38 -9.44
N TYR D 219 10.64 6.54 -9.18
CA TYR D 219 11.29 7.80 -9.38
C TYR D 219 12.33 8.06 -8.33
N LYS D 220 12.15 7.57 -7.10
CA LYS D 220 13.18 7.77 -6.06
C LYS D 220 14.49 7.13 -6.46
N ARG D 221 14.37 5.94 -7.03
CA ARG D 221 15.53 5.24 -7.57
C ARG D 221 16.22 6.08 -8.63
N PHE D 222 15.44 6.61 -9.56
CA PHE D 222 15.99 7.40 -10.63
C PHE D 222 16.73 8.63 -10.11
N ILE D 223 16.11 9.33 -9.16
CA ILE D 223 16.74 10.49 -8.54
C ILE D 223 18.07 10.14 -7.89
N LYS D 224 18.17 9.01 -7.19
CA LYS D 224 19.46 8.60 -6.60
C LYS D 224 20.55 8.39 -7.64
N PHE D 225 20.20 7.99 -8.84
CA PHE D 225 21.21 7.65 -9.84
C PHE D 225 21.40 8.75 -10.87
N ALA D 226 20.71 9.88 -10.74
CA ALA D 226 20.82 10.94 -11.74
C ALA D 226 22.08 11.75 -11.51
N ARG D 227 22.78 12.13 -12.59
CA ARG D 227 23.94 13.00 -12.50
C ARG D 227 23.89 14.00 -13.62
N VAL D 228 24.63 15.07 -13.48
CA VAL D 228 24.83 15.99 -14.59
C VAL D 228 26.20 15.73 -15.21
N CYS D 229 26.23 15.59 -16.52
CA CYS D 229 27.46 15.41 -17.28
C CYS D 229 27.45 16.34 -18.49
N GLU D 230 28.62 16.59 -19.05
CA GLU D 230 28.72 17.34 -20.29
C GLU D 230 28.32 16.50 -21.48
N VAL D 231 27.38 17.00 -22.26
CA VAL D 231 26.95 16.35 -23.51
C VAL D 231 26.91 17.43 -24.58
N ASP D 232 27.72 17.24 -25.63
CA ASP D 232 27.83 18.20 -26.76
C ASP D 232 27.81 19.66 -26.31
N ASN D 233 28.67 19.98 -25.36
CA ASN D 233 28.81 21.34 -24.80
C ASN D 233 27.64 21.91 -24.02
N GLU D 234 26.74 21.03 -23.59
CA GLU D 234 25.71 21.38 -22.60
C GLU D 234 25.93 20.51 -21.37
N LEU D 235 25.58 21.03 -20.22
CA LEU D 235 25.47 20.21 -19.03
C LEU D 235 24.06 19.62 -18.95
N ARG D 236 23.96 18.30 -19.10
CA ARG D 236 22.66 17.60 -19.06
C ARG D 236 22.54 16.56 -17.97
N ILE D 237 21.30 16.23 -17.62
CA ILE D 237 21.03 15.17 -16.67
C ILE D 237 21.28 13.83 -17.36
N CYS D 238 22.06 12.97 -16.73
CA CYS D 238 22.36 11.63 -17.24
C CYS D 238 21.93 10.58 -16.24
N ALA D 239 21.45 9.47 -16.78
CA ALA D 239 21.04 8.36 -15.98
C ALA D 239 22.17 7.34 -15.96
N ARG D 240 22.28 6.62 -14.85
CA ARG D 240 23.17 5.50 -14.77
C ARG D 240 22.80 4.44 -15.83
N ASP D 241 23.80 3.88 -16.51
CA ASP D 241 23.58 2.92 -17.61
C ASP D 241 22.60 1.79 -17.29
N LYS D 242 22.76 1.19 -16.13
CA LYS D 242 21.91 0.08 -15.79
C LYS D 242 20.45 0.49 -15.53
N GLU D 243 20.13 1.78 -15.44
CA GLU D 243 18.75 2.21 -15.39
C GLU D 243 18.02 2.23 -16.74
N VAL D 244 18.69 1.87 -17.84
CA VAL D 244 18.05 1.97 -19.17
C VAL D 244 16.76 1.11 -19.28
N GLY D 245 16.79 -0.11 -18.73
CA GLY D 245 15.62 -0.99 -18.67
C GLY D 245 14.45 -0.38 -17.93
N ASN D 246 14.71 0.29 -16.81
CA ASN D 246 13.68 0.98 -16.07
C ASN D 246 13.06 2.14 -16.85
N LEU D 247 13.82 2.77 -17.72
CA LEU D 247 13.27 3.85 -18.57
C LEU D 247 12.37 3.32 -19.66
N TYR D 248 12.76 2.23 -20.32
CA TYR D 248 11.85 1.61 -21.26
C TYR D 248 10.55 1.17 -20.54
N ASP D 249 10.69 0.65 -19.34
CA ASP D 249 9.52 0.30 -18.52
C ASP D 249 8.63 1.51 -18.18
N MET D 250 9.24 2.66 -17.95
CA MET D 250 8.49 3.86 -17.68
C MET D 250 7.57 4.21 -18.85
N PHE D 251 8.09 4.14 -20.07
CA PHE D 251 7.23 4.43 -21.23
C PHE D 251 6.20 3.34 -21.49
N HIS D 252 6.55 2.10 -21.17
CA HIS D 252 5.57 1.02 -21.26
C HIS D 252 4.41 1.27 -20.29
N THR D 253 4.74 1.69 -19.07
CA THR D 253 3.72 2.01 -18.07
C THR D 253 2.83 3.14 -18.54
N ARG D 254 3.42 4.19 -19.05
CA ARG D 254 2.63 5.28 -19.62
C ARG D 254 1.64 4.79 -20.70
N ASN D 255 2.14 4.00 -21.63
CA ASN D 255 1.27 3.43 -22.66
C ASN D 255 0.16 2.52 -22.13
N SER D 256 0.48 1.71 -21.12
CA SER D 256 -0.52 0.92 -20.38
C SER D 256 -1.62 1.73 -19.74
N LEU D 257 -1.21 2.80 -19.08
CA LEU D 257 -2.17 3.68 -18.44
C LEU D 257 -3.07 4.38 -19.44
N HIS D 258 -2.52 4.77 -20.58
CA HIS D 258 -3.38 5.31 -21.65
C HIS D 258 -4.37 4.28 -22.16
N ARG D 259 -3.90 3.04 -22.40
CA ARG D 259 -4.76 1.97 -22.89
C ARG D 259 -5.86 1.61 -21.91
N ARG D 260 -5.52 1.45 -20.64
CA ARG D 260 -6.47 1.02 -19.63
C ARG D 260 -7.41 2.12 -19.19
N ALA D 261 -6.89 3.34 -19.02
CA ALA D 261 -7.62 4.38 -18.33
C ALA D 261 -7.82 5.65 -19.15
N TYR D 262 -6.75 6.30 -19.57
CA TYR D 262 -6.91 7.64 -20.14
C TYR D 262 -7.64 7.63 -21.48
N GLN D 263 -7.54 6.52 -22.22
CA GLN D 263 -8.25 6.34 -23.48
C GLN D 263 -9.28 5.23 -23.39
N HIS D 264 -9.77 4.96 -22.18
CA HIS D 264 -10.87 4.03 -22.02
C HIS D 264 -12.00 4.47 -22.97
N LYS D 265 -12.58 3.50 -23.69
CA LYS D 265 -13.55 3.79 -24.75
C LYS D 265 -14.80 4.53 -24.22
N VAL D 266 -15.20 4.21 -23.01
CA VAL D 266 -16.34 4.89 -22.39
C VAL D 266 -15.96 6.23 -21.80
N GLY D 267 -14.78 6.31 -21.18
CA GLY D 267 -14.30 7.57 -20.67
C GLY D 267 -14.21 8.57 -21.81
N ASN D 268 -13.73 8.12 -22.97
CA ASN D 268 -13.65 8.98 -24.15
C ASN D 268 -15.00 9.40 -24.68
N ILE D 269 -15.99 8.50 -24.70
CA ILE D 269 -17.28 8.88 -25.23
C ILE D 269 -18.01 9.83 -24.28
N ILE D 270 -17.76 9.71 -22.97
CA ILE D 270 -18.31 10.67 -22.01
C ILE D 270 -17.69 12.04 -22.22
N ASP D 271 -16.39 12.10 -22.44
CA ASP D 271 -15.72 13.35 -22.79
C ASP D 271 -16.31 13.95 -24.06
N THR D 272 -16.60 13.10 -25.03
CA THR D 272 -17.19 13.52 -26.29
C THR D 272 -18.60 14.07 -26.07
N MET D 273 -19.38 13.42 -25.20
CA MET D 273 -20.73 13.88 -24.94
C MET D 273 -20.70 15.21 -24.20
N ILE D 274 -19.78 15.35 -23.25
CA ILE D 274 -19.64 16.62 -22.53
C ILE D 274 -19.20 17.73 -23.48
N THR D 275 -18.27 17.43 -24.37
CA THR D 275 -17.85 18.39 -25.40
C THR D 275 -19.03 18.85 -26.27
N ASP D 276 -19.86 17.90 -26.67
CA ASP D 276 -21.07 18.20 -27.43
C ASP D 276 -22.02 19.13 -26.68
N ALA D 277 -22.24 18.85 -25.41
CA ALA D 277 -23.05 19.72 -24.56
C ALA D 277 -22.45 21.12 -24.49
N PHE D 278 -21.13 21.22 -24.33
CA PHE D 278 -20.44 22.52 -24.28
C PHE D 278 -20.60 23.29 -25.59
N LEU D 279 -20.47 22.59 -26.73
CA LEU D 279 -20.68 23.22 -28.05
C LEU D 279 -22.10 23.76 -28.20
N LYS D 280 -23.10 23.02 -27.76
CA LYS D 280 -24.48 23.50 -27.78
C LYS D 280 -24.78 24.58 -26.74
N ALA D 281 -23.94 24.70 -25.72
CA ALA D 281 -24.16 25.71 -24.68
C ALA D 281 -23.35 26.97 -24.97
N ASP D 282 -22.40 26.88 -25.91
CA ASP D 282 -21.38 27.92 -26.07
C ASP D 282 -21.94 29.32 -26.42
N ASP D 283 -23.07 29.37 -27.12
CA ASP D 283 -23.73 30.64 -27.43
C ASP D 283 -24.45 31.31 -26.26
N TYR D 284 -24.73 30.57 -25.20
CA TYR D 284 -25.60 31.05 -24.14
C TYR D 284 -24.96 31.20 -22.78
N ILE D 285 -23.88 30.48 -22.50
CA ILE D 285 -23.19 30.65 -21.22
C ILE D 285 -22.31 31.88 -21.27
N GLU D 286 -22.36 32.66 -20.20
CA GLU D 286 -21.59 33.88 -20.11
C GLU D 286 -20.59 33.79 -18.97
N ILE D 287 -19.35 34.13 -19.24
CA ILE D 287 -18.35 34.17 -18.21
C ILE D 287 -17.79 35.56 -18.15
N THR D 288 -17.83 36.15 -16.96
CA THR D 288 -17.39 37.51 -16.78
C THR D 288 -15.90 37.56 -16.62
N GLY D 289 -15.27 38.39 -17.45
CA GLY D 289 -13.84 38.62 -17.41
C GLY D 289 -13.47 40.01 -16.95
N ALA D 290 -12.33 40.48 -17.42
CA ALA D 290 -11.80 41.76 -17.00
C ALA D 290 -12.76 42.87 -17.37
N GLY D 291 -12.96 43.79 -16.43
CA GLY D 291 -13.79 44.99 -16.63
C GLY D 291 -15.25 44.66 -16.82
N GLY D 292 -15.70 43.51 -16.33
CA GLY D 292 -17.09 43.10 -16.53
C GLY D 292 -17.45 42.54 -17.91
N LYS D 293 -16.53 42.55 -18.88
CA LYS D 293 -16.80 41.98 -20.20
C LYS D 293 -17.23 40.54 -20.10
N LYS D 294 -18.15 40.13 -20.96
CA LYS D 294 -18.63 38.76 -20.98
C LYS D 294 -17.90 37.92 -22.03
N TYR D 295 -17.58 36.68 -21.68
CA TYR D 295 -16.93 35.77 -22.61
C TYR D 295 -17.75 34.52 -22.70
N ARG D 296 -17.43 33.72 -23.71
CA ARG D 296 -18.01 32.40 -23.88
C ARG D 296 -17.03 31.35 -23.43
N ILE D 297 -17.53 30.14 -23.27
CA ILE D 297 -16.68 29.01 -22.95
C ILE D 297 -15.47 28.96 -23.91
N SER D 298 -15.72 29.11 -25.20
CA SER D 298 -14.68 29.04 -26.24
C SER D 298 -13.77 30.28 -26.33
N THR D 299 -14.20 31.40 -25.77
CA THR D 299 -13.36 32.60 -25.80
C THR D 299 -12.75 32.97 -24.45
N ALA D 300 -13.13 32.27 -23.38
CA ALA D 300 -12.57 32.56 -22.04
C ALA D 300 -11.06 32.39 -22.01
N ILE D 301 -10.53 31.58 -22.92
CA ILE D 301 -9.09 31.44 -23.10
C ILE D 301 -8.36 32.74 -23.51
N ASP D 302 -9.10 33.74 -23.98
CA ASP D 302 -8.53 35.03 -24.35
C ASP D 302 -8.46 36.05 -23.20
N ASP D 303 -9.09 35.75 -22.08
CA ASP D 303 -9.02 36.61 -20.90
C ASP D 303 -8.81 35.76 -19.66
N MET D 304 -7.66 35.91 -19.02
CA MET D 304 -7.31 35.07 -17.88
C MET D 304 -8.23 35.25 -16.69
N GLU D 305 -8.76 36.45 -16.51
CA GLU D 305 -9.73 36.68 -15.45
C GLU D 305 -11.00 35.82 -15.65
N ALA D 306 -11.44 35.69 -16.90
CA ALA D 306 -12.55 34.82 -17.23
C ALA D 306 -12.16 33.34 -17.11
N TYR D 307 -10.97 33.03 -17.61
CA TYR D 307 -10.49 31.67 -17.62
C TYR D 307 -10.35 31.14 -16.18
N THR D 308 -9.95 32.01 -15.26
CA THR D 308 -9.91 31.69 -13.84
C THR D 308 -11.22 31.07 -13.34
N LYS D 309 -12.35 31.49 -13.89
CA LYS D 309 -13.65 31.01 -13.43
C LYS D 309 -14.22 29.90 -14.31
N LEU D 310 -13.41 29.35 -15.21
CA LEU D 310 -13.85 28.31 -16.12
C LEU D 310 -13.34 26.96 -15.64
N THR D 311 -14.23 26.20 -15.00
CA THR D 311 -13.89 24.96 -14.37
C THR D 311 -14.96 23.93 -14.67
N ASP D 312 -14.83 22.75 -14.04
CA ASP D 312 -15.82 21.68 -14.14
C ASP D 312 -17.24 22.15 -13.76
N ASN D 313 -17.35 23.19 -12.94
CA ASN D 313 -18.66 23.86 -12.65
C ASN D 313 -19.56 24.16 -13.86
N ILE D 314 -18.98 24.40 -15.03
CA ILE D 314 -19.74 24.59 -16.26
C ILE D 314 -20.72 23.43 -16.49
N PHE D 315 -20.23 22.21 -16.27
CA PHE D 315 -21.04 21.01 -16.39
C PHE D 315 -22.33 21.13 -15.56
N LEU D 316 -22.22 21.52 -14.30
CA LEU D 316 -23.39 21.61 -13.44
C LEU D 316 -24.27 22.81 -13.71
N GLU D 317 -23.65 23.92 -14.11
CA GLU D 317 -24.42 25.08 -14.52
C GLU D 317 -25.34 24.72 -15.69
N ILE D 318 -24.82 23.96 -16.66
CA ILE D 318 -25.65 23.49 -17.77
C ILE D 318 -26.71 22.50 -17.28
N LEU D 319 -26.29 21.53 -16.47
CA LEU D 319 -27.18 20.47 -16.01
C LEU D 319 -28.35 21.00 -15.20
N TYR D 320 -28.11 22.01 -14.37
CA TYR D 320 -29.14 22.56 -13.50
C TYR D 320 -29.86 23.76 -14.10
N SER D 321 -29.53 24.14 -15.32
CA SER D 321 -30.17 25.30 -15.97
C SER D 321 -31.64 25.04 -16.24
N THR D 322 -32.42 26.11 -16.29
CA THR D 322 -33.84 26.04 -16.70
C THR D 322 -34.11 26.79 -18.04
N ASP D 323 -33.14 27.59 -18.48
CA ASP D 323 -33.27 28.33 -19.73
C ASP D 323 -33.54 27.37 -20.90
N PRO D 324 -34.65 27.60 -21.62
CA PRO D 324 -34.98 26.82 -22.81
C PRO D 324 -33.89 26.80 -23.87
N LYS D 325 -33.10 27.86 -23.94
CA LYS D 325 -32.00 27.90 -24.88
C LYS D 325 -30.95 26.83 -24.60
N LEU D 326 -30.82 26.44 -23.33
CA LEU D 326 -29.86 25.41 -22.91
C LEU D 326 -30.45 24.00 -22.88
N LYS D 327 -31.65 23.86 -23.42
CA LYS D 327 -32.37 22.61 -23.37
C LYS D 327 -31.61 21.47 -24.03
N ASP D 328 -31.08 21.71 -25.22
CA ASP D 328 -30.36 20.68 -25.97
C ASP D 328 -29.06 20.25 -25.29
N ALA D 329 -28.31 21.23 -24.79
CA ALA D 329 -27.10 20.95 -24.03
C ALA D 329 -27.44 20.13 -22.76
N ARG D 330 -28.45 20.60 -22.04
CA ARG D 330 -28.91 19.98 -20.81
C ARG D 330 -29.37 18.52 -21.03
N GLU D 331 -30.01 18.26 -22.16
CA GLU D 331 -30.50 16.91 -22.47
C GLU D 331 -29.36 15.92 -22.69
N ILE D 332 -28.28 16.37 -23.30
CA ILE D 332 -27.11 15.52 -23.46
C ILE D 332 -26.51 15.13 -22.08
N LEU D 333 -26.35 16.11 -21.21
CA LEU D 333 -25.83 15.82 -19.87
C LEU D 333 -26.76 14.92 -19.06
N LYS D 334 -28.06 15.08 -19.25
CA LYS D 334 -29.01 14.20 -18.58
C LYS D 334 -28.90 12.76 -19.07
N GLN D 335 -28.56 12.58 -20.35
CA GLN D 335 -28.31 11.24 -20.88
C GLN D 335 -27.11 10.58 -20.21
N ILE D 336 -26.11 11.39 -19.86
CA ILE D 336 -24.97 10.88 -19.11
C ILE D 336 -25.42 10.39 -17.73
N GLU D 337 -26.25 11.16 -17.04
CA GLU D 337 -26.73 10.76 -15.71
C GLU D 337 -27.53 9.47 -15.70
N TYR D 338 -28.34 9.28 -16.74
CA TYR D 338 -29.11 8.04 -16.90
C TYR D 338 -28.30 6.95 -17.57
N ARG D 339 -27.07 7.26 -17.95
CA ARG D 339 -26.19 6.27 -18.57
C ARG D 339 -26.76 5.80 -19.90
N ASN D 340 -27.42 6.69 -20.59
CA ASN D 340 -27.83 6.44 -21.94
C ASN D 340 -26.77 7.05 -22.84
N LEU D 341 -25.64 6.36 -22.95
CA LEU D 341 -24.48 6.86 -23.66
C LEU D 341 -24.51 6.43 -25.11
N PHE D 342 -23.81 7.17 -25.95
CA PHE D 342 -23.58 6.71 -27.31
C PHE D 342 -22.91 5.35 -27.21
N LYS D 343 -23.22 4.45 -28.13
CA LYS D 343 -22.81 3.06 -28.02
C LYS D 343 -21.54 2.79 -28.78
N TYR D 344 -20.61 2.11 -28.11
CA TYR D 344 -19.38 1.68 -28.73
C TYR D 344 -19.69 0.58 -29.74
N VAL D 345 -19.16 0.73 -30.95
CA VAL D 345 -19.37 -0.25 -32.00
C VAL D 345 -18.13 -1.14 -32.10
N GLY D 346 -16.95 -0.54 -32.17
CA GLY D 346 -15.70 -1.30 -32.20
C GLY D 346 -14.46 -0.46 -32.39
N GLU D 347 -13.34 -1.16 -32.49
CA GLU D 347 -12.02 -0.56 -32.66
C GLU D 347 -11.28 -1.22 -33.80
N THR D 348 -10.51 -0.44 -34.53
CA THR D 348 -9.64 -0.98 -35.59
C THR D 348 -8.38 -0.13 -35.67
N GLN D 349 -7.41 -0.56 -36.45
CA GLN D 349 -6.20 0.24 -36.73
C GLN D 349 -5.90 0.26 -38.21
N PRO D 350 -5.30 1.33 -38.70
CA PRO D 350 -4.75 1.33 -40.06
C PRO D 350 -3.64 0.31 -40.17
N THR D 351 -3.45 -0.25 -41.36
CA THR D 351 -2.38 -1.21 -41.60
C THR D 351 -1.24 -0.61 -42.40
N GLY D 352 -0.09 -1.23 -42.23
CA GLY D 352 1.15 -0.80 -42.86
C GLY D 352 1.46 0.62 -42.46
N GLN D 353 1.44 1.51 -43.44
CA GLN D 353 1.91 2.86 -43.27
C GLN D 353 0.77 3.86 -43.04
N ILE D 354 -0.47 3.43 -43.20
CA ILE D 354 -1.57 4.38 -43.31
C ILE D 354 -1.60 5.24 -42.04
N LYS D 355 -1.77 6.55 -42.24
CA LYS D 355 -1.89 7.49 -41.14
C LYS D 355 -3.05 8.44 -41.42
N ILE D 356 -4.01 8.49 -40.52
CA ILE D 356 -5.13 9.37 -40.72
C ILE D 356 -4.82 10.76 -40.20
N LYS D 357 -5.10 11.76 -41.01
CA LYS D 357 -4.72 13.15 -40.74
C LYS D 357 -5.84 13.85 -40.00
N ARG D 358 -5.50 14.86 -39.19
CA ARG D 358 -6.51 15.61 -38.44
C ARG D 358 -7.56 16.25 -39.34
N GLU D 359 -7.10 16.71 -40.49
CA GLU D 359 -7.97 17.34 -41.50
C GLU D 359 -9.04 16.40 -42.02
N ASP D 360 -8.77 15.10 -41.96
CA ASP D 360 -9.73 14.09 -42.45
C ASP D 360 -10.69 13.54 -41.39
N TYR D 361 -10.44 13.84 -40.12
CA TYR D 361 -11.29 13.31 -39.02
C TYR D 361 -12.78 13.52 -39.30
N GLU D 362 -13.14 14.69 -39.82
CA GLU D 362 -14.55 15.04 -40.07
C GLU D 362 -15.20 14.25 -41.23
N SER D 363 -14.39 13.81 -42.18
CA SER D 363 -14.89 13.00 -43.30
C SER D 363 -15.18 11.52 -42.92
N LEU D 364 -14.71 11.08 -41.76
CA LEU D 364 -14.78 9.65 -41.42
C LEU D 364 -16.20 9.11 -41.15
N PRO D 365 -17.04 9.86 -40.41
CA PRO D 365 -18.42 9.40 -40.22
C PRO D 365 -19.15 9.21 -41.56
N LYS D 366 -18.89 10.12 -42.51
CA LYS D 366 -19.38 9.96 -43.89
C LYS D 366 -18.93 8.69 -44.56
N GLU D 367 -17.65 8.36 -44.44
CA GLU D 367 -17.17 7.12 -45.02
C GLU D 367 -17.84 5.89 -44.41
N VAL D 368 -17.99 5.86 -43.10
CA VAL D 368 -18.60 4.70 -42.43
C VAL D 368 -20.03 4.52 -42.93
N ALA D 369 -20.78 5.62 -42.99
CA ALA D 369 -22.16 5.59 -43.47
C ALA D 369 -22.26 5.25 -44.96
N SER D 370 -21.20 5.49 -45.74
CA SER D 370 -21.18 5.15 -47.17
C SER D 370 -20.84 3.70 -47.47
N ALA D 371 -20.41 2.92 -46.46
CA ALA D 371 -20.13 1.52 -46.66
C ALA D 371 -21.41 0.77 -47.05
N LYS D 372 -21.25 -0.26 -47.89
CA LYS D 372 -22.39 -0.99 -48.41
C LYS D 372 -22.27 -2.45 -47.99
N PRO D 373 -22.55 -2.74 -46.70
CA PRO D 373 -22.42 -4.10 -46.24
C PRO D 373 -23.47 -4.96 -46.95
N LYS D 374 -23.10 -6.13 -47.48
CA LYS D 374 -24.09 -6.96 -48.17
C LYS D 374 -24.81 -7.82 -47.15
N VAL D 375 -25.74 -7.21 -46.43
CA VAL D 375 -26.47 -7.84 -45.36
C VAL D 375 -27.86 -7.22 -45.37
N LEU D 376 -28.85 -7.96 -44.93
CA LEU D 376 -30.19 -7.40 -44.82
C LEU D 376 -30.27 -6.49 -43.58
N LEU D 377 -30.67 -5.24 -43.79
CA LEU D 377 -30.79 -4.26 -42.70
C LEU D 377 -32.16 -3.62 -42.65
N ASP D 378 -32.77 -3.63 -41.46
CA ASP D 378 -34.06 -2.93 -41.30
C ASP D 378 -33.92 -1.40 -41.24
N VAL D 379 -32.79 -0.89 -40.73
CA VAL D 379 -32.58 0.55 -40.63
C VAL D 379 -31.35 0.96 -41.44
N LYS D 380 -31.41 2.17 -41.97
CA LYS D 380 -30.29 2.76 -42.69
C LYS D 380 -29.76 3.91 -41.82
N LEU D 381 -28.44 3.98 -41.66
CA LEU D 381 -27.83 4.97 -40.79
C LEU D 381 -27.19 6.08 -41.61
N LYS D 382 -27.13 7.27 -41.02
CA LYS D 382 -26.57 8.45 -41.68
C LYS D 382 -25.27 8.83 -41.00
N ALA D 383 -24.49 9.68 -41.68
CA ALA D 383 -23.21 10.13 -41.18
C ALA D 383 -23.30 10.69 -39.76
N GLU D 384 -24.31 11.53 -39.52
CA GLU D 384 -24.52 12.14 -38.21
C GLU D 384 -24.79 11.13 -37.08
N ASP D 385 -25.10 9.89 -37.41
CA ASP D 385 -25.32 8.86 -36.37
C ASP D 385 -24.02 8.24 -35.87
N PHE D 386 -22.92 8.49 -36.57
CA PHE D 386 -21.64 7.87 -36.23
C PHE D 386 -20.68 8.86 -35.63
N ILE D 387 -19.96 8.41 -34.61
CA ILE D 387 -18.79 9.13 -34.12
C ILE D 387 -17.56 8.26 -34.36
N VAL D 388 -16.52 8.87 -34.91
CA VAL D 388 -15.29 8.19 -35.19
C VAL D 388 -14.18 8.90 -34.46
N ASP D 389 -13.54 8.21 -33.50
CA ASP D 389 -12.54 8.82 -32.65
C ASP D 389 -11.19 8.24 -33.08
N VAL D 390 -10.26 9.09 -33.47
CA VAL D 390 -8.93 8.67 -33.83
C VAL D 390 -7.98 8.99 -32.67
N ILE D 391 -7.24 7.99 -32.21
CA ILE D 391 -6.35 8.16 -31.07
C ILE D 391 -4.92 7.83 -31.47
N ASN D 392 -4.03 8.79 -31.25
CA ASN D 392 -2.60 8.60 -31.46
C ASN D 392 -1.93 8.10 -30.19
N MET D 393 -1.39 6.90 -30.26
CA MET D 393 -0.65 6.31 -29.16
C MET D 393 0.84 6.33 -29.55
N ASP D 394 1.69 6.83 -28.66
CA ASP D 394 3.14 6.77 -28.89
C ASP D 394 3.95 6.86 -27.58
N TYR D 395 5.27 6.86 -27.70
CA TYR D 395 6.17 7.02 -26.57
C TYR D 395 6.57 8.50 -26.36
N GLY D 396 5.66 9.41 -26.69
CA GLY D 396 5.84 10.82 -26.45
C GLY D 396 6.56 11.61 -27.53
N MET D 397 7.11 10.94 -28.55
CA MET D 397 7.88 11.65 -29.57
C MET D 397 7.58 11.13 -30.99
N GLN D 398 6.31 10.99 -31.30
CA GLN D 398 5.88 10.49 -32.60
C GLN D 398 6.53 9.11 -32.83
N GLU D 399 7.12 8.91 -34.00
CA GLU D 399 7.77 7.66 -34.35
C GLU D 399 9.11 7.42 -33.65
N LYS D 400 9.65 8.42 -32.96
CA LYS D 400 11.00 8.31 -32.36
C LYS D 400 11.01 7.56 -31.02
N ASN D 401 12.08 6.81 -30.80
CA ASN D 401 12.40 6.19 -29.55
C ASN D 401 13.02 7.21 -28.59
N PRO D 402 12.30 7.56 -27.49
CA PRO D 402 12.82 8.61 -26.62
C PRO D 402 14.11 8.21 -25.89
N ILE D 403 14.36 6.90 -25.73
CA ILE D 403 15.61 6.46 -25.11
C ILE D 403 16.86 6.71 -25.97
N ASP D 404 16.71 6.85 -27.30
CA ASP D 404 17.79 7.37 -28.13
C ASP D 404 18.17 8.83 -27.83
N HIS D 405 17.35 9.54 -27.07
CA HIS D 405 17.64 10.93 -26.69
C HIS D 405 17.95 11.07 -25.20
N VAL D 406 18.40 9.98 -24.58
CA VAL D 406 18.81 9.96 -23.19
C VAL D 406 20.30 9.70 -23.14
N SER D 407 20.96 10.37 -22.21
CA SER D 407 22.39 10.22 -21.97
C SER D 407 22.63 9.43 -20.69
N PHE D 408 23.61 8.54 -20.72
CA PHE D 408 23.91 7.66 -19.61
C PHE D 408 25.36 7.80 -19.16
N TYR D 409 25.64 7.35 -17.93
CA TYR D 409 27.00 7.26 -17.46
C TYR D 409 27.22 5.90 -16.82
N CYS D 410 28.47 5.47 -16.79
CA CYS D 410 28.88 4.20 -16.23
C CYS D 410 29.57 4.40 -14.91
N LYS D 411 29.52 3.36 -14.10
CA LYS D 411 30.09 3.39 -12.77
C LYS D 411 31.62 3.65 -12.79
N THR D 412 32.31 3.12 -13.79
CA THR D 412 33.76 3.29 -13.87
C THR D 412 34.19 4.68 -14.37
N ALA D 413 33.29 5.44 -15.00
CA ALA D 413 33.61 6.81 -15.50
C ALA D 413 32.41 7.76 -15.36
N PRO D 414 32.08 8.16 -14.11
CA PRO D 414 30.84 8.91 -13.84
C PRO D 414 30.66 10.24 -14.58
N ASN D 415 31.73 10.81 -15.11
CA ASN D 415 31.61 12.09 -15.79
C ASN D 415 31.56 11.97 -17.30
N ARG D 416 31.64 10.74 -17.81
CA ARG D 416 31.63 10.54 -19.24
C ARG D 416 30.26 10.05 -19.72
N ALA D 417 29.58 10.88 -20.50
CA ALA D 417 28.26 10.56 -21.00
C ALA D 417 28.35 9.61 -22.20
N ILE D 418 27.44 8.65 -22.28
CA ILE D 418 27.38 7.68 -23.37
C ILE D 418 25.95 7.52 -23.86
N ARG D 419 25.83 6.89 -25.02
CA ARG D 419 24.56 6.51 -25.60
C ARG D 419 24.40 5.00 -25.51
N ILE D 420 23.17 4.55 -25.35
CA ILE D 420 22.84 3.12 -25.39
C ILE D 420 21.72 2.93 -26.42
N THR D 421 21.93 2.04 -27.40
CA THR D 421 20.95 1.78 -28.45
C THR D 421 20.04 0.65 -28.02
N LYS D 422 18.89 0.53 -28.70
CA LYS D 422 17.89 -0.48 -28.36
C LYS D 422 18.49 -1.90 -28.36
N ASN D 423 19.32 -2.18 -29.36
CA ASN D 423 19.91 -3.49 -29.50
C ASN D 423 20.89 -3.88 -28.41
N GLN D 424 21.41 -2.89 -27.69
CA GLN D 424 22.27 -3.17 -26.58
C GLN D 424 21.46 -3.50 -25.33
N VAL D 425 20.15 -3.38 -25.40
CA VAL D 425 19.31 -3.57 -24.21
C VAL D 425 18.55 -4.89 -24.27
N SER D 426 17.73 -5.05 -25.29
CA SER D 426 16.87 -6.23 -25.40
C SER D 426 16.24 -6.31 -26.76
N GLN D 427 16.01 -7.55 -27.21
CA GLN D 427 15.24 -7.83 -28.42
C GLN D 427 13.74 -7.91 -28.16
N LEU D 428 13.34 -7.86 -26.90
CA LEU D 428 11.93 -7.98 -26.52
C LEU D 428 11.22 -6.62 -26.43
N LEU D 429 11.87 -5.57 -26.93
CA LEU D 429 11.32 -4.22 -26.88
C LEU D 429 10.46 -3.94 -28.13
N PRO D 430 9.67 -2.84 -28.12
CA PRO D 430 8.88 -2.49 -29.30
C PRO D 430 9.73 -2.22 -30.51
N GLU D 431 9.26 -2.60 -31.70
CA GLU D 431 9.95 -2.23 -32.93
C GLU D 431 9.40 -0.93 -33.48
N LYS D 432 8.21 -0.52 -33.02
CA LYS D 432 7.59 0.75 -33.40
C LYS D 432 7.18 1.51 -32.15
N PHE D 433 7.17 2.83 -32.26
CA PHE D 433 6.94 3.70 -31.13
C PHE D 433 5.72 4.61 -31.28
N ALA D 434 4.98 4.44 -32.39
CA ALA D 434 3.73 5.16 -32.63
C ALA D 434 2.73 4.33 -33.41
N GLU D 435 1.44 4.57 -33.15
CA GLU D 435 0.33 3.90 -33.82
C GLU D 435 -0.97 4.68 -33.64
N GLN D 436 -1.97 4.36 -34.45
CA GLN D 436 -3.30 4.93 -34.29
C GLN D 436 -4.38 3.87 -33.98
N LEU D 437 -5.25 4.19 -33.03
CA LEU D 437 -6.49 3.44 -32.80
C LEU D 437 -7.68 4.23 -33.35
N ILE D 438 -8.63 3.54 -33.96
CA ILE D 438 -9.86 4.14 -34.46
C ILE D 438 -11.01 3.49 -33.74
N ARG D 439 -11.76 4.28 -32.97
CA ARG D 439 -12.96 3.79 -32.31
C ARG D 439 -14.18 4.36 -33.02
N VAL D 440 -15.18 3.53 -33.24
CA VAL D 440 -16.44 3.96 -33.83
C VAL D 440 -17.57 3.74 -32.85
N TYR D 441 -18.43 4.75 -32.75
CA TYR D 441 -19.58 4.71 -31.86
C TYR D 441 -20.83 5.09 -32.66
N CYS D 442 -21.99 4.68 -32.14
CA CYS D 442 -23.27 5.04 -32.77
C CYS D 442 -24.11 5.83 -31.79
N LYS D 443 -24.69 6.94 -32.26
CA LYS D 443 -25.56 7.76 -31.45
C LYS D 443 -26.97 7.17 -31.33
N LYS D 444 -27.32 6.22 -32.19
CA LYS D 444 -28.60 5.51 -32.09
C LYS D 444 -28.39 4.22 -31.32
N VAL D 445 -29.08 4.10 -30.19
CA VAL D 445 -28.76 3.08 -29.19
C VAL D 445 -29.65 1.85 -29.22
N ASP D 446 -30.73 1.86 -29.99
CA ASP D 446 -31.62 0.69 -30.06
C ASP D 446 -30.93 -0.50 -30.72
N ARG D 447 -31.49 -1.68 -30.46
CA ARG D 447 -30.93 -2.95 -30.90
C ARG D 447 -30.71 -3.04 -32.43
N LYS D 448 -31.67 -2.55 -33.22
CA LYS D 448 -31.58 -2.64 -34.67
C LYS D 448 -30.55 -1.69 -35.26
N SER D 449 -30.45 -0.49 -34.68
CA SER D 449 -29.45 0.49 -35.12
C SER D 449 -28.05 -0.01 -34.84
N LEU D 450 -27.86 -0.57 -33.65
CA LEU D 450 -26.59 -1.09 -33.23
C LEU D 450 -26.13 -2.25 -34.10
N TYR D 451 -27.06 -3.16 -34.40
CA TYR D 451 -26.76 -4.25 -35.32
C TYR D 451 -26.28 -3.73 -36.67
N ALA D 452 -26.98 -2.72 -37.18
CA ALA D 452 -26.63 -2.10 -38.46
C ALA D 452 -25.27 -1.41 -38.42
N ALA D 453 -25.06 -0.63 -37.36
CA ALA D 453 -23.79 0.06 -37.14
C ALA D 453 -22.60 -0.90 -37.18
N ARG D 454 -22.75 -2.06 -36.56
CA ARG D 454 -21.72 -3.08 -36.63
C ARG D 454 -21.41 -3.57 -38.03
N GLN D 455 -22.43 -3.68 -38.88
CA GLN D 455 -22.24 -4.16 -40.24
C GLN D 455 -21.52 -3.10 -41.07
N TYR D 456 -21.97 -1.85 -40.98
CA TYR D 456 -21.29 -0.73 -41.63
C TYR D 456 -19.82 -0.65 -41.21
N PHE D 457 -19.59 -0.71 -39.91
CA PHE D 457 -18.26 -0.54 -39.34
C PHE D 457 -17.30 -1.60 -39.86
N VAL D 458 -17.71 -2.85 -39.78
CA VAL D 458 -16.85 -3.94 -40.23
C VAL D 458 -16.65 -3.88 -41.76
N GLN D 459 -17.68 -3.48 -42.49
CA GLN D 459 -17.57 -3.32 -43.93
C GLN D 459 -16.55 -2.24 -44.26
N TRP D 460 -16.65 -1.13 -43.54
CA TRP D 460 -15.73 -0.02 -43.71
C TRP D 460 -14.28 -0.42 -43.41
N CYS D 461 -14.06 -1.17 -42.33
CA CYS D 461 -12.74 -1.73 -42.04
C CYS D 461 -12.20 -2.56 -43.20
N ALA D 462 -13.06 -3.41 -43.76
CA ALA D 462 -12.69 -4.25 -44.89
C ALA D 462 -12.34 -3.39 -46.11
N ASP D 463 -13.20 -2.45 -46.47
CA ASP D 463 -12.96 -1.57 -47.62
C ASP D 463 -11.65 -0.78 -47.50
N ARG D 464 -11.34 -0.32 -46.29
CA ARG D 464 -10.13 0.47 -46.05
C ARG D 464 -8.88 -0.38 -45.80
N ASN D 465 -9.03 -1.70 -45.72
CA ASN D 465 -7.93 -2.59 -45.30
C ASN D 465 -7.38 -2.30 -43.91
N PHE D 466 -8.26 -1.93 -42.98
CA PHE D 466 -7.86 -1.81 -41.59
C PHE D 466 -7.84 -3.18 -40.95
N THR D 467 -7.33 -3.26 -39.73
CA THR D 467 -7.25 -4.55 -39.06
C THR D 467 -8.64 -5.06 -38.71
N LYS D 468 -8.76 -6.38 -38.67
CA LYS D 468 -10.02 -7.01 -38.33
C LYS D 468 -10.35 -6.73 -36.86
N PRO D 469 -11.51 -6.11 -36.60
CA PRO D 469 -11.89 -5.94 -35.21
C PRO D 469 -11.87 -7.27 -34.47
N GLN D 470 -11.52 -7.22 -33.21
CA GLN D 470 -11.30 -8.43 -32.40
C GLN D 470 -12.53 -9.33 -32.35
N ASP D 471 -13.71 -8.73 -32.26
CA ASP D 471 -14.96 -9.49 -32.25
C ASP D 471 -15.67 -9.51 -33.61
N GLY D 472 -14.93 -9.22 -34.68
CA GLY D 472 -15.48 -9.11 -36.03
C GLY D 472 -16.34 -10.27 -36.49
N ASP D 473 -15.86 -11.49 -36.27
CA ASP D 473 -16.59 -12.69 -36.66
C ASP D 473 -17.87 -12.88 -35.87
N VAL D 474 -17.91 -12.38 -34.63
CA VAL D 474 -19.09 -12.46 -33.81
C VAL D 474 -20.11 -11.36 -34.16
N ILE D 475 -19.65 -10.12 -34.29
CA ILE D 475 -20.59 -9.02 -34.56
C ILE D 475 -21.03 -8.90 -36.02
N ALA D 476 -20.25 -9.45 -36.95
CA ALA D 476 -20.56 -9.33 -38.38
C ALA D 476 -20.11 -10.59 -39.11
N PRO D 477 -20.71 -11.75 -38.77
CA PRO D 477 -20.33 -13.03 -39.37
C PRO D 477 -20.54 -13.09 -40.88
N LEU D 478 -21.46 -12.30 -41.42
CA LEU D 478 -21.67 -12.28 -42.88
C LEU D 478 -20.69 -11.40 -43.63
N ILE D 479 -20.00 -10.51 -42.94
CA ILE D 479 -19.10 -9.55 -43.58
C ILE D 479 -17.66 -10.04 -43.61
N THR D 480 -17.18 -10.64 -42.51
CA THR D 480 -15.76 -11.02 -42.37
C THR D 480 -15.23 -12.09 -43.36
N PRO D 481 -16.11 -12.99 -43.86
CA PRO D 481 -15.64 -13.98 -44.84
C PRO D 481 -15.15 -13.42 -46.18
N GLN D 482 -15.62 -12.24 -46.58
CA GLN D 482 -15.29 -11.66 -47.87
C GLN D 482 -13.81 -11.21 -47.94
N LYS D 483 -13.18 -11.11 -46.77
CA LYS D 483 -11.80 -10.64 -46.66
C LYS D 483 -10.87 -11.83 -46.36
N LYS D 484 -10.18 -12.30 -47.39
CA LYS D 484 -9.27 -13.45 -47.26
C LYS D 484 -8.09 -13.13 -46.34
N GLU D 485 -7.67 -11.87 -46.35
CA GLU D 485 -6.59 -11.40 -45.48
C GLU D 485 -6.92 -11.64 -44.00
N TRP D 486 -8.22 -11.59 -43.67
CA TRP D 486 -8.69 -11.91 -42.31
C TRP D 486 -8.95 -13.39 -42.08
N ASN D 487 -8.87 -14.21 -43.12
CA ASN D 487 -9.13 -15.64 -43.01
C ASN D 487 -8.03 -16.49 -43.66
N1 DCP E . -17.57 13.08 8.79
C2 DCP E . -17.04 14.37 8.61
N3 DCP E . -17.17 15.31 9.57
C4 DCP E . -17.81 15.02 10.72
C5 DCP E . -18.37 13.75 10.93
C6 DCP E . -18.22 12.79 9.93
O2 DCP E . -16.39 14.62 7.58
N4 DCP E . -17.90 15.98 11.65
C1' DCP E . -17.43 12.09 7.72
C2' DCP E . -16.34 11.10 8.07
C3' DCP E . -16.87 9.79 7.57
C4' DCP E . -18.38 9.97 7.48
O4' DCP E . -18.63 11.38 7.54
O3' DCP E . -16.32 9.53 6.27
C5' DCP E . -19.12 9.23 8.59
O5' DCP E . -20.38 9.87 8.82
PA DCP E . -21.72 9.40 8.02
O1A DCP E . -22.69 10.53 7.98
O2A DCP E . -21.27 8.74 6.72
O3A DCP E . -22.36 8.27 9.00
PB DCP E . -22.52 8.54 10.58
O1B DCP E . -23.06 9.94 10.80
O2B DCP E . -23.26 7.36 11.18
O3B DCP E . -21.00 8.55 11.12
PG DCP E . -20.55 7.63 12.37
O1G DCP E . -20.93 8.48 13.56
O2G DCP E . -21.38 6.39 12.26
O3G DCP E . -19.07 7.47 12.19
N1 DCP F . -2.50 16.23 9.38
C2 DCP F . -2.23 14.87 9.64
N3 DCP F . -2.36 14.36 10.87
C4 DCP F . -2.72 15.18 11.88
C5 DCP F . -2.95 16.52 11.64
C6 DCP F . -2.81 17.03 10.37
O2 DCP F . -1.87 14.10 8.70
N4 DCP F . -2.86 14.67 13.13
C1' DCP F . -2.27 16.74 8.04
C2' DCP F . -3.34 17.68 7.57
C3' DCP F . -2.55 18.63 6.72
C4' DCP F . -1.13 18.66 7.27
O4' DCP F . -1.00 17.44 7.99
O3' DCP F . -2.47 18.22 5.33
C5' DCP F . -0.89 19.87 8.16
O5' DCP F . -1.81 19.90 9.25
PA DCP F . -1.42 20.51 10.68
O1A DCP F . -2.58 20.34 11.59
O2A DCP F . -0.08 19.94 11.08
O3A DCP F . -1.16 22.05 10.31
PB DCP F . -1.93 23.37 10.77
O1B DCP F . -1.47 24.47 9.88
O2B DCP F . -3.36 23.01 10.95
O3B DCP F . -1.29 23.55 12.24
PG DCP F . -0.35 24.81 12.71
O1G DCP F . -0.57 25.89 11.70
O2G DCP F . -0.89 24.99 14.09
O3G DCP F . 0.98 24.22 12.77
PG GTP G . -1.38 29.52 9.77
O1G GTP G . -0.96 30.29 8.54
O2G GTP G . -1.35 30.24 11.07
O3G GTP G . -0.76 28.13 9.93
O3B GTP G . -2.92 29.28 9.43
PB GTP G . -3.70 27.94 9.83
O1B GTP G . -4.89 28.39 10.59
O2B GTP G . -2.76 26.88 10.36
O3A GTP G . -4.23 27.52 8.36
PA GTP G . -3.24 26.92 7.24
O1A GTP G . -1.96 26.53 7.91
O2A GTP G . -3.27 27.82 6.05
O5' GTP G . -4.03 25.60 6.82
C5' GTP G . -4.00 24.40 7.63
C4' GTP G . -3.30 23.29 6.88
O4' GTP G . -4.05 22.93 5.70
C3' GTP G . -1.90 23.63 6.37
O3' GTP G . -0.93 23.25 7.33
C2' GTP G . -1.76 22.86 5.09
O2' GTP G . -0.97 21.67 5.27
C1' GTP G . -3.14 22.41 4.71
N9 GTP G . -3.54 22.88 3.37
C8 GTP G . -4.18 22.12 2.44
N7 GTP G . -4.42 22.81 1.30
C5 GTP G . -3.94 24.04 1.50
C6 GTP G . -3.86 25.28 0.69
O6 GTP G . -4.35 25.36 -0.45
N1 GTP G . -3.27 26.34 1.24
C2 GTP G . -2.77 26.32 2.48
N2 GTP G . -2.21 27.45 2.95
N3 GTP G . -2.80 25.22 3.29
C4 GTP G . -3.37 24.09 2.86
N1 DCP H . -4.34 -12.54 13.62
C2 DCP H . -4.65 -11.19 13.30
N3 DCP H . -5.22 -10.36 14.22
C4 DCP H . -5.54 -10.86 15.43
C5 DCP H . -5.24 -12.16 15.75
C6 DCP H . -4.64 -13.01 14.84
O2 DCP H . -4.42 -10.74 12.14
N4 DCP H . -6.11 -10.06 16.37
C1' DCP H . -3.85 -13.43 12.59
C2' DCP H . -2.80 -14.44 12.98
C3' DCP H . -3.21 -15.70 12.23
C4' DCP H . -4.71 -15.62 12.01
O4' DCP H . -5.00 -14.23 12.21
O3' DCP H . -2.58 -15.75 10.95
C5' DCP H . -5.56 -16.50 12.92
O5' DCP H . -5.24 -16.30 14.29
PA DCP H . -6.37 -16.32 15.44
O1A DCP H . -5.71 -15.91 16.68
O2A DCP H . -7.58 -15.63 14.94
O3A DCP H . -6.68 -17.89 15.51
PB DCP H . -6.20 -18.98 16.58
O1B DCP H . -6.17 -20.38 15.95
O2B DCP H . -4.99 -18.49 17.27
O3B DCP H . -7.44 -18.94 17.64
PG DCP H . -8.74 -19.97 17.71
O1G DCP H . -8.21 -21.34 17.32
O2G DCP H . -9.11 -19.78 19.17
O3G DCP H . -9.81 -19.45 16.82
MG MG I . -20.01 -1.92 -20.18
N1 DCP J . 12.86 -17.40 -9.48
C2 DCP J . 14.14 -17.04 -9.02
N3 DCP J . 15.18 -17.14 -9.86
C4 DCP J . 15.04 -17.60 -11.12
C5 DCP J . 13.76 -17.95 -11.59
C6 DCP J . 12.67 -17.82 -10.75
O2 DCP J . 14.29 -16.62 -7.86
N4 DCP J . 16.13 -17.70 -11.89
C1' DCP J . 11.74 -17.25 -8.56
C2' DCP J . 10.87 -16.06 -8.96
C3' DCP J . 9.49 -16.54 -8.68
C4' DCP J . 9.56 -18.05 -8.69
O4' DCP J . 10.94 -18.40 -8.58
O3' DCP J . 9.07 -16.07 -7.39
C5' DCP J . 8.96 -18.63 -9.95
O5' DCP J . 9.41 -19.98 -10.07
PA DCP J . 8.50 -21.22 -9.58
O1A DCP J . 7.57 -20.65 -8.48
O2A DCP J . 9.33 -22.42 -9.32
O3A DCP J . 7.63 -21.49 -10.91
PB DCP J . 8.28 -21.45 -12.37
O1B DCP J . 7.32 -22.21 -13.25
O2B DCP J . 9.72 -21.85 -12.27
O3B DCP J . 8.27 -19.87 -12.78
PG DCP J . 7.44 -19.38 -14.10
O1G DCP J . 8.17 -20.02 -15.25
O2G DCP J . 7.52 -17.88 -14.03
O3G DCP J . 6.05 -19.91 -13.85
N1 DCP K . 17.24 -2.89 -7.34
C2 DCP K . 15.96 -2.43 -7.69
N3 DCP K . 15.61 -2.27 -8.98
C4 DCP K . 16.49 -2.54 -9.94
C5 DCP K . 17.75 -2.98 -9.61
C6 DCP K . 18.10 -3.14 -8.28
O2 DCP K . 15.12 -2.14 -6.81
N4 DCP K . 16.09 -2.39 -11.23
C1' DCP K . 17.59 -2.92 -5.90
C2' DCP K . 18.37 -4.09 -5.35
C3' DCP K . 19.27 -3.45 -4.31
C4' DCP K . 19.51 -2.03 -4.79
O4' DCP K . 18.44 -1.77 -5.70
O3' DCP K . 18.70 -3.42 -2.97
C5' DCP K . 20.89 -1.80 -5.43
O5' DCP K . 21.07 -2.61 -6.58
PA DCP K . 21.76 -2.07 -7.96
O1A DCP K . 21.62 -3.19 -8.91
O2A DCP K . 21.30 -0.66 -8.25
O3A DCP K . 23.29 -1.96 -7.47
PB DCP K . 24.59 -2.89 -7.73
O1B DCP K . 25.44 -2.66 -6.52
O2B DCP K . 24.16 -4.24 -8.07
O3B DCP K . 25.12 -2.09 -9.03
PG DCP K . 26.46 -1.20 -9.06
O1G DCP K . 26.84 -1.37 -10.52
O2G DCP K . 27.39 -1.71 -7.94
O3G DCP K . 25.93 0.19 -8.84
PG GTP L . 30.50 -3.09 -5.74
O1G GTP L . 29.20 -2.30 -5.84
O2G GTP L . 31.18 -3.08 -4.43
O3G GTP L . 31.25 -2.94 -7.03
O3B GTP L . 30.11 -4.66 -5.79
PB GTP L . 28.79 -5.28 -6.48
O1B GTP L . 27.94 -4.20 -7.08
O2B GTP L . 29.17 -6.49 -7.23
O3A GTP L . 28.10 -5.88 -5.16
PA GTP L . 27.40 -5.01 -4.00
O1A GTP L . 27.22 -3.61 -4.58
O2A GTP L . 28.08 -5.30 -2.72
O5' GTP L . 26.02 -5.80 -3.84
C5' GTP L . 24.89 -5.50 -4.69
C4' GTP L . 23.82 -4.80 -3.88
O4' GTP L . 23.31 -5.64 -2.85
C3' GTP L . 24.25 -3.56 -3.13
O3' GTP L . 24.15 -2.42 -3.97
C2' GTP L . 23.23 -3.50 -1.99
O2' GTP L . 22.11 -2.67 -2.33
C1' GTP L . 22.64 -4.87 -1.87
N9 GTP L . 22.83 -5.46 -0.54
C8 GTP L . 21.91 -6.16 0.14
N7 GTP L . 22.42 -6.64 1.32
C5 GTP L . 23.71 -6.24 1.36
C6 GTP L . 24.81 -6.41 2.30
O6 GTP L . 24.60 -7.08 3.32
N1 GTP L . 25.99 -5.86 1.98
C2 GTP L . 26.18 -5.19 0.81
N2 GTP L . 27.38 -4.65 0.53
N3 GTP L . 25.24 -5.00 -0.09
C4 GTP L . 24.00 -5.50 0.12
MG MG M . -6.70 -22.22 16.45
PG GTP N . -6.72 -25.17 17.53
O1G GTP N . -7.43 -25.58 18.79
O2G GTP N . -6.48 -26.18 16.50
O3G GTP N . -7.25 -23.90 16.89
O3B GTP N . -5.24 -24.86 18.10
PB GTP N . -4.70 -23.43 18.36
O1B GTP N . -3.89 -23.54 19.58
O2B GTP N . -5.73 -22.29 18.15
O3A GTP N . -3.48 -23.35 17.31
PA GTP N . -3.68 -23.23 15.75
O1A GTP N . -5.09 -22.88 15.39
O2A GTP N . -3.09 -24.45 15.16
O5' GTP N . -2.67 -22.11 15.30
C5' GTP N . -2.95 -20.74 15.48
C4' GTP N . -3.06 -20.05 14.13
O4' GTP N . -1.79 -20.01 13.50
C3' GTP N . -3.99 -20.71 13.12
O3' GTP N . -5.33 -20.23 13.25
C2' GTP N . -3.37 -20.28 11.79
O2' GTP N . -3.99 -19.12 11.26
C1' GTP N . -1.97 -19.85 12.08
N9 GTP N . -0.95 -20.63 11.35
C8 GTP N . 0.14 -20.12 10.76
N7 GTP N . 0.92 -21.12 10.24
C5 GTP N . 0.32 -22.26 10.52
C6 GTP N . 0.61 -23.66 10.23
O6 GTP N . 1.64 -23.90 9.59
N1 GTP N . -0.26 -24.57 10.68
C2 GTP N . -1.34 -24.24 11.37
N2 GTP N . -2.17 -25.20 11.82
N3 GTP N . -1.69 -22.98 11.67
C4 GTP N . -0.88 -21.96 11.26
MG MG O . 27.54 -2.58 -6.24
N1 DCP P . 8.90 -8.46 20.05
C2 DCP P . 8.48 -9.81 19.99
N3 DCP P . 8.07 -10.43 21.09
C4 DCP P . 8.06 -9.79 22.28
C5 DCP P . 8.50 -8.48 22.36
C6 DCP P . 8.94 -7.81 21.22
O2 DCP P . 8.44 -10.40 18.89
N4 DCP P . 7.63 -10.46 23.39
C1' DCP P . 9.37 -7.84 18.83
C2' DCP P . 8.41 -6.82 18.35
C3' DCP P . 9.29 -5.77 17.75
C4' DCP P . 10.60 -5.88 18.51
O4' DCP P . 10.61 -7.19 19.06
O3' DCP P . 9.48 -6.03 16.34
C5' DCP P . 10.70 -4.87 19.64
O5' DCP P . 11.70 -5.28 20.62
PA DCP P . 13.23 -4.83 20.44
O1A DCP P . 14.16 -5.79 21.13
O2A DCP P . 13.40 -4.53 18.94
O3A DCP P . 13.25 -3.42 21.23
PB DCP P . 12.56 -3.21 22.69
O1B DCP P . 12.54 -4.47 23.51
O2B DCP P . 13.22 -1.96 23.19
O3B DCP P . 11.01 -2.89 22.24
PG DCP P . 10.19 -1.63 22.85
O1G DCP P . 9.87 -2.18 24.24
O2G DCP P . 9.05 -1.44 21.89
O3G DCP P . 11.10 -0.44 22.90
MG MG Q . -1.19 26.37 9.81
N1 DCP R . -4.64 12.55 -19.46
C2 DCP R . -5.98 12.15 -19.64
N3 DCP R . -6.46 11.90 -20.88
C4 DCP R . -5.62 12.04 -21.95
C5 DCP R . -4.30 12.42 -21.78
C6 DCP R . -3.83 12.69 -20.50
O2 DCP R . -6.73 12.04 -18.63
N4 DCP R . -6.08 11.78 -23.19
C1' DCP R . -4.18 12.85 -18.10
C2' DCP R . -3.46 11.66 -17.53
C3' DCP R . -2.31 12.27 -16.78
C4' DCP R . -2.10 13.65 -17.36
O4' DCP R . -3.29 13.96 -18.07
O3' DCP R . -2.66 12.35 -15.39
C5' DCP R . -0.90 13.70 -18.28
O5' DCP R . -0.99 14.85 -19.11
PA DCP R . -0.43 16.31 -18.64
O1A DCP R . -1.25 17.38 -19.30
O2A DCP R . -0.33 16.24 -17.10
O3A DCP R . 1.06 16.36 -19.28
PB DCP R . 1.36 15.90 -20.79
O1B DCP R . 2.76 16.41 -21.16
O2B DCP R . 0.22 16.33 -21.68
O3B DCP R . 1.35 14.27 -20.67
PG DCP R . 2.59 13.37 -21.21
O1G DCP R . 2.37 12.00 -20.63
O2G DCP R . 2.46 13.49 -22.72
O3G DCP R . 3.79 14.04 -20.57
N1 DCP S . -10.70 -1.07 -15.82
C2 DCP S . -9.42 -1.54 -15.42
N3 DCP S . -8.50 -2.00 -16.32
C4 DCP S . -8.87 -1.98 -17.63
C5 DCP S . -10.12 -1.51 -18.04
C6 DCP S . -11.04 -1.07 -17.10
O2 DCP S . -9.10 -1.57 -14.22
N4 DCP S . -7.99 -2.40 -18.57
C1' DCP S . -11.68 -0.67 -14.78
C2' DCP S . -12.50 0.55 -15.09
C3' DCP S . -13.90 0.20 -14.63
C4' DCP S . -13.98 -1.30 -14.58
O4' DCP S . -12.63 -1.73 -14.61
O3' DCP S . -14.15 0.79 -13.34
C5' DCP S . -14.80 -1.94 -15.72
O5' DCP S . -14.32 -1.48 -17.00
PA DCP S . -14.37 -2.32 -18.33
O1A DCP S . -13.56 -1.64 -19.38
O2A DCP S . -14.05 -3.73 -17.92
O3A DCP S . -15.96 -2.26 -18.59
PB DCP S . -16.72 -1.71 -19.89
O1B DCP S . -18.14 -1.48 -19.45
O2B DCP S . -15.97 -0.56 -20.53
O3B DCP S . -16.61 -2.96 -20.89
PG DCP S . -17.82 -3.90 -21.50
O1G DCP S . -17.29 -4.10 -22.90
O2G DCP S . -17.72 -5.15 -20.68
O3G DCP S . -19.09 -3.10 -21.36
PG GTP T . -22.90 -1.42 -21.49
O1G GTP T . -21.77 -2.18 -20.84
O2G GTP T . -24.07 -1.12 -20.62
O3G GTP T . -23.27 -1.96 -22.83
O3B GTP T . -22.41 0.09 -21.78
PB GTP T . -20.92 0.64 -21.77
O1B GTP T . -19.93 -0.47 -21.43
O2B GTP T . -20.70 1.49 -22.95
O3A GTP T . -21.03 1.66 -20.53
PA GTP T . -20.98 1.16 -19.01
O1A GTP T . -22.13 1.72 -18.24
O2A GTP T . -20.72 -0.31 -18.95
O5' GTP T . -19.72 1.99 -18.41
C5' GTP T . -18.39 1.53 -18.49
C4' GTP T . -17.91 1.17 -17.10
O4' GTP T . -17.87 2.35 -16.26
C3' GTP T . -18.76 0.16 -16.35
O3' GTP T . -18.29 -1.15 -16.58
C2' GTP T . -18.56 0.56 -14.89
O2' GTP T . -17.64 -0.30 -14.22
C1' GTP T . -17.97 1.95 -14.90
N9 GTP T . -18.76 2.94 -14.15
C8 GTP T . -18.25 3.89 -13.34
N7 GTP T . -19.23 4.66 -12.83
C5 GTP T . -20.39 4.21 -13.32
C6 GTP T . -21.80 4.59 -13.18
O6 GTP T . -22.16 5.55 -12.43
N1 GTP T . -22.70 3.85 -13.84
C2 GTP T . -22.36 2.83 -14.64
N2 GTP T . -23.33 2.14 -15.30
N3 GTP T . -21.08 2.44 -14.82
C4 GTP T . -20.08 3.08 -14.18
#